data_3MC3
# 
_entry.id   3MC3 
# 
_audit_conform.dict_name       mmcif_pdbx.dic 
_audit_conform.dict_version    5.365 
_audit_conform.dict_location   http://mmcif.pdb.org/dictionaries/ascii/mmcif_pdbx.dic 
# 
loop_
_database_2.database_id 
_database_2.database_code 
_database_2.pdbx_database_accession 
_database_2.pdbx_DOI 
PDB   3MC3         pdb_00003mc3 10.2210/pdb3mc3/pdb 
RCSB  RCSB058364   ?            ?                   
WWPDB D_1000058364 ?            ?                   
# 
_pdbx_database_related.db_name        TargetDB 
_pdbx_database_related.db_id          381769 
_pdbx_database_related.details        . 
_pdbx_database_related.content_type   unspecified 
# 
_pdbx_database_status.SG_entry                        Y 
_pdbx_database_status.entry_id                        3MC3 
_pdbx_database_status.deposit_site                    RCSB 
_pdbx_database_status.process_site                    RCSB 
_pdbx_database_status.recvd_initial_deposition_date   2010-03-26 
_pdbx_database_status.status_code                     REL 
_pdbx_database_status.status_code_sf                  REL 
_pdbx_database_status.status_code_mr                  ? 
_pdbx_database_status.pdb_format_compatible           Y 
_pdbx_database_status.status_code_cs                  ? 
_pdbx_database_status.methods_development_category    ? 
_pdbx_database_status.status_code_nmr_data            ? 
# 
_audit_author.name           'Joint Center for Structural Genomics (JCSG)' 
_audit_author.pdbx_ordinal   1 
# 
_citation.id                        primary 
_citation.title                     
'Crystal structure of DsrE/DsrF-like family protein (NP_342589.1) from SULFOLOBUS SOLFATARICUS at 1.49 A resolution' 
_citation.journal_abbrev            'To be published' 
_citation.journal_volume            ? 
_citation.page_first                ? 
_citation.page_last                 ? 
_citation.year                      ? 
_citation.journal_id_ASTM           ? 
_citation.country                   ? 
_citation.journal_id_ISSN           ? 
_citation.journal_id_CSD            0353 
_citation.book_publisher            ? 
_citation.pdbx_database_id_PubMed   ? 
_citation.pdbx_database_id_DOI      ? 
# 
_citation_author.citation_id        primary 
_citation_author.name               'Joint Center for Structural Genomics (JCSG)' 
_citation_author.ordinal            1 
_citation_author.identifier_ORCID   ? 
# 
_cell.entry_id           3MC3 
_cell.length_a           64.070 
_cell.length_b           64.070 
_cell.length_c           105.680 
_cell.angle_alpha        90.000 
_cell.angle_beta         90.000 
_cell.angle_gamma        120.000 
_cell.pdbx_unique_axis   ? 
_cell.Z_PDB              9 
_cell.length_a_esd       ? 
_cell.length_b_esd       ? 
_cell.length_c_esd       ? 
_cell.angle_alpha_esd    ? 
_cell.angle_beta_esd     ? 
_cell.angle_gamma_esd    ? 
# 
_symmetry.entry_id                         3MC3 
_symmetry.Int_Tables_number                146 
_symmetry.space_group_name_H-M             'H 3' 
_symmetry.pdbx_full_space_group_name_H-M   ? 
_symmetry.cell_setting                     ? 
_symmetry.space_group_name_Hall            ? 
# 
loop_
_entity.id 
_entity.type 
_entity.src_method 
_entity.pdbx_description 
_entity.formula_weight 
_entity.pdbx_number_of_molecules 
_entity.pdbx_ec 
_entity.pdbx_mutation 
_entity.pdbx_fragment 
_entity.details 
1 polymer     man 'DsrE/DsrF-like family protein' 16019.342 1   ? ? ? ? 
2 non-polymer syn 'CHLORIDE ION'                  35.453    1   ? ? ? ? 
3 water       nat water                           18.015    111 ? ? ? ? 
# 
_entity_poly.entity_id                      1 
_entity_poly.type                           'polypeptide(L)' 
_entity_poly.nstd_linkage                   no 
_entity_poly.nstd_monomer                   yes 
_entity_poly.pdbx_seq_one_letter_code       
;G(MSE)AQAQTQGQEEEQ(MLY)(MLY)(MLY)ILIVVTHGPEDLDRTYAPLF(MSE)ASISAS(MSE)EYETSVFF
(MSE)I(MLY)GP(MLY)LLD(MLY)(MLY)WQEEER(MLY)(MLY)GGNPFIHFFD(MSE)A(MLY)ENGV(MLY)
(MSE)YV(CSX)VQSL(MLY)D(MSE)CH(MSE)(MLY)EDDVVEGIELVGGSTLIDLTLEADRTLFF
;
_entity_poly.pdbx_seq_one_letter_code_can   
;GMAQAQTQGQEEEQKKKILIVVTHGPEDLDRTYAPLFMASISASMEYETSVFFMIKGPKLLDKKWQEEERKKGGNPFIHF
FDMAKENGVKMYVCVQSLKDMCHMKEDDVVEGIELVGGSTLIDLTLEADRTLFF
;
_entity_poly.pdbx_strand_id                 A 
_entity_poly.pdbx_target_identifier         381769 
# 
loop_
_entity_poly_seq.entity_id 
_entity_poly_seq.num 
_entity_poly_seq.mon_id 
_entity_poly_seq.hetero 
1 1   GLY n 
1 2   MSE n 
1 3   ALA n 
1 4   GLN n 
1 5   ALA n 
1 6   GLN n 
1 7   THR n 
1 8   GLN n 
1 9   GLY n 
1 10  GLN n 
1 11  GLU n 
1 12  GLU n 
1 13  GLU n 
1 14  GLN n 
1 15  MLY n 
1 16  MLY n 
1 17  MLY n 
1 18  ILE n 
1 19  LEU n 
1 20  ILE n 
1 21  VAL n 
1 22  VAL n 
1 23  THR n 
1 24  HIS n 
1 25  GLY n 
1 26  PRO n 
1 27  GLU n 
1 28  ASP n 
1 29  LEU n 
1 30  ASP n 
1 31  ARG n 
1 32  THR n 
1 33  TYR n 
1 34  ALA n 
1 35  PRO n 
1 36  LEU n 
1 37  PHE n 
1 38  MSE n 
1 39  ALA n 
1 40  SER n 
1 41  ILE n 
1 42  SER n 
1 43  ALA n 
1 44  SER n 
1 45  MSE n 
1 46  GLU n 
1 47  TYR n 
1 48  GLU n 
1 49  THR n 
1 50  SER n 
1 51  VAL n 
1 52  PHE n 
1 53  PHE n 
1 54  MSE n 
1 55  ILE n 
1 56  MLY n 
1 57  GLY n 
1 58  PRO n 
1 59  MLY n 
1 60  LEU n 
1 61  LEU n 
1 62  ASP n 
1 63  MLY n 
1 64  MLY n 
1 65  TRP n 
1 66  GLN n 
1 67  GLU n 
1 68  GLU n 
1 69  GLU n 
1 70  ARG n 
1 71  MLY n 
1 72  MLY n 
1 73  GLY n 
1 74  GLY n 
1 75  ASN n 
1 76  PRO n 
1 77  PHE n 
1 78  ILE n 
1 79  HIS n 
1 80  PHE n 
1 81  PHE n 
1 82  ASP n 
1 83  MSE n 
1 84  ALA n 
1 85  MLY n 
1 86  GLU n 
1 87  ASN n 
1 88  GLY n 
1 89  VAL n 
1 90  MLY n 
1 91  MSE n 
1 92  TYR n 
1 93  VAL n 
1 94  CSX n 
1 95  VAL n 
1 96  GLN n 
1 97  SER n 
1 98  LEU n 
1 99  MLY n 
1 100 ASP n 
1 101 MSE n 
1 102 CYS n 
1 103 HIS n 
1 104 MSE n 
1 105 MLY n 
1 106 GLU n 
1 107 ASP n 
1 108 ASP n 
1 109 VAL n 
1 110 VAL n 
1 111 GLU n 
1 112 GLY n 
1 113 ILE n 
1 114 GLU n 
1 115 LEU n 
1 116 VAL n 
1 117 GLY n 
1 118 GLY n 
1 119 SER n 
1 120 THR n 
1 121 LEU n 
1 122 ILE n 
1 123 ASP n 
1 124 LEU n 
1 125 THR n 
1 126 LEU n 
1 127 GLU n 
1 128 ALA n 
1 129 ASP n 
1 130 ARG n 
1 131 THR n 
1 132 LEU n 
1 133 PHE n 
1 134 PHE n 
# 
_entity_src_gen.entity_id                          1 
_entity_src_gen.pdbx_src_id                        1 
_entity_src_gen.pdbx_alt_source_flag               sample 
_entity_src_gen.pdbx_seq_type                      ? 
_entity_src_gen.pdbx_beg_seq_num                   ? 
_entity_src_gen.pdbx_end_seq_num                   ? 
_entity_src_gen.gene_src_common_name               Archaea 
_entity_src_gen.gene_src_genus                     ? 
_entity_src_gen.pdbx_gene_src_gene                 SSO1125 
_entity_src_gen.gene_src_species                   ? 
_entity_src_gen.gene_src_strain                    ? 
_entity_src_gen.gene_src_tissue                    ? 
_entity_src_gen.gene_src_tissue_fraction           ? 
_entity_src_gen.gene_src_details                   ? 
_entity_src_gen.pdbx_gene_src_fragment             ? 
_entity_src_gen.pdbx_gene_src_scientific_name      'Sulfolobus solfataricus' 
_entity_src_gen.pdbx_gene_src_ncbi_taxonomy_id     2287 
_entity_src_gen.pdbx_gene_src_variant              ? 
_entity_src_gen.pdbx_gene_src_cell_line            ? 
_entity_src_gen.pdbx_gene_src_atcc                 ? 
_entity_src_gen.pdbx_gene_src_organ                ? 
_entity_src_gen.pdbx_gene_src_organelle            ? 
_entity_src_gen.pdbx_gene_src_cell                 ? 
_entity_src_gen.pdbx_gene_src_cellular_location    ? 
_entity_src_gen.host_org_common_name               ? 
_entity_src_gen.pdbx_host_org_scientific_name      'Escherichia Coli' 
_entity_src_gen.pdbx_host_org_ncbi_taxonomy_id     562 
_entity_src_gen.host_org_genus                     ? 
_entity_src_gen.pdbx_host_org_gene                 ? 
_entity_src_gen.pdbx_host_org_organ                ? 
_entity_src_gen.host_org_species                   ? 
_entity_src_gen.pdbx_host_org_tissue               ? 
_entity_src_gen.pdbx_host_org_tissue_fraction      ? 
_entity_src_gen.pdbx_host_org_strain               HK100 
_entity_src_gen.pdbx_host_org_variant              ? 
_entity_src_gen.pdbx_host_org_cell_line            ? 
_entity_src_gen.pdbx_host_org_atcc                 ? 
_entity_src_gen.pdbx_host_org_culture_collection   ? 
_entity_src_gen.pdbx_host_org_cell                 ? 
_entity_src_gen.pdbx_host_org_organelle            ? 
_entity_src_gen.pdbx_host_org_cellular_location    ? 
_entity_src_gen.pdbx_host_org_vector_type          Plasmid 
_entity_src_gen.pdbx_host_org_vector               ? 
_entity_src_gen.host_org_details                   ? 
_entity_src_gen.expression_system_id               ? 
_entity_src_gen.plasmid_name                       SpeedET 
_entity_src_gen.plasmid_details                    ? 
_entity_src_gen.pdbx_description                   ? 
# 
_struct_ref.id                         1 
_struct_ref.db_name                    UNP 
_struct_ref.db_code                    Q97Z18_SULSO 
_struct_ref.pdbx_db_accession          Q97Z18 
_struct_ref.entity_id                  1 
_struct_ref.pdbx_seq_one_letter_code   
;MAQAQTQGQEEEQKKKILIVVTHGPEDLDRTYAPLFMASISASMEYETSVFFMIKGPKLLDKKWQEEERKKGGNPFIHFF
DMAKENGVKMYVCVQSLKDMCHMKEDDVVEGIELVGGSTLIDLTLEADRTLFF
;
_struct_ref.pdbx_align_begin           1 
_struct_ref.pdbx_db_isoform            ? 
# 
_struct_ref_seq.align_id                      1 
_struct_ref_seq.ref_id                        1 
_struct_ref_seq.pdbx_PDB_id_code              3MC3 
_struct_ref_seq.pdbx_strand_id                A 
_struct_ref_seq.seq_align_beg                 2 
_struct_ref_seq.pdbx_seq_align_beg_ins_code   ? 
_struct_ref_seq.seq_align_end                 134 
_struct_ref_seq.pdbx_seq_align_end_ins_code   ? 
_struct_ref_seq.pdbx_db_accession             Q97Z18 
_struct_ref_seq.db_align_beg                  1 
_struct_ref_seq.pdbx_db_align_beg_ins_code    ? 
_struct_ref_seq.db_align_end                  133 
_struct_ref_seq.pdbx_db_align_end_ins_code    ? 
_struct_ref_seq.pdbx_auth_seq_align_beg       1 
_struct_ref_seq.pdbx_auth_seq_align_end       133 
# 
_struct_ref_seq_dif.align_id                     1 
_struct_ref_seq_dif.pdbx_pdb_id_code             3MC3 
_struct_ref_seq_dif.mon_id                       GLY 
_struct_ref_seq_dif.pdbx_pdb_strand_id           A 
_struct_ref_seq_dif.seq_num                      1 
_struct_ref_seq_dif.pdbx_pdb_ins_code            ? 
_struct_ref_seq_dif.pdbx_seq_db_name             UNP 
_struct_ref_seq_dif.pdbx_seq_db_accession_code   Q97Z18 
_struct_ref_seq_dif.db_mon_id                    ? 
_struct_ref_seq_dif.pdbx_seq_db_seq_num          ? 
_struct_ref_seq_dif.details                      'expression tag' 
_struct_ref_seq_dif.pdbx_auth_seq_num            0 
_struct_ref_seq_dif.pdbx_ordinal                 1 
# 
loop_
_chem_comp.id 
_chem_comp.type 
_chem_comp.mon_nstd_flag 
_chem_comp.name 
_chem_comp.pdbx_synonyms 
_chem_comp.formula 
_chem_comp.formula_weight 
ALA 'L-peptide linking' y ALANINE           ? 'C3 H7 N O2'     89.093  
ARG 'L-peptide linking' y ARGININE          ? 'C6 H15 N4 O2 1' 175.209 
ASN 'L-peptide linking' y ASPARAGINE        ? 'C4 H8 N2 O3'    132.118 
ASP 'L-peptide linking' y 'ASPARTIC ACID'   ? 'C4 H7 N O4'     133.103 
CL  non-polymer         . 'CHLORIDE ION'    ? 'Cl -1'          35.453  
CSX 'L-peptide linking' n 'S-OXY CYSTEINE'  ? 'C3 H7 N O3 S'   137.158 
CYS 'L-peptide linking' y CYSTEINE          ? 'C3 H7 N O2 S'   121.158 
GLN 'L-peptide linking' y GLUTAMINE         ? 'C5 H10 N2 O3'   146.144 
GLU 'L-peptide linking' y 'GLUTAMIC ACID'   ? 'C5 H9 N O4'     147.129 
GLY 'peptide linking'   y GLYCINE           ? 'C2 H5 N O2'     75.067  
HIS 'L-peptide linking' y HISTIDINE         ? 'C6 H10 N3 O2 1' 156.162 
HOH non-polymer         . WATER             ? 'H2 O'           18.015  
ILE 'L-peptide linking' y ISOLEUCINE        ? 'C6 H13 N O2'    131.173 
LEU 'L-peptide linking' y LEUCINE           ? 'C6 H13 N O2'    131.173 
MLY 'L-peptide linking' n N-DIMETHYL-LYSINE ? 'C8 H18 N2 O2'   174.241 
MSE 'L-peptide linking' n SELENOMETHIONINE  ? 'C5 H11 N O2 Se' 196.106 
PHE 'L-peptide linking' y PHENYLALANINE     ? 'C9 H11 N O2'    165.189 
PRO 'L-peptide linking' y PROLINE           ? 'C5 H9 N O2'     115.130 
SER 'L-peptide linking' y SERINE            ? 'C3 H7 N O3'     105.093 
THR 'L-peptide linking' y THREONINE         ? 'C4 H9 N O3'     119.119 
TRP 'L-peptide linking' y TRYPTOPHAN        ? 'C11 H12 N2 O2'  204.225 
TYR 'L-peptide linking' y TYROSINE          ? 'C9 H11 N O3'    181.189 
VAL 'L-peptide linking' y VALINE            ? 'C5 H11 N O2'    117.146 
# 
_exptl.crystals_number   1 
_exptl.method            'X-RAY DIFFRACTION' 
_exptl.entry_id          3MC3 
# 
_exptl_crystal.id                    1 
_exptl_crystal.density_Matthews      2.61 
_exptl_crystal.density_meas          ? 
_exptl_crystal.density_percent_sol   52.80 
_exptl_crystal.description           
'THE STATISTICS REPORTED IN REMARK 200 WERE COMPUTED WITH XSCALE WITH FRIEDEL PAIRS KEPT SEPARATE.' 
_exptl_crystal.F_000                 ? 
_exptl_crystal.preparation           ? 
# 
_exptl_crystal_grow.crystal_id      1 
_exptl_crystal_grow.method          'VAPOR DIFFUSION, SITTING DROP' 
_exptl_crystal_grow.pH              6.0 
_exptl_crystal_grow.temp            277 
_exptl_crystal_grow.pdbx_details    
;5.0000% polyethylene glycol 3000, 40.0000% polyethylene glycol 400, 0.1M MES pH 6.0, NANODROP', VAPOR DIFFUSION, SITTING DROP, temperature 277K
;
_exptl_crystal_grow.temp_details    ? 
_exptl_crystal_grow.pdbx_pH_range   ? 
# 
_diffrn.id                     1 
_diffrn.ambient_temp           100 
_diffrn.ambient_temp_details   ? 
_diffrn.crystal_id             1 
# 
_diffrn_detector.diffrn_id              1 
_diffrn_detector.detector               CCD 
_diffrn_detector.type                   'MARMOSAIC 325 mm CCD' 
_diffrn_detector.details                'Flat mirror (vertical focusing)' 
_diffrn_detector.pdbx_collection_date   2008-11-15 
# 
_diffrn_radiation.diffrn_id                        1 
_diffrn_radiation.pdbx_monochromatic_or_laue_m_l   M 
_diffrn_radiation.monochromator                    'Single crystal Si(111) bent monochromator (horizontal focusing)' 
_diffrn_radiation.pdbx_diffrn_protocol             MAD 
_diffrn_radiation.wavelength_id                    1 
_diffrn_radiation.pdbx_scattering_type             x-ray 
# 
loop_
_diffrn_radiation_wavelength.id 
_diffrn_radiation_wavelength.wavelength 
_diffrn_radiation_wavelength.wt 
1 0.91837 1.0 
2 0.97871 1.0 
3 0.97831 1.0 
# 
_diffrn_source.diffrn_id                   1 
_diffrn_source.source                      SYNCHROTRON 
_diffrn_source.pdbx_synchrotron_beamline   BL11-1 
_diffrn_source.type                        'SSRL BEAMLINE BL11-1' 
_diffrn_source.pdbx_wavelength_list        0.91837,0.97871,0.97831 
_diffrn_source.pdbx_wavelength             ? 
_diffrn_source.pdbx_synchrotron_site       SSRL 
# 
_reflns.entry_id                     3MC3 
_reflns.d_resolution_high            1.49 
_reflns.d_resolution_low             26.832 
_reflns.number_obs                   26406 
_reflns.pdbx_Rmerge_I_obs            0.030 
_reflns.pdbx_netI_over_sigmaI        13.480 
_reflns.percent_possible_obs         96.100 
_reflns.B_iso_Wilson_estimate        17.255 
_reflns.observed_criterion_sigma_I   -3.00 
_reflns.observed_criterion_sigma_F   ? 
_reflns.number_all                   ? 
_reflns.pdbx_Rsym_value              ? 
_reflns.pdbx_redundancy              ? 
_reflns.R_free_details               ? 
_reflns.limit_h_max                  ? 
_reflns.limit_h_min                  ? 
_reflns.limit_k_max                  ? 
_reflns.limit_k_min                  ? 
_reflns.limit_l_max                  ? 
_reflns.limit_l_min                  ? 
_reflns.observed_criterion_F_max     ? 
_reflns.observed_criterion_F_min     ? 
_reflns.pdbx_chi_squared             ? 
_reflns.pdbx_scaling_rejects         ? 
_reflns.pdbx_ordinal                 1 
_reflns.pdbx_diffrn_id               1 
# 
loop_
_reflns_shell.d_res_high 
_reflns_shell.d_res_low 
_reflns_shell.number_measured_obs 
_reflns_shell.number_measured_all 
_reflns_shell.number_unique_obs 
_reflns_shell.Rmerge_I_obs 
_reflns_shell.meanI_over_sigI_obs 
_reflns_shell.pdbx_Rsym_value 
_reflns_shell.pdbx_chi_squared 
_reflns_shell.pdbx_redundancy 
_reflns_shell.percent_possible_obs 
_reflns_shell.number_unique_all 
_reflns_shell.percent_possible_all 
_reflns_shell.pdbx_ordinal 
_reflns_shell.pdbx_diffrn_id 
1.49 1.54   6919 ? 4712 0.315 2.0  ? ? ? ? ? 94.90 1  1 
1.54 1.60   7317 ? 4986 0.242 2.7  ? ? ? ? ? 95.30 2  1 
1.60 1.68   8071 ? 5506 0.177 3.6  ? ? ? ? ? 95.60 3  1 
1.68 1.77   7582 ? 5156 0.121 5.2  ? ? ? ? ? 96.10 4  1 
1.77 1.88   7372 ? 5020 0.080 7.6  ? ? ? ? ? 96.10 5  1 
1.88 2.02   7174 ? 4886 0.054 11.2 ? ? ? ? ? 96.30 6  1 
2.02 2.23   7771 ? 5301 0.036 16.9 ? ? ? ? ? 96.70 7  1 
2.23 2.55   7357 ? 5029 0.028 22.2 ? ? ? ? ? 96.10 8  1 
2.55 3.21   7399 ? 5059 0.022 28.0 ? ? ? ? ? 96.70 9  1 
3.21 26.832 7513 ? 5154 0.017 34.9 ? ? ? ? ? 97.40 10 1 
# 
_refine.entry_id                                 3MC3 
_refine.ls_d_res_high                            1.490 
_refine.ls_d_res_low                             26.832 
_refine.pdbx_ls_sigma_F                          0.00 
_refine.pdbx_data_cutoff_high_absF               ? 
_refine.pdbx_data_cutoff_low_absF                ? 
_refine.ls_percent_reflns_obs                    99.810 
_refine.ls_number_reflns_obs                     26404 
_refine.ls_number_reflns_all                     ? 
_refine.pdbx_ls_cross_valid_method               THROUGHOUT 
_refine.pdbx_R_Free_selection_details            RANDOM 
_refine.details                                  
;1. HYDROGENS HAVE BEEN ADDED IN THE RIDING POSITIONS. 2. ATOM RECORDS CONTAIN RESIDUAL B FACTORS ONLY. 3. A MET-INHIBITION PROTOCOL WAS USED FOR SELENOMETHIONINE INCORPORATION DURING PROTEIN EXPRESSION. THE OCCUPANCY OF THE SE ATOMS IN THE MSE RESIDUES WAS REDUCED TO 0.75 FOR THE REDUCED SCATTERING POWER DUE TO PARTIAL S-MET INCORPORATION. 4. THE DATA IS TWINNED. THE FINAL TWIN FRACTION WAS REFINED TO 0.228 USING THE OPERATOR "K,H,-L". 5.THE PROTEIN WAS SUBJECTED TO REDUCTIVE METHYLATION PRIOR TO CRYSTALLIZATION. THE LYSINE RESIDUES HAVE BEEN MODELED AS N-DIMETHYL-LYSINE (MLY). 6. CYSTEINE 93 IS OXIDIZED AND IS MODELED AS S-OXY CYSTEINE (CSX). 7. CHLORIDE ION (CL) IS MODELED FROM THE PROTEIN BUFFER SOLUTION.
;
_refine.ls_R_factor_all                          ? 
_refine.ls_R_factor_obs                          0.123 
_refine.ls_R_factor_R_work                       0.122 
_refine.ls_wR_factor_R_work                      ? 
_refine.ls_R_factor_R_free                       0.140 
_refine.ls_wR_factor_R_free                      ? 
_refine.ls_percent_reflns_R_free                 5.100 
_refine.ls_number_reflns_R_free                  1355 
_refine.ls_R_factor_R_free_error                 ? 
_refine.B_iso_mean                               14.739 
_refine.solvent_model_param_bsol                 ? 
_refine.solvent_model_param_ksol                 ? 
_refine.pdbx_isotropic_thermal_model             ? 
_refine.aniso_B[1][1]                            -0.140 
_refine.aniso_B[2][2]                            -0.140 
_refine.aniso_B[3][3]                            0.270 
_refine.aniso_B[1][2]                            0.000 
_refine.aniso_B[1][3]                            0.000 
_refine.aniso_B[2][3]                            0.000 
_refine.correlation_coeff_Fo_to_Fc               0.981 
_refine.correlation_coeff_Fo_to_Fc_free          0.973 
_refine.overall_SU_R_Cruickshank_DPI             ? 
_refine.overall_SU_R_free                        ? 
_refine.pdbx_overall_ESU_R                       0.009 
_refine.pdbx_overall_ESU_R_Free                  0.010 
_refine.overall_SU_ML                            0.027 
_refine.overall_SU_B                             1.693 
_refine.solvent_model_details                    'BABINET MODEL WITH MASK' 
_refine.pdbx_solvent_vdw_probe_radii             1.400 
_refine.pdbx_solvent_ion_probe_radii             0.800 
_refine.pdbx_solvent_shrinkage_radii             0.800 
_refine.ls_number_parameters                     ? 
_refine.ls_number_restraints                     ? 
_refine.pdbx_method_to_determine_struct          MAD 
_refine.pdbx_stereochemistry_target_values       'MAXIMUM LIKELIHOOD' 
_refine.pdbx_stereochem_target_val_spec_case     ? 
_refine.overall_FOM_work_R_set                   ? 
_refine.B_iso_max                                56.28 
_refine.B_iso_min                                2.00 
_refine.occupancy_max                            1.00 
_refine.occupancy_min                            0.15 
_refine.pdbx_ls_sigma_I                          ? 
_refine.ls_redundancy_reflns_obs                 ? 
_refine.ls_R_factor_R_free_error_details         ? 
_refine.pdbx_starting_model                      ? 
_refine.pdbx_data_cutoff_high_rms_absF           ? 
_refine.overall_FOM_free_R_set                   ? 
_refine.pdbx_overall_phase_error                 ? 
_refine.pdbx_refine_id                           'X-RAY DIFFRACTION' 
_refine.pdbx_TLS_residual_ADP_flag               'LIKELY RESIDUAL' 
_refine.pdbx_diffrn_id                           1 
_refine.pdbx_overall_SU_R_free_Cruickshank_DPI   ? 
_refine.pdbx_overall_SU_R_Blow_DPI               ? 
_refine.pdbx_overall_SU_R_free_Blow_DPI          ? 
# 
_refine_hist.pdbx_refine_id                   'X-RAY DIFFRACTION' 
_refine_hist.cycle_id                         LAST 
_refine_hist.pdbx_number_atoms_protein        975 
_refine_hist.pdbx_number_atoms_nucleic_acid   0 
_refine_hist.pdbx_number_atoms_ligand         1 
_refine_hist.number_atoms_solvent             111 
_refine_hist.number_atoms_total               1087 
_refine_hist.d_res_high                       1.490 
_refine_hist.d_res_low                        26.832 
# 
loop_
_refine_ls_restr.type 
_refine_ls_restr.pdbx_refine_id 
_refine_ls_restr.number 
_refine_ls_restr.dev_ideal 
_refine_ls_restr.dev_ideal_target 
_refine_ls_restr.weight 
_refine_ls_restr.pdbx_restraint_function 
r_bond_refined_d       'X-RAY DIFFRACTION' 1076 0.017  0.022  ? ? 
r_bond_other_d         'X-RAY DIFFRACTION' 743  0.003  0.020  ? ? 
r_angle_refined_deg    'X-RAY DIFFRACTION' 1467 1.509  2.004  ? ? 
r_angle_other_deg      'X-RAY DIFFRACTION' 1840 0.934  3.000  ? ? 
r_dihedral_angle_1_deg 'X-RAY DIFFRACTION' 145  4.776  5.000  ? ? 
r_dihedral_angle_2_deg 'X-RAY DIFFRACTION' 47   32.617 25.106 ? ? 
r_dihedral_angle_3_deg 'X-RAY DIFFRACTION' 221  14.326 15.158 ? ? 
r_dihedral_angle_4_deg 'X-RAY DIFFRACTION' 4    15.774 15.000 ? ? 
r_chiral_restr         'X-RAY DIFFRACTION' 169  0.098  0.200  ? ? 
r_gen_planes_refined   'X-RAY DIFFRACTION' 1179 0.008  0.020  ? ? 
r_gen_planes_other     'X-RAY DIFFRACTION' 208  0.001  0.020  ? ? 
r_mcbond_it            'X-RAY DIFFRACTION' 640  0.816  1.500  ? ? 
r_mcbond_other         'X-RAY DIFFRACTION' 258  0.224  1.500  ? ? 
r_mcangle_it           'X-RAY DIFFRACTION' 1050 1.422  2.000  ? ? 
r_scbond_it            'X-RAY DIFFRACTION' 436  2.709  3.000  ? ? 
r_scangle_it           'X-RAY DIFFRACTION' 404  4.164  4.500  ? ? 
# 
_refine_ls_shell.d_res_high                       1.490 
_refine_ls_shell.d_res_low                        1.528 
_refine_ls_shell.pdbx_total_number_of_bins_used   20 
_refine_ls_shell.percent_reflns_obs               98.720 
_refine_ls_shell.number_reflns_R_work             1927 
_refine_ls_shell.R_factor_all                     ? 
_refine_ls_shell.R_factor_R_work                  0.165 
_refine_ls_shell.R_factor_R_free                  ? 
_refine_ls_shell.percent_reflns_R_free            ? 
_refine_ls_shell.number_reflns_R_free             ? 
_refine_ls_shell.R_factor_R_free_error            ? 
_refine_ls_shell.number_reflns_all                ? 
_refine_ls_shell.number_reflns_obs                ? 
_refine_ls_shell.redundancy_reflns_obs            ? 
_refine_ls_shell.pdbx_refine_id                   'X-RAY DIFFRACTION' 
# 
_struct.entry_id                  3MC3 
_struct.title                     
'Crystal structure of DsrE/DsrF-like family protein (NP_342589.1) from SULFOLOBUS SOLFATARICUS at 1.49 A resolution' 
_struct.pdbx_model_details        ? 
_struct.pdbx_CASP_flag            ? 
_struct.pdbx_model_type_details   ? 
# 
_struct_keywords.text            
'Structural Genomics, Joint Center for Structural Genomics, JCSG, Protein Structure Initiative, PSI-2, unknown function' 
_struct_keywords.pdbx_keywords   'structural genomics, unknown function' 
_struct_keywords.entry_id        3MC3 
# 
loop_
_struct_asym.id 
_struct_asym.pdbx_blank_PDB_chainid_flag 
_struct_asym.pdbx_modified 
_struct_asym.entity_id 
_struct_asym.details 
A N N 1 ? 
B N N 2 ? 
C N N 3 ? 
# 
_struct_biol.id   1 
# 
loop_
_struct_conf.conf_type_id 
_struct_conf.id 
_struct_conf.pdbx_PDB_helix_id 
_struct_conf.beg_label_comp_id 
_struct_conf.beg_label_asym_id 
_struct_conf.beg_label_seq_id 
_struct_conf.pdbx_beg_PDB_ins_code 
_struct_conf.end_label_comp_id 
_struct_conf.end_label_asym_id 
_struct_conf.end_label_seq_id 
_struct_conf.pdbx_end_PDB_ins_code 
_struct_conf.beg_auth_comp_id 
_struct_conf.beg_auth_asym_id 
_struct_conf.beg_auth_seq_id 
_struct_conf.end_auth_comp_id 
_struct_conf.end_auth_asym_id 
_struct_conf.end_auth_seq_id 
_struct_conf.pdbx_PDB_helix_class 
_struct_conf.details 
_struct_conf.pdbx_PDB_helix_length 
HELX_P HELX_P1 1 GLY A 25  ? ASP A 28  ? GLY A 24  ASP A 27  5 ? 4  
HELX_P HELX_P2 2 LEU A 29  ? MSE A 45  ? LEU A 28  MSE A 44  1 ? 17 
HELX_P HELX_P3 3 MLY A 56  ? LEU A 61  ? MLY A 55  LEU A 60  5 ? 6  
HELX_P HELX_P4 4 ASP A 62  ? GLY A 73  ? ASP A 61  GLY A 72  1 ? 12 
HELX_P HELX_P5 5 ASN A 75  ? ASN A 87  ? ASN A 74  ASN A 86  1 ? 13 
HELX_P HELX_P6 6 VAL A 95  ? MSE A 101 ? VAL A 94  MSE A 100 1 ? 7  
HELX_P HELX_P7 7 MLY A 105 ? VAL A 109 ? MLY A 104 VAL A 108 5 ? 5  
HELX_P HELX_P8 8 GLY A 118 ? ALA A 128 ? GLY A 117 ALA A 127 1 ? 11 
# 
_struct_conf_type.id          HELX_P 
_struct_conf_type.criteria    ? 
_struct_conf_type.reference   ? 
# 
loop_
_struct_conn.id 
_struct_conn.conn_type_id 
_struct_conn.pdbx_leaving_atom_flag 
_struct_conn.pdbx_PDB_id 
_struct_conn.ptnr1_label_asym_id 
_struct_conn.ptnr1_label_comp_id 
_struct_conn.ptnr1_label_seq_id 
_struct_conn.ptnr1_label_atom_id 
_struct_conn.pdbx_ptnr1_label_alt_id 
_struct_conn.pdbx_ptnr1_PDB_ins_code 
_struct_conn.pdbx_ptnr1_standard_comp_id 
_struct_conn.ptnr1_symmetry 
_struct_conn.ptnr2_label_asym_id 
_struct_conn.ptnr2_label_comp_id 
_struct_conn.ptnr2_label_seq_id 
_struct_conn.ptnr2_label_atom_id 
_struct_conn.pdbx_ptnr2_label_alt_id 
_struct_conn.pdbx_ptnr2_PDB_ins_code 
_struct_conn.ptnr1_auth_asym_id 
_struct_conn.ptnr1_auth_comp_id 
_struct_conn.ptnr1_auth_seq_id 
_struct_conn.ptnr2_auth_asym_id 
_struct_conn.ptnr2_auth_comp_id 
_struct_conn.ptnr2_auth_seq_id 
_struct_conn.ptnr2_symmetry 
_struct_conn.pdbx_ptnr3_label_atom_id 
_struct_conn.pdbx_ptnr3_label_seq_id 
_struct_conn.pdbx_ptnr3_label_comp_id 
_struct_conn.pdbx_ptnr3_label_asym_id 
_struct_conn.pdbx_ptnr3_label_alt_id 
_struct_conn.pdbx_ptnr3_PDB_ins_code 
_struct_conn.details 
_struct_conn.pdbx_dist_value 
_struct_conn.pdbx_value_order 
_struct_conn.pdbx_role 
covale1  covale both ? A GLN 14  C ? ? ? 1_555 A MLY 15  N ? ? A GLN 13  A MLY 14  1_555 ? ? ? ? ? ? ? 1.324 ? ? 
covale2  covale both ? A MLY 15  C ? ? ? 1_555 A MLY 16  N ? ? A MLY 14  A MLY 15  1_555 ? ? ? ? ? ? ? 1.319 ? ? 
covale3  covale both ? A MLY 16  C ? ? ? 1_555 A MLY 17  N ? ? A MLY 15  A MLY 16  1_555 ? ? ? ? ? ? ? 1.324 ? ? 
covale4  covale both ? A MLY 17  C ? ? ? 1_555 A ILE 18  N ? ? A MLY 16  A ILE 17  1_555 ? ? ? ? ? ? ? 1.331 ? ? 
covale5  covale both ? A PHE 37  C ? ? ? 1_555 A MSE 38  N ? ? A PHE 36  A MSE 37  1_555 ? ? ? ? ? ? ? 1.320 ? ? 
covale6  covale both ? A MSE 38  C ? ? ? 1_555 A ALA 39  N ? ? A MSE 37  A ALA 38  1_555 ? ? ? ? ? ? ? 1.324 ? ? 
covale7  covale both ? A SER 44  C ? ? ? 1_555 A MSE 45  N ? ? A SER 43  A MSE 44  1_555 ? ? ? ? ? ? ? 1.332 ? ? 
covale8  covale both ? A MSE 45  C ? ? ? 1_555 A GLU 46  N ? ? A MSE 44  A GLU 45  1_555 ? ? ? ? ? ? ? 1.333 ? ? 
covale9  covale both ? A PHE 53  C ? ? ? 1_555 A MSE 54  N ? ? A PHE 52  A MSE 53  1_555 ? ? ? ? ? ? ? 1.330 ? ? 
covale10 covale both ? A MSE 54  C ? ? ? 1_555 A ILE 55  N ? ? A MSE 53  A ILE 54  1_555 ? ? ? ? ? ? ? 1.331 ? ? 
covale11 covale both ? A ILE 55  C ? ? ? 1_555 A MLY 56  N ? ? A ILE 54  A MLY 55  1_555 ? ? ? ? ? ? ? 1.332 ? ? 
covale12 covale both ? A MLY 56  C ? ? ? 1_555 A GLY 57  N ? ? A MLY 55  A GLY 56  1_555 ? ? ? ? ? ? ? 1.335 ? ? 
covale13 covale both ? A PRO 58  C ? ? ? 1_555 A MLY 59  N ? ? A PRO 57  A MLY 58  1_555 ? ? ? ? ? ? ? 1.342 ? ? 
covale14 covale both ? A MLY 59  C ? ? ? 1_555 A LEU 60  N ? ? A MLY 58  A LEU 59  1_555 ? ? ? ? ? ? ? 1.331 ? ? 
covale15 covale both ? A ASP 62  C ? ? ? 1_555 A MLY 63  N ? ? A ASP 61  A MLY 62  1_555 ? ? ? ? ? ? ? 1.324 ? ? 
covale16 covale both ? A MLY 63  C ? ? ? 1_555 A MLY 64  N ? ? A MLY 62  A MLY 63  1_555 ? ? ? ? ? ? ? 1.321 ? ? 
covale17 covale both ? A MLY 64  C ? ? ? 1_555 A TRP 65  N ? ? A MLY 63  A TRP 64  1_555 ? ? ? ? ? ? ? 1.327 ? ? 
covale18 covale both ? A ARG 70  C ? ? ? 1_555 A MLY 71  N ? ? A ARG 69  A MLY 70  1_555 ? ? ? ? ? ? ? 1.337 ? ? 
covale19 covale both ? A MLY 71  C ? ? ? 1_555 A MLY 72  N ? ? A MLY 70  A MLY 71  1_555 ? ? ? ? ? ? ? 1.329 ? ? 
covale20 covale both ? A MLY 72  C ? ? ? 1_555 A GLY 73  N ? ? A MLY 71  A GLY 72  1_555 ? ? ? ? ? ? ? 1.329 ? ? 
covale21 covale both ? A ASP 82  C ? ? ? 1_555 A MSE 83  N ? ? A ASP 81  A MSE 82  1_555 ? ? ? ? ? ? ? 1.321 ? ? 
covale22 covale both ? A MSE 83  C ? ? ? 1_555 A ALA 84  N ? ? A MSE 82  A ALA 83  1_555 ? ? ? ? ? ? ? 1.325 ? ? 
covale23 covale both ? A ALA 84  C ? ? ? 1_555 A MLY 85  N ? ? A ALA 83  A MLY 84  1_555 ? ? ? ? ? ? ? 1.330 ? ? 
covale24 covale both ? A MLY 85  C ? ? ? 1_555 A GLU 86  N ? ? A MLY 84  A GLU 85  1_555 ? ? ? ? ? ? ? 1.325 ? ? 
covale25 covale both ? A VAL 89  C ? ? ? 1_555 A MLY 90  N ? ? A VAL 88  A MLY 89  1_555 ? ? ? ? ? ? ? 1.333 ? ? 
covale26 covale both ? A MLY 90  C ? ? ? 1_555 A MSE 91  N ? ? A MLY 89  A MSE 90  1_555 ? ? ? ? ? ? ? 1.333 ? ? 
covale27 covale both ? A MSE 91  C ? ? ? 1_555 A TYR 92  N ? ? A MSE 90  A TYR 91  1_555 ? ? ? ? ? ? ? 1.332 ? ? 
covale28 covale both ? A VAL 93  C ? ? ? 1_555 A CSX 94  N ? ? A VAL 92  A CSX 93  1_555 ? ? ? ? ? ? ? 1.322 ? ? 
covale29 covale both ? A CSX 94  C ? ? ? 1_555 A VAL 95  N ? ? A CSX 93  A VAL 94  1_555 ? ? ? ? ? ? ? 1.334 ? ? 
covale30 covale both ? A LEU 98  C ? ? ? 1_555 A MLY 99  N ? ? A LEU 97  A MLY 98  1_555 ? ? ? ? ? ? ? 1.327 ? ? 
covale31 covale both ? A MLY 99  C ? ? ? 1_555 A ASP 100 N ? ? A MLY 98  A ASP 99  1_555 ? ? ? ? ? ? ? 1.328 ? ? 
covale32 covale both ? A ASP 100 C ? ? ? 1_555 A MSE 101 N ? ? A ASP 99  A MSE 100 1_555 ? ? ? ? ? ? ? 1.330 ? ? 
covale33 covale both ? A MSE 101 C ? ? ? 1_555 A CYS 102 N ? ? A MSE 100 A CYS 101 1_555 ? ? ? ? ? ? ? 1.331 ? ? 
covale34 covale both ? A HIS 103 C ? ? ? 1_555 A MSE 104 N ? ? A HIS 102 A MSE 103 1_555 ? ? ? ? ? ? ? 1.324 ? ? 
covale35 covale both ? A MSE 104 C ? ? ? 1_555 A MLY 105 N ? ? A MSE 103 A MLY 104 1_555 ? ? ? ? ? ? ? 1.324 ? ? 
covale36 covale both ? A MLY 105 C ? ? ? 1_555 A GLU 106 N ? ? A MLY 104 A GLU 105 1_555 ? ? ? ? ? ? ? 1.314 ? ? 
# 
_struct_conn_type.id          covale 
_struct_conn_type.criteria    ? 
_struct_conn_type.reference   ? 
# 
_struct_sheet.id               A 
_struct_sheet.type             ? 
_struct_sheet.number_strands   5 
_struct_sheet.details          ? 
# 
loop_
_struct_sheet_order.sheet_id 
_struct_sheet_order.range_id_1 
_struct_sheet_order.range_id_2 
_struct_sheet_order.offset 
_struct_sheet_order.sense 
A 1 2 ? parallel 
A 2 3 ? parallel 
A 3 4 ? parallel 
A 4 5 ? parallel 
# 
loop_
_struct_sheet_range.sheet_id 
_struct_sheet_range.id 
_struct_sheet_range.beg_label_comp_id 
_struct_sheet_range.beg_label_asym_id 
_struct_sheet_range.beg_label_seq_id 
_struct_sheet_range.pdbx_beg_PDB_ins_code 
_struct_sheet_range.end_label_comp_id 
_struct_sheet_range.end_label_asym_id 
_struct_sheet_range.end_label_seq_id 
_struct_sheet_range.pdbx_end_PDB_ins_code 
_struct_sheet_range.beg_auth_comp_id 
_struct_sheet_range.beg_auth_asym_id 
_struct_sheet_range.beg_auth_seq_id 
_struct_sheet_range.end_auth_comp_id 
_struct_sheet_range.end_auth_asym_id 
_struct_sheet_range.end_auth_seq_id 
A 1 GLU A 114 ? VAL A 116 ? GLU A 113 VAL A 115 
A 2 MLY A 90  ? CSX A 94  ? MLY A 89  CSX A 93  
A 3 GLU A 48  ? PHE A 53  ? GLU A 47  PHE A 52  
A 4 MLY A 17  ? VAL A 22  ? MLY A 16  VAL A 21  
A 5 ARG A 130 ? PHE A 133 ? ARG A 129 PHE A 132 
# 
loop_
_pdbx_struct_sheet_hbond.sheet_id 
_pdbx_struct_sheet_hbond.range_id_1 
_pdbx_struct_sheet_hbond.range_id_2 
_pdbx_struct_sheet_hbond.range_1_label_atom_id 
_pdbx_struct_sheet_hbond.range_1_label_comp_id 
_pdbx_struct_sheet_hbond.range_1_label_asym_id 
_pdbx_struct_sheet_hbond.range_1_label_seq_id 
_pdbx_struct_sheet_hbond.range_1_PDB_ins_code 
_pdbx_struct_sheet_hbond.range_1_auth_atom_id 
_pdbx_struct_sheet_hbond.range_1_auth_comp_id 
_pdbx_struct_sheet_hbond.range_1_auth_asym_id 
_pdbx_struct_sheet_hbond.range_1_auth_seq_id 
_pdbx_struct_sheet_hbond.range_2_label_atom_id 
_pdbx_struct_sheet_hbond.range_2_label_comp_id 
_pdbx_struct_sheet_hbond.range_2_label_asym_id 
_pdbx_struct_sheet_hbond.range_2_label_seq_id 
_pdbx_struct_sheet_hbond.range_2_PDB_ins_code 
_pdbx_struct_sheet_hbond.range_2_auth_atom_id 
_pdbx_struct_sheet_hbond.range_2_auth_comp_id 
_pdbx_struct_sheet_hbond.range_2_auth_asym_id 
_pdbx_struct_sheet_hbond.range_2_auth_seq_id 
A 1 2 O GLU A 114 ? O GLU A 113 N MSE A 91  ? N MSE A 90  
A 2 3 O TYR A 92  ? O TYR A 91  N PHE A 53  ? N PHE A 52  
A 3 4 O PHE A 52  ? O PHE A 51  N VAL A 22  ? N VAL A 21  
A 4 5 N VAL A 21  ? N VAL A 20  O LEU A 132 ? O LEU A 131 
# 
_struct_site.id                   AC1 
_struct_site.pdbx_evidence_code   Software 
_struct_site.pdbx_auth_asym_id    A 
_struct_site.pdbx_auth_comp_id    CL 
_struct_site.pdbx_auth_seq_id     134 
_struct_site.pdbx_auth_ins_code   ? 
_struct_site.pdbx_num_residues    1 
_struct_site.details              'BINDING SITE FOR RESIDUE CL A 134' 
# 
_struct_site_gen.id                   1 
_struct_site_gen.site_id              AC1 
_struct_site_gen.pdbx_num_res         1 
_struct_site_gen.label_comp_id        HIS 
_struct_site_gen.label_asym_id        A 
_struct_site_gen.label_seq_id         24 
_struct_site_gen.pdbx_auth_ins_code   ? 
_struct_site_gen.auth_comp_id         HIS 
_struct_site_gen.auth_asym_id         A 
_struct_site_gen.auth_seq_id          23 
_struct_site_gen.label_atom_id        . 
_struct_site_gen.label_alt_id         ? 
_struct_site_gen.symmetry             1_555 
_struct_site_gen.details              ? 
# 
_atom_sites.entry_id                    3MC3 
_atom_sites.fract_transf_matrix[1][1]   0.00376006 
_atom_sites.fract_transf_matrix[1][2]   0.00346070 
_atom_sites.fract_transf_matrix[1][3]   0.01728275 
_atom_sites.fract_transf_matrix[2][1]   0.01232629 
_atom_sites.fract_transf_matrix[2][2]   -0.00986583 
_atom_sites.fract_transf_matrix[2][3]   0.00869025 
_atom_sites.fract_transf_matrix[3][1]   0.00674796 
_atom_sites.fract_transf_matrix[3][2]   0.00606750 
_atom_sites.fract_transf_matrix[3][3]   -0.00268305 
_atom_sites.fract_transf_vector[1]      0.255374 
_atom_sites.fract_transf_vector[2]      0.187721 
_atom_sites.fract_transf_vector[3]      0.559579 
# 
loop_
_atom_type.symbol 
C  
CL 
N  
O  
S  
SE 
# 
loop_
_atom_site.group_PDB 
_atom_site.id 
_atom_site.type_symbol 
_atom_site.label_atom_id 
_atom_site.label_alt_id 
_atom_site.label_comp_id 
_atom_site.label_asym_id 
_atom_site.label_entity_id 
_atom_site.label_seq_id 
_atom_site.pdbx_PDB_ins_code 
_atom_site.Cartn_x 
_atom_site.Cartn_y 
_atom_site.Cartn_z 
_atom_site.occupancy 
_atom_site.B_iso_or_equiv 
_atom_site.pdbx_formal_charge 
_atom_site.auth_seq_id 
_atom_site.auth_comp_id 
_atom_site.auth_asym_id 
_atom_site.auth_atom_id 
_atom_site.pdbx_PDB_model_num 
ATOM   1    N  N   . GLN A 1 14  ? -21.710 -11.638 6.653   1.00 23.60 ? 13  GLN A N   1 
ATOM   2    C  CA  . GLN A 1 14  ? -20.233 -11.655 6.356   1.00 23.35 ? 13  GLN A CA  1 
ATOM   3    C  C   . GLN A 1 14  ? -19.715 -10.295 5.836   1.00 22.38 ? 13  GLN A C   1 
ATOM   4    O  O   . GLN A 1 14  ? -20.208 -9.750  4.842   1.00 22.77 ? 13  GLN A O   1 
ATOM   5    C  CB  . GLN A 1 14  ? -19.886 -12.755 5.343   1.00 24.18 ? 13  GLN A CB  1 
HETATM 6    N  N   . MLY A 1 15  ? -18.692 -9.778  6.500   1.00 21.57 ? 14  MLY A N   1 
HETATM 7    C  CA  . MLY A 1 15  ? -18.090 -8.511  6.102   1.00 20.25 ? 14  MLY A CA  1 
HETATM 8    C  CB  . MLY A 1 15  ? -16.998 -8.107  7.086   1.00 21.48 ? 14  MLY A CB  1 
HETATM 9    C  CG  . MLY A 1 15  ? -16.577 -6.664  6.960   1.00 22.51 ? 14  MLY A CG  1 
HETATM 10   C  C   . MLY A 1 15  ? -17.497 -8.581  4.689   1.00 18.94 ? 14  MLY A C   1 
HETATM 11   O  O   . MLY A 1 15  ? -16.913 -9.592  4.300   1.00 20.82 ? 14  MLY A O   1 
HETATM 12   N  N   . MLY A 1 16  ? -17.697 -7.526  3.924   1.00 15.35 ? 15  MLY A N   1 
HETATM 13   C  CA  . MLY A 1 16  ? -17.152 -7.475  2.567   1.00 14.51 ? 15  MLY A CA  1 
HETATM 14   C  CB  . MLY A 1 16  ? -18.051 -6.689  1.624   1.00 14.49 ? 15  MLY A CB  1 
HETATM 15   C  CG  . MLY A 1 16  ? -19.365 -7.446  1.405   1.00 15.41 ? 15  MLY A CG  1 
HETATM 16   C  CD  . MLY A 1 16  ? -20.336 -6.718  0.515   1.00 15.05 ? 15  MLY A CD  1 
HETATM 17   C  CE  . MLY A 1 16  ? -21.632 -7.506  0.378   1.00 14.73 ? 15  MLY A CE  1 
HETATM 18   N  NZ  . MLY A 1 16  ? -21.563 -8.791  -0.352  1.00 12.13 ? 15  MLY A NZ  1 
HETATM 19   C  CH1 . MLY A 1 16  ? -22.897 -9.429  -0.413  1.00 14.14 ? 15  MLY A CH1 1 
HETATM 20   C  CH2 . MLY A 1 16  ? -21.136 -8.548  -1.739  1.00 13.68 ? 15  MLY A CH2 1 
HETATM 21   C  C   . MLY A 1 16  ? -15.761 -6.917  2.578   1.00 13.13 ? 15  MLY A C   1 
HETATM 22   O  O   . MLY A 1 16  ? -15.332 -6.245  3.520   1.00 13.57 ? 15  MLY A O   1 
HETATM 23   N  N   . MLY A 1 17  ? -15.049 -7.271  1.519   1.00 10.48 ? 16  MLY A N   1 
HETATM 24   C  CA  . MLY A 1 17  ? -13.602 -7.121  1.416   1.00 10.15 ? 16  MLY A CA  1 
HETATM 25   C  CB  . MLY A 1 17  ? -12.947 -8.503  1.387   1.00 10.91 ? 16  MLY A CB  1 
HETATM 26   C  CG  . MLY A 1 17  ? -13.091 -9.302  2.643   1.00 11.96 ? 16  MLY A CG  1 
HETATM 27   C  CD  . MLY A 1 17  ? -12.553 -10.714 2.428   1.00 14.34 ? 16  MLY A CD  1 
HETATM 28   C  CE  . MLY A 1 17  ? -12.932 -11.634 3.570   1.00 16.75 ? 16  MLY A CE  1 
HETATM 29   N  NZ  . MLY A 1 17  ? -12.404 -13.042 3.473   1.00 16.85 ? 16  MLY A NZ  1 
HETATM 30   C  CH1 . MLY A 1 17  ? -12.800 -13.860 4.654   1.00 18.91 ? 16  MLY A CH1 1 
HETATM 31   C  CH2 . MLY A 1 17  ? -12.705 -13.747 2.181   1.00 19.88 ? 16  MLY A CH2 1 
HETATM 32   C  C   . MLY A 1 17  ? -13.237 -6.320  0.172   1.00 9.39  ? 16  MLY A C   1 
HETATM 33   O  O   . MLY A 1 17  ? -13.707 -6.621  -0.906  1.00 9.85  ? 16  MLY A O   1 
ATOM   34   N  N   . ILE A 1 18  ? -12.403 -5.300  0.359   1.00 9.31  ? 17  ILE A N   1 
ATOM   35   C  CA  . ILE A 1 18  ? -11.937 -4.410  -0.707  1.00 8.58  ? 17  ILE A CA  1 
ATOM   36   C  C   . ILE A 1 18  ? -10.414 -4.490  -0.784  1.00 8.73  ? 17  ILE A C   1 
ATOM   37   O  O   . ILE A 1 18  ? -9.736  -4.383  0.259   1.00 10.74 ? 17  ILE A O   1 
ATOM   38   C  CB  . ILE A 1 18  ? -12.378 -2.945  -0.444  1.00 9.45  ? 17  ILE A CB  1 
ATOM   39   C  CG1 . ILE A 1 18  ? -13.914 -2.792  -0.442  1.00 9.17  ? 17  ILE A CG1 1 
ATOM   40   C  CG2 . ILE A 1 18  ? -11.756 -1.960  -1.483  1.00 10.90 ? 17  ILE A CG2 1 
ATOM   41   C  CD1 . ILE A 1 18  ? -14.607 -3.086  -1.800  1.00 10.63 ? 17  ILE A CD1 1 
ATOM   42   N  N   . LEU A 1 19  ? -9.882  -4.741  -1.974  1.00 9.03  ? 18  LEU A N   1 
ATOM   43   C  CA  . LEU A 1 19  ? -8.440  -4.760  -2.223  1.00 8.84  ? 18  LEU A CA  1 
ATOM   44   C  C   . LEU A 1 19  ? -8.084  -3.568  -3.126  1.00 7.90  ? 18  LEU A C   1 
ATOM   45   O  O   . LEU A 1 19  ? -8.757  -3.334  -4.105  1.00 9.15  ? 18  LEU A O   1 
ATOM   46   C  CB  . LEU A 1 19  ? -8.056  -6.061  -2.921  1.00 9.31  ? 18  LEU A CB  1 
ATOM   47   C  CG  . LEU A 1 19  ? -6.587  -6.204  -3.318  1.00 10.34 ? 18  LEU A CG  1 
ATOM   48   C  CD1 . LEU A 1 19  ? -5.648  -6.212  -2.116  1.00 10.82 ? 18  LEU A CD1 1 
ATOM   49   C  CD2 . LEU A 1 19  ? -6.415  -7.471  -4.134  1.00 11.14 ? 18  LEU A CD2 1 
ATOM   50   N  N   . ILE A 1 20  ? -6.997  -2.866  -2.797  1.00 8.44  ? 19  ILE A N   1 
ATOM   51   C  CA  . ILE A 1 20  ? -6.536  -1.739  -3.605  1.00 9.08  ? 19  ILE A CA  1 
ATOM   52   C  C   . ILE A 1 20  ? -5.097  -1.999  -3.981  1.00 9.87  ? 19  ILE A C   1 
ATOM   53   O  O   . ILE A 1 20  ? -4.263  -2.274  -3.110  1.00 10.50 ? 19  ILE A O   1 
ATOM   54   C  CB  . ILE A 1 20  ? -6.632  -0.450  -2.797  1.00 10.16 ? 19  ILE A CB  1 
ATOM   55   C  CG1 . ILE A 1 20  ? -8.102  -0.111  -2.595  1.00 11.22 ? 19  ILE A CG1 1 
ATOM   56   C  CG2 . ILE A 1 20  ? -5.964  0.696   -3.526  1.00 11.84 ? 19  ILE A CG2 1 
ATOM   57   C  CD1 . ILE A 1 20  ? -8.408  0.868   -1.492  1.00 14.04 ? 19  ILE A CD1 1 
ATOM   58   N  N   . VAL A 1 21  ? -4.828  -1.940  -5.284  1.00 9.35  ? 20  VAL A N   1 
ATOM   59   C  CA  . VAL A 1 21  ? -3.493  -2.209  -5.819  1.00 9.95  ? 20  VAL A CA  1 
ATOM   60   C  C   . VAL A 1 21  ? -2.817  -0.906  -6.230  1.00 9.70  ? 20  VAL A C   1 
ATOM   61   O  O   . VAL A 1 21  ? -3.349  -0.124  -6.996  1.00 10.17 ? 20  VAL A O   1 
ATOM   62   C  CB  . VAL A 1 21  ? -3.596  -3.187  -6.998  1.00 9.83  ? 20  VAL A CB  1 
ATOM   63   C  CG1 . VAL A 1 21  ? -2.213  -3.462  -7.571  1.00 12.34 ? 20  VAL A CG1 1 
ATOM   64   C  CG2 . VAL A 1 21  ? -4.248  -4.525  -6.610  1.00 10.50 ? 20  VAL A CG2 1 
ATOM   65   N  N   . VAL A 1 22  ? -1.625  -0.680  -5.662  1.00 9.73  ? 21  VAL A N   1 
ATOM   66   C  CA  . VAL A 1 22  ? -0.815  0.525   -5.915  1.00 10.29 ? 21  VAL A CA  1 
ATOM   67   C  C   . VAL A 1 22  ? 0.421   0.119   -6.705  1.00 9.73  ? 21  VAL A C   1 
ATOM   68   O  O   . VAL A 1 22  ? 1.224   -0.714  -6.230  1.00 10.05 ? 21  VAL A O   1 
ATOM   69   C  CB  . VAL A 1 22  ? -0.404  1.151   -4.615  1.00 10.00 ? 21  VAL A CB  1 
ATOM   70   C  CG1 . VAL A 1 22  ? 0.548   2.359   -4.823  1.00 11.03 ? 21  VAL A CG1 1 
ATOM   71   C  CG2 . VAL A 1 22  ? -1.616  1.595   -3.819  1.00 12.05 ? 21  VAL A CG2 1 
ATOM   72   N  N   . THR A 1 23  ? 0.561   0.700   -7.886  1.00 9.32  ? 22  THR A N   1 
ATOM   73   C  CA  . THR A 1 23  ? 1.638   0.288   -8.795  1.00 9.26  ? 22  THR A CA  1 
ATOM   74   C  C   . THR A 1 23  ? 2.645   1.404   -9.099  1.00 9.53  ? 22  THR A C   1 
ATOM   75   O  O   . THR A 1 23  ? 3.634   1.169   -9.792  1.00 9.69  ? 22  THR A O   1 
ATOM   76   C  CB  . THR A 1 23  ? 1.075   -0.223  -10.105 1.00 9.73  ? 22  THR A CB  1 
ATOM   77   O  OG1 . THR A 1 23  ? 0.433   0.839   -10.796 1.00 11.25 ? 22  THR A OG1 1 
ATOM   78   C  CG2 . THR A 1 23  ? 0.131   -1.363  -9.913  1.00 11.25 ? 22  THR A CG2 1 
ATOM   79   N  N   . HIS A 1 24  ? 2.422   2.603   -8.563  1.00 10.27 ? 23  HIS A N   1 
ATOM   80   C  CA  . HIS A 1 24  ? 3.316   3.723   -8.741  1.00 11.60 ? 23  HIS A CA  1 
ATOM   81   C  C   . HIS A 1 24  ? 4.032   4.064   -7.464  1.00 12.07 ? 23  HIS A C   1 
ATOM   82   O  O   . HIS A 1 24  ? 3.552   3.757   -6.362  1.00 12.34 ? 23  HIS A O   1 
ATOM   83   C  CB  . HIS A 1 24  ? 2.534   4.934   -9.241  1.00 11.45 ? 23  HIS A CB  1 
ATOM   84   C  CG  . HIS A 1 24  ? 2.006   4.773   -10.630 1.00 12.94 ? 23  HIS A CG  1 
ATOM   85   N  ND1 . HIS A 1 24  ? 0.816   4.142   -10.916 1.00 20.19 ? 23  HIS A ND1 1 
ATOM   86   C  CD2 . HIS A 1 24  ? 2.520   5.167   -11.819 1.00 17.00 ? 23  HIS A CD2 1 
ATOM   87   C  CE1 . HIS A 1 24  ? 0.614   4.167   -12.221 1.00 20.97 ? 23  HIS A CE1 1 
ATOM   88   N  NE2 . HIS A 1 24  ? 1.638   4.759   -12.793 1.00 20.54 ? 23  HIS A NE2 1 
ATOM   89   N  N   . GLY A 1 25  ? 5.199   4.682   -7.631  1.00 12.52 ? 24  GLY A N   1 
ATOM   90   C  CA  . GLY A 1 25  ? 5.999   5.162   -6.533  1.00 12.81 ? 24  GLY A CA  1 
ATOM   91   C  C   . GLY A 1 25  ? 6.116   6.657   -6.537  1.00 13.62 ? 24  GLY A C   1 
ATOM   92   O  O   . GLY A 1 25  ? 5.313   7.365   -7.145  1.00 12.65 ? 24  GLY A O   1 
ATOM   93   N  N   . PRO A 1 26  ? 7.141   7.143   -5.856  1.00 13.97 ? 25  PRO A N   1 
ATOM   94   C  CA  . PRO A 1 26  ? 7.354   8.576   -5.772  1.00 15.55 ? 25  PRO A CA  1 
ATOM   95   C  C   . PRO A 1 26  ? 7.592   9.265   -7.109  1.00 16.91 ? 25  PRO A C   1 
ATOM   96   O  O   . PRO A 1 26  ? 7.481   10.509  -7.183  1.00 19.31 ? 25  PRO A O   1 
ATOM   97   C  CB  . PRO A 1 26  ? 8.575   8.695   -4.874  1.00 14.84 ? 25  PRO A CB  1 
ATOM   98   C  CG  . PRO A 1 26  ? 8.576   7.476   -4.048  1.00 14.93 ? 25  PRO A CG  1 
ATOM   99   C  CD  . PRO A 1 26  ? 8.021   6.394   -4.942  1.00 14.42 ? 25  PRO A CD  1 
ATOM   100  N  N   . GLU A 1 27  ? 7.961   8.508   -8.138  1.00 18.33 ? 26  GLU A N   1 
ATOM   101  C  CA  . GLU A 1 27  ? 8.101   9.063   -9.509  1.00 19.30 ? 26  GLU A CA  1 
ATOM   102  C  C   . GLU A 1 27  ? 6.779   9.587   -10.044 1.00 19.43 ? 26  GLU A C   1 
ATOM   103  O  O   . GLU A 1 27  ? 6.761   10.348  -11.012 1.00 20.98 ? 26  GLU A O   1 
ATOM   104  C  CB  . GLU A 1 27  ? 8.646   8.001   -10.479 1.00 20.09 ? 26  GLU A CB  1 
ATOM   105  C  CG  . GLU A 1 27  ? 7.625   6.950   -11.034 1.00 21.50 ? 26  GLU A CG  1 
ATOM   106  C  CD  . GLU A 1 27  ? 7.111   5.943   -9.997  1.00 20.26 ? 26  GLU A CD  1 
ATOM   107  O  OE1 . GLU A 1 27  ? 7.771   5.808   -8.927  1.00 21.31 ? 26  GLU A OE1 1 
ATOM   108  O  OE2 . GLU A 1 27  ? 6.097   5.277   -10.312 1.00 20.77 ? 26  GLU A OE2 1 
ATOM   109  N  N   . ASP A 1 28  ? 5.667   9.138   -9.466  1.00 18.84 ? 27  ASP A N   1 
ATOM   110  C  CA  . ASP A 1 28  ? 4.349   9.600   -9.834  1.00 18.30 ? 27  ASP A CA  1 
ATOM   111  C  C   . ASP A 1 28  ? 3.439   9.670   -8.593  1.00 17.61 ? 27  ASP A C   1 
ATOM   112  O  O   . ASP A 1 28  ? 2.428   8.958   -8.460  1.00 16.59 ? 27  ASP A O   1 
ATOM   113  C  CB  . ASP A 1 28  ? 3.781   8.691   -10.922 1.00 19.46 ? 27  ASP A CB  1 
ATOM   114  C  CG  . ASP A 1 28  ? 2.885   9.427   -11.889 1.00 24.47 ? 27  ASP A CG  1 
ATOM   115  O  OD1 . ASP A 1 28  ? 2.520   10.592  -11.611 1.00 30.10 ? 27  ASP A OD1 1 
ATOM   116  O  OD2 . ASP A 1 28  ? 2.533   8.822   -12.936 1.00 30.36 ? 27  ASP A OD2 1 
ATOM   117  N  N   . LEU A 1 29  ? 3.814   10.565  -7.675  1.00 17.21 ? 28  LEU A N   1 
ATOM   118  C  CA  A LEU A 1 29  ? 3.166   10.656  -6.354  0.50 17.43 ? 28  LEU A CA  1 
ATOM   119  C  CA  B LEU A 1 29  ? 3.184   10.636  -6.357  0.50 17.49 ? 28  LEU A CA  1 
ATOM   120  C  C   . LEU A 1 29  ? 1.696   10.942  -6.445  1.00 18.34 ? 28  LEU A C   1 
ATOM   121  O  O   . LEU A 1 29  ? 0.919   10.475  -5.625  1.00 16.36 ? 28  LEU A O   1 
ATOM   122  C  CB  A LEU A 1 29  ? 3.825   11.722  -5.458  0.50 17.94 ? 28  LEU A CB  1 
ATOM   123  C  CB  B LEU A 1 29  ? 3.909   11.665  -5.465  0.50 18.06 ? 28  LEU A CB  1 
ATOM   124  C  CG  A LEU A 1 29  ? 4.954   11.165  -4.595  0.50 17.26 ? 28  LEU A CG  1 
ATOM   125  C  CG  B LEU A 1 29  ? 3.951   11.340  -3.971  0.50 17.47 ? 28  LEU A CG  1 
ATOM   126  C  CD1 A LEU A 1 29  ? 5.779   12.286  -3.993  0.50 17.34 ? 28  LEU A CD1 1 
ATOM   127  C  CD1 B LEU A 1 29  ? 4.601   9.984   -3.684  0.50 16.58 ? 28  LEU A CD1 1 
ATOM   128  C  CD2 A LEU A 1 29  ? 4.438   10.218  -3.502  0.50 16.38 ? 28  LEU A CD2 1 
ATOM   129  C  CD2 B LEU A 1 29  ? 4.649   12.473  -3.213  0.50 18.37 ? 28  LEU A CD2 1 
ATOM   130  N  N   . ASP A 1 30  ? 1.315   11.701  -7.460  1.00 19.65 ? 29  ASP A N   1 
ATOM   131  C  CA  . ASP A 1 30  ? -0.070  12.034  -7.649  1.00 21.92 ? 29  ASP A CA  1 
ATOM   132  C  C   . ASP A 1 30  ? -0.972  10.799  -7.776  1.00 21.59 ? 29  ASP A C   1 
ATOM   133  O  O   . ASP A 1 30  ? -2.143  10.860  -7.464  1.00 24.96 ? 29  ASP A O   1 
ATOM   134  C  CB  . ASP A 1 30  ? -0.218  12.932  -8.895  1.00 22.91 ? 29  ASP A CB  1 
ATOM   135  C  CG  . ASP A 1 30  ? 0.259   14.370  -8.658  1.00 26.17 ? 29  ASP A CG  1 
ATOM   136  O  OD1 . ASP A 1 30  ? 0.270   14.827  -7.495  1.00 30.78 ? 29  ASP A OD1 1 
ATOM   137  O  OD2 . ASP A 1 30  ? 0.600   15.077  -9.653  1.00 30.93 ? 29  ASP A OD2 1 
ATOM   138  N  N   . ARG A 1 31  ? -0.428  9.678   -8.250  1.00 20.18 ? 30  ARG A N   1 
ATOM   139  C  CA  A ARG A 1 31  ? -1.172  8.430   -8.434  0.50 19.05 ? 30  ARG A CA  1 
ATOM   140  C  CA  B ARG A 1 31  ? -1.211  8.455   -8.426  0.50 18.95 ? 30  ARG A CA  1 
ATOM   141  C  C   . ARG A 1 31  ? -1.127  7.557   -7.202  1.00 18.11 ? 30  ARG A C   1 
ATOM   142  O  O   . ARG A 1 31  ? -1.593  6.412   -7.213  1.00 17.98 ? 30  ARG A O   1 
ATOM   143  C  CB  A ARG A 1 31  ? -0.566  7.607   -9.576  0.50 19.09 ? 30  ARG A CB  1 
ATOM   144  C  CB  B ARG A 1 31  ? -0.748  7.689   -9.675  0.50 18.96 ? 30  ARG A CB  1 
ATOM   145  C  CG  A ARG A 1 31  ? -0.115  8.413   -10.747 0.50 19.95 ? 30  ARG A CG  1 
ATOM   146  C  CG  B ARG A 1 31  ? -1.300  8.250   -10.976 0.50 19.26 ? 30  ARG A CG  1 
ATOM   147  C  CD  A ARG A 1 31  ? -0.579  7.791   -12.027 0.50 19.35 ? 30  ARG A CD  1 
ATOM   148  C  CD  B ARG A 1 31  ? -1.033  7.333   -12.141 0.50 17.96 ? 30  ARG A CD  1 
ATOM   149  N  NE  A ARG A 1 31  ? -1.387  8.787   -12.672 0.50 18.06 ? 30  ARG A NE  1 
ATOM   150  N  NE  B ARG A 1 31  ? -1.673  6.040   -11.988 0.50 18.19 ? 30  ARG A NE  1 
ATOM   151  C  CZ  A ARG A 1 31  ? -2.684  8.674   -12.926 0.50 12.71 ? 30  ARG A CZ  1 
ATOM   152  C  CZ  B ARG A 1 31  ? -2.906  5.794   -12.401 0.50 17.39 ? 30  ARG A CZ  1 
ATOM   153  N  NH1 A ARG A 1 31  ? -3.328  7.554   -12.671 0.50 15.03 ? 30  ARG A NH1 1 
ATOM   154  N  NH1 B ARG A 1 31  ? -3.453  4.589   -12.252 0.50 15.82 ? 30  ARG A NH1 1 
ATOM   155  N  NH2 A ARG A 1 31  ? -3.297  9.694   -13.474 0.50 7.49  ? 30  ARG A NH2 1 
ATOM   156  N  NH2 B ARG A 1 31  ? -3.581  6.761   -12.962 0.50 14.19 ? 30  ARG A NH2 1 
ATOM   157  N  N   . THR A 1 32  ? -0.506  8.060   -6.132  1.00 14.97 ? 31  THR A N   1 
ATOM   158  C  CA  . THR A 1 32  ? -0.348  7.255   -4.929  1.00 13.83 ? 31  THR A CA  1 
ATOM   159  C  C   . THR A 1 32  ? -1.229  7.748   -3.788  1.00 13.35 ? 31  THR A C   1 
ATOM   160  O  O   . THR A 1 32  ? -1.499  6.968   -2.877  1.00 13.84 ? 31  THR A O   1 
ATOM   161  C  CB  . THR A 1 32  ? 1.115   7.186   -4.475  1.00 13.72 ? 31  THR A CB  1 
ATOM   162  O  OG1 . THR A 1 32  ? 1.509   8.425   -3.880  1.00 13.11 ? 31  THR A OG1 1 
ATOM   163  C  CG2 . THR A 1 32  ? 2.040   6.850   -5.634  1.00 12.83 ? 31  THR A CG2 1 
ATOM   164  N  N   . TYR A 1 33  ? -1.681  9.008   -3.862  1.00 14.77 ? 32  TYR A N   1 
ATOM   165  C  CA  . TYR A 1 33  ? -2.537  9.620   -2.794  1.00 15.18 ? 32  TYR A CA  1 
ATOM   166  C  C   . TYR A 1 33  ? -3.891  9.012   -2.779  1.00 14.74 ? 32  TYR A C   1 
ATOM   167  O  O   . TYR A 1 33  ? -4.364  8.575   -1.721  1.00 13.58 ? 32  TYR A O   1 
ATOM   168  C  CB  . TYR A 1 33  ? -2.745  11.174  -2.967  1.00 16.01 ? 32  TYR A CB  1 
ATOM   169  C  CG  . TYR A 1 33  ? -1.504  12.013  -3.184  1.00 15.16 ? 32  TYR A CG  1 
ATOM   170  C  CD1 . TYR A 1 33  ? -0.266  11.602  -2.689  1.00 16.68 ? 32  TYR A CD1 1 
ATOM   171  C  CD2 . TYR A 1 33  ? -1.559  13.194  -3.941  1.00 17.31 ? 32  TYR A CD2 1 
ATOM   172  C  CE1 . TYR A 1 33  ? 0.873   12.350  -2.897  1.00 18.00 ? 32  TYR A CE1 1 
ATOM   173  C  CE2 . TYR A 1 33  ? -0.414  13.933  -4.168  1.00 20.65 ? 32  TYR A CE2 1 
ATOM   174  C  CZ  . TYR A 1 33  ? 0.791   13.495  -3.642  1.00 18.91 ? 32  TYR A CZ  1 
ATOM   175  O  OH  . TYR A 1 33  ? 1.926   14.217  -3.842  1.00 18.95 ? 32  TYR A OH  1 
ATOM   176  N  N   . ALA A 1 34  ? -4.523  9.005   -3.948  1.00 14.92 ? 33  ALA A N   1 
ATOM   177  C  CA  . ALA A 1 34  ? -5.866  8.528   -4.141  1.00 15.22 ? 33  ALA A CA  1 
ATOM   178  C  C   . ALA A 1 34  ? -6.063  7.143   -3.633  1.00 13.97 ? 33  ALA A C   1 
ATOM   179  O  O   . ALA A 1 34  ? -6.982  6.936   -2.860  1.00 14.09 ? 33  ALA A O   1 
ATOM   180  C  CB  . ALA A 1 34  ? -6.280  8.591   -5.668  1.00 17.38 ? 33  ALA A CB  1 
ATOM   181  N  N   . PRO A 1 35  ? -5.216  6.191   -4.042  1.00 12.45 ? 34  PRO A N   1 
ATOM   182  C  CA  . PRO A 1 35  ? -5.458  4.873   -3.559  1.00 11.92 ? 34  PRO A CA  1 
ATOM   183  C  C   . PRO A 1 35  ? -5.444  4.766   -2.052  1.00 11.34 ? 34  PRO A C   1 
ATOM   184  O  O   . PRO A 1 35  ? -6.246  4.029   -1.486  1.00 11.45 ? 34  PRO A O   1 
ATOM   185  C  CB  . PRO A 1 35  ? -4.348  4.009   -4.194  1.00 13.39 ? 34  PRO A CB  1 
ATOM   186  C  CG  . PRO A 1 35  ? -3.447  4.898   -4.804  1.00 15.24 ? 34  PRO A CG  1 
ATOM   187  C  CD  . PRO A 1 35  ? -4.164  6.190   -5.072  1.00 12.92 ? 34  PRO A CD  1 
ATOM   188  N  N   . LEU A 1 36  ? -4.537  5.472   -1.365  1.00 10.65 ? 35  LEU A N   1 
ATOM   189  C  CA  . LEU A 1 36  ? -4.482  5.339   0.072   1.00 9.97  ? 35  LEU A CA  1 
ATOM   190  C  C   . LEU A 1 36  ? -5.622  6.075   0.746   1.00 10.01 ? 35  LEU A C   1 
ATOM   191  O  O   . LEU A 1 36  ? -6.090  5.626   1.771   1.00 10.27 ? 35  LEU A O   1 
ATOM   192  C  CB  . LEU A 1 36  ? -3.129  5.791   0.616   1.00 8.97  ? 35  LEU A CB  1 
ATOM   193  C  CG  . LEU A 1 36  ? -2.035  4.703   0.642   1.00 9.86  ? 35  LEU A CG  1 
ATOM   194  C  CD1 . LEU A 1 36  ? -2.323  3.630   1.688   1.00 9.98  ? 35  LEU A CD1 1 
ATOM   195  C  CD2 . LEU A 1 36  ? -1.754  4.098   -0.765  1.00 11.42 ? 35  LEU A CD2 1 
ATOM   196  N  N   . PHE A 1 37  ? -6.034  7.208   0.191   1.00 9.80  ? 36  PHE A N   1 
ATOM   197  C  CA  . PHE A 1 37  ? -7.223  7.893   0.717   1.00 10.51 ? 36  PHE A CA  1 
ATOM   198  C  C   . PHE A 1 37  ? -8.426  6.988   0.546   1.00 10.40 ? 36  PHE A C   1 
ATOM   199  O  O   . PHE A 1 37  ? -9.235  6.830   1.460   1.00 10.62 ? 36  PHE A O   1 
ATOM   200  C  CB  . PHE A 1 37  ? -7.422  9.241   0.027   1.00 12.29 ? 36  PHE A CB  1 
ATOM   201  C  CG  . PHE A 1 37  ? -8.522  10.095  0.625   1.00 17.82 ? 36  PHE A CG  1 
ATOM   202  C  CD1 . PHE A 1 37  ? -8.872  10.025  1.967   1.00 22.20 ? 36  PHE A CD1 1 
ATOM   203  C  CD2 . PHE A 1 37  ? -9.195  11.005  -0.171  1.00 25.41 ? 36  PHE A CD2 1 
ATOM   204  C  CE1 . PHE A 1 37  ? -9.885  10.836  2.500   1.00 23.45 ? 36  PHE A CE1 1 
ATOM   205  C  CE2 . PHE A 1 37  ? -10.200 11.807  0.361   1.00 27.31 ? 36  PHE A CE2 1 
ATOM   206  C  CZ  . PHE A 1 37  ? -10.534 11.715  1.698   1.00 25.93 ? 36  PHE A CZ  1 
HETATM 207  N  N   . MSE A 1 38  ? -8.531  6.363   -0.612  1.00 11.09 ? 37  MSE A N   1 
HETATM 208  C  CA  . MSE A 1 38  ? -9.621  5.405   -0.890  1.00 10.90 ? 37  MSE A CA  1 
HETATM 209  C  C   . MSE A 1 38  ? -9.632  4.260   0.132   1.00 11.02 ? 37  MSE A C   1 
HETATM 210  O  O   . MSE A 1 38  ? -10.695 3.837   0.571   1.00 10.50 ? 37  MSE A O   1 
HETATM 211  C  CB  . MSE A 1 38  ? -9.541  4.858   -2.312  1.00 12.15 ? 37  MSE A CB  1 
HETATM 212  C  CG  . MSE A 1 38  ? -9.925  5.830   -3.411  1.00 12.82 ? 37  MSE A CG  1 
HETATM 213  SE SE  . MSE A 1 38  ? -11.703 6.534   -3.280  0.75 16.53 ? 37  MSE A SE  1 
HETATM 214  C  CE  . MSE A 1 38  ? -12.484 5.090   -2.705  1.00 6.17  ? 37  MSE A CE  1 
ATOM   215  N  N   . ALA A 1 39  ? -8.465  3.779   0.532   1.00 9.99  ? 38  ALA A N   1 
ATOM   216  C  CA  . ALA A 1 39  ? -8.344  2.687   1.505   1.00 10.05 ? 38  ALA A CA  1 
ATOM   217  C  C   . ALA A 1 39  ? -8.921  3.127   2.853   1.00 10.74 ? 38  ALA A C   1 
ATOM   218  O  O   . ALA A 1 39  ? -9.629  2.380   3.504   1.00 12.15 ? 38  ALA A O   1 
ATOM   219  C  CB  . ALA A 1 39  ? -6.907  2.279   1.638   1.00 10.93 ? 38  ALA A CB  1 
ATOM   220  N  N   . SER A 1 40  ? -8.623  4.363   3.283   1.00 10.59 ? 39  SER A N   1 
ATOM   221  C  CA  . SER A 1 40  ? -9.240  4.888   4.503   1.00 11.42 ? 39  SER A CA  1 
ATOM   222  C  C   . SER A 1 40  ? -10.723 5.047   4.396   1.00 10.88 ? 39  SER A C   1 
ATOM   223  O  O   . SER A 1 40  ? -11.468 4.792   5.345   1.00 11.22 ? 39  SER A O   1 
ATOM   224  C  CB  . SER A 1 40  ? -8.648  6.236   4.913   1.00 12.79 ? 39  SER A CB  1 
ATOM   225  O  OG  . SER A 1 40  ? -7.575  5.971   5.775   1.00 16.67 ? 39  SER A OG  1 
ATOM   226  N  N   . ILE A 1 41  ? -11.180 5.545   3.258   1.00 10.28 ? 40  ILE A N   1 
ATOM   227  C  CA  . ILE A 1 41  ? -12.629 5.687   3.048   1.00 10.47 ? 40  ILE A CA  1 
ATOM   228  C  C   . ILE A 1 41  ? -13.327 4.317   3.160   1.00 10.73 ? 40  ILE A C   1 
ATOM   229  O  O   . ILE A 1 41  ? -14.317 4.162   3.878   1.00 10.28 ? 40  ILE A O   1 
ATOM   230  C  CB  . ILE A 1 41  ? -12.892 6.358   1.699   1.00 11.18 ? 40  ILE A CB  1 
ATOM   231  C  CG1 . ILE A 1 41  ? -12.398 7.800   1.722   1.00 10.61 ? 40  ILE A CG1 1 
ATOM   232  C  CG2 . ILE A 1 41  ? -14.360 6.344   1.305   1.00 12.57 ? 40  ILE A CG2 1 
ATOM   233  C  CD1 . ILE A 1 41  ? -12.593 8.507   0.387   1.00 16.67 ? 40  ILE A CD1 1 
ATOM   234  N  N   . SER A 1 42  ? -12.791 3.331   2.470   1.00 10.46 ? 41  SER A N   1 
ATOM   235  C  CA  . SER A 1 42  ? -13.312 1.968   2.485   1.00 10.29 ? 41  SER A CA  1 
ATOM   236  C  C   . SER A 1 42  ? -13.360 1.420   3.908   1.00 10.45 ? 41  SER A C   1 
ATOM   237  O  O   . SER A 1 42  ? -14.364 0.855   4.353   1.00 9.89  ? 41  SER A O   1 
ATOM   238  C  CB  . SER A 1 42  ? -12.432 1.076   1.611   1.00 10.73 ? 41  SER A CB  1 
ATOM   239  O  OG  . SER A 1 42  ? -12.858 -0.274  1.584   1.00 10.22 ? 41  SER A OG  1 
ATOM   240  N  N   . ALA A 1 43  ? -12.274 1.599   4.643   1.00 10.78 ? 42  ALA A N   1 
ATOM   241  C  CA  . ALA A 1 43  ? -12.203 1.095   6.015   1.00 11.73 ? 42  ALA A CA  1 
ATOM   242  C  C   . ALA A 1 43  ? -13.239 1.778   6.895   1.00 12.05 ? 42  ALA A C   1 
ATOM   243  O  O   . ALA A 1 43  ? -13.912 1.118   7.698   1.00 11.69 ? 42  ALA A O   1 
ATOM   244  C  CB  . ALA A 1 43  ? -10.797 1.300   6.587   1.00 11.65 ? 42  ALA A CB  1 
ATOM   245  N  N   . SER A 1 44  ? -13.407 3.087   6.697   1.00 11.85 ? 43  SER A N   1 
ATOM   246  C  CA  A SER A 1 44  ? -14.376 3.870   7.466   0.60 12.18 ? 43  SER A CA  1 
ATOM   247  C  CA  B SER A 1 44  ? -14.379 3.875   7.459   0.40 12.48 ? 43  SER A CA  1 
ATOM   248  C  C   . SER A 1 44  ? -15.832 3.445   7.217   1.00 12.09 ? 43  SER A C   1 
ATOM   249  O  O   . SER A 1 44  ? -16.714 3.677   8.058   1.00 12.77 ? 43  SER A O   1 
ATOM   250  C  CB  A SER A 1 44  ? -14.206 5.361   7.152   0.60 12.52 ? 43  SER A CB  1 
ATOM   251  C  CB  B SER A 1 44  ? -14.219 5.360   7.123   0.40 12.77 ? 43  SER A CB  1 
ATOM   252  O  OG  A SER A 1 44  ? -14.941 5.735   5.994   0.60 12.53 ? 43  SER A OG  1 
ATOM   253  O  OG  B SER A 1 44  ? -12.964 5.853   7.546   0.40 14.83 ? 43  SER A OG  1 
HETATM 254  N  N   . MSE A 1 45  ? -16.087 2.807   6.076   1.00 11.80 ? 44  MSE A N   1 
HETATM 255  C  CA  . MSE A 1 45  ? -17.375 2.256   5.710   1.00 11.61 ? 44  MSE A CA  1 
HETATM 256  C  C   . MSE A 1 45  ? -17.557 0.817   6.201   1.00 12.08 ? 44  MSE A C   1 
HETATM 257  O  O   . MSE A 1 45  ? -18.577 0.173   5.895   1.00 13.37 ? 44  MSE A O   1 
HETATM 258  C  CB  . MSE A 1 45  ? -17.546 2.287   4.184   1.00 11.55 ? 44  MSE A CB  1 
HETATM 259  C  CG  . MSE A 1 45  ? -17.544 3.698   3.574   1.00 9.97  ? 44  MSE A CG  1 
HETATM 260  SE SE  . MSE A 1 45  ? -17.269 3.740   1.643   0.75 10.99 ? 44  MSE A SE  1 
HETATM 261  C  CE  . MSE A 1 45  ? -19.096 3.362   1.143   1.00 15.13 ? 44  MSE A CE  1 
ATOM   262  N  N   . GLU A 1 46  ? -16.574 0.351   6.972   1.00 12.00 ? 45  GLU A N   1 
ATOM   263  C  CA  A GLU A 1 46  ? -16.547 -0.964  7.621   0.50 12.27 ? 45  GLU A CA  1 
ATOM   264  C  CA  B GLU A 1 46  ? -16.578 -0.963  7.627   0.50 12.46 ? 45  GLU A CA  1 
ATOM   265  C  C   . GLU A 1 46  ? -16.320 -2.133  6.668   1.00 12.09 ? 45  GLU A C   1 
ATOM   266  O  O   . GLU A 1 46  ? -16.730 -3.264  6.918   1.00 13.80 ? 45  GLU A O   1 
ATOM   267  C  CB  A GLU A 1 46  ? -17.785 -1.174  8.501   0.50 12.14 ? 45  GLU A CB  1 
ATOM   268  C  CB  B GLU A 1 46  ? -17.871 -1.189  8.440   0.50 12.52 ? 45  GLU A CB  1 
ATOM   269  C  CG  A GLU A 1 46  ? -17.945 -0.100  9.543   0.50 13.65 ? 45  GLU A CG  1 
ATOM   270  C  CG  B GLU A 1 46  ? -18.294 -0.035  9.351   0.50 14.48 ? 45  GLU A CG  1 
ATOM   271  C  CD  A GLU A 1 46  ? -19.162 -0.293  10.401  0.50 15.75 ? 45  GLU A CD  1 
ATOM   272  C  CD  B GLU A 1 46  ? -17.361 0.166   10.533  0.50 18.07 ? 45  GLU A CD  1 
ATOM   273  O  OE1 A GLU A 1 46  ? -19.729 -1.408  10.409  0.50 18.18 ? 45  GLU A OE1 1 
ATOM   274  O  OE1 B GLU A 1 46  ? -16.496 -0.708  10.772  0.50 21.31 ? 45  GLU A OE1 1 
ATOM   275  O  OE2 A GLU A 1 46  ? -19.540 0.689   11.071  0.50 18.65 ? 45  GLU A OE2 1 
ATOM   276  O  OE2 B GLU A 1 46  ? -17.496 1.191   11.239  0.50 20.30 ? 45  GLU A OE2 1 
ATOM   277  N  N   . TYR A 1 47  ? -15.636 -1.859  5.569   1.00 11.22 ? 46  TYR A N   1 
ATOM   278  C  CA  . TYR A 1 47  ? -15.168 -2.903  4.680   1.00 11.00 ? 46  TYR A CA  1 
ATOM   279  C  C   . TYR A 1 47  ? -13.775 -3.303  5.108   1.00 11.64 ? 46  TYR A C   1 
ATOM   280  O  O   . TYR A 1 47  ? -12.965 -2.443  5.451   1.00 11.28 ? 46  TYR A O   1 
ATOM   281  C  CB  . TYR A 1 47  ? -15.126 -2.420  3.224   1.00 11.73 ? 46  TYR A CB  1 
ATOM   282  C  CG  . TYR A 1 47  ? -16.486 -2.148  2.673   1.00 11.98 ? 46  TYR A CG  1 
ATOM   283  C  CD1 . TYR A 1 47  ? -17.384 -3.170  2.510   1.00 13.52 ? 46  TYR A CD1 1 
ATOM   284  C  CD2 . TYR A 1 47  ? -16.889 -0.875  2.334   1.00 10.11 ? 46  TYR A CD2 1 
ATOM   285  C  CE1 . TYR A 1 47  ? -18.678 -2.937  2.054   1.00 12.27 ? 46  TYR A CE1 1 
ATOM   286  C  CE2 . TYR A 1 47  ? -18.163 -0.634  1.882   1.00 10.75 ? 46  TYR A CE2 1 
ATOM   287  C  CZ  . TYR A 1 47  ? -19.044 -1.656  1.724   1.00 11.11 ? 46  TYR A CZ  1 
ATOM   288  O  OH  . TYR A 1 47  ? -20.330 -1.440  1.284   1.00 11.79 ? 46  TYR A OH  1 
ATOM   289  N  N   . GLU A 1 48  ? -13.504 -4.597  5.110   1.00 10.72 ? 47  GLU A N   1 
ATOM   290  C  CA  A GLU A 1 48  ? -12.158 -5.082  5.391   0.50 11.78 ? 47  GLU A CA  1 
ATOM   291  C  CA  B GLU A 1 48  ? -12.169 -5.104  5.391   0.50 11.99 ? 47  GLU A CA  1 
ATOM   292  C  C   . GLU A 1 48  ? -11.315 -4.724  4.196   1.00 11.75 ? 47  GLU A C   1 
ATOM   293  O  O   . GLU A 1 48  ? -11.569 -5.174  3.098   1.00 11.55 ? 47  GLU A O   1 
ATOM   294  C  CB  A GLU A 1 48  ? -12.140 -6.585  5.613   0.50 12.57 ? 47  GLU A CB  1 
ATOM   295  C  CB  B GLU A 1 48  ? -12.244 -6.620  5.587   0.50 12.95 ? 47  GLU A CB  1 
ATOM   296  C  CG  A GLU A 1 48  ? -12.900 -7.051  6.829   0.50 14.86 ? 47  GLU A CG  1 
ATOM   297  C  CG  B GLU A 1 48  ? -10.932 -7.347  5.827   0.50 15.95 ? 47  GLU A CG  1 
ATOM   298  C  CD  A GLU A 1 48  ? -12.696 -8.524  7.087   0.50 18.22 ? 47  GLU A CD  1 
ATOM   299  C  CD  B GLU A 1 48  ? -11.089 -8.844  5.634   0.50 21.35 ? 47  GLU A CD  1 
ATOM   300  O  OE1 A GLU A 1 48  ? -11.750 -9.093  6.497   0.50 21.15 ? 47  GLU A OE1 1 
ATOM   301  O  OE1 B GLU A 1 48  ? -12.138 -9.389  6.060   0.50 23.92 ? 47  GLU A OE1 1 
ATOM   302  O  OE2 A GLU A 1 48  ? -13.475 -9.108  7.860   0.50 18.81 ? 47  GLU A OE2 1 
ATOM   303  O  OE2 B GLU A 1 48  ? -10.176 -9.468  5.033   0.50 26.18 ? 47  GLU A OE2 1 
ATOM   304  N  N   . THR A 1 49  ? -10.310 -3.884  4.417   1.00 11.36 ? 48  THR A N   1 
ATOM   305  C  CA  . THR A 1 49  ? -9.599  -3.248  3.321   1.00 11.03 ? 48  THR A CA  1 
ATOM   306  C  C   . THR A 1 49  ? -8.107  -3.571  3.365   1.00 11.50 ? 48  THR A C   1 
ATOM   307  O  O   . THR A 1 49  ? -7.490  -3.490  4.438   1.00 11.49 ? 48  THR A O   1 
ATOM   308  C  CB  . THR A 1 49  ? -9.816  -1.718  3.404   1.00 10.45 ? 48  THR A CB  1 
ATOM   309  O  OG1 . THR A 1 49  ? -11.230 -1.418  3.428   1.00 11.29 ? 48  THR A OG1 1 
ATOM   310  C  CG2 . THR A 1 49  ? -9.183  -1.017  2.238   1.00 11.95 ? 48  THR A CG2 1 
ATOM   311  N  N   . SER A 1 50  ? -7.560  -3.956  2.213   1.00 11.05 ? 49  SER A N   1 
ATOM   312  C  CA  . SER A 1 50  ? -6.142  -4.274  2.064   1.00 10.87 ? 49  SER A CA  1 
ATOM   313  C  C   . SER A 1 50  ? -5.574  -3.441  0.900   1.00 10.83 ? 49  SER A C   1 
ATOM   314  O  O   . SER A 1 50  ? -6.268  -3.161  -0.064  1.00 11.23 ? 49  SER A O   1 
ATOM   315  C  CB  . SER A 1 50  ? -5.938  -5.753  1.751   1.00 12.89 ? 49  SER A CB  1 
ATOM   316  O  OG  . SER A 1 50  ? -6.473  -6.550  2.801   1.00 16.52 ? 49  SER A OG  1 
ATOM   317  N  N   . VAL A 1 51  ? -4.289  -3.096  1.008   1.00 10.65 ? 50  VAL A N   1 
ATOM   318  C  CA  . VAL A 1 51  ? -3.536  -2.465  -0.070  1.00 9.71  ? 50  VAL A CA  1 
ATOM   319  C  C   . VAL A 1 51  ? -2.333  -3.330  -0.460  1.00 10.41 ? 50  VAL A C   1 
ATOM   320  O  O   . VAL A 1 51  ? -1.610  -3.835  0.425   1.00 12.09 ? 50  VAL A O   1 
ATOM   321  C  CB  . VAL A 1 51  ? -3.048  -1.058  0.318   1.00 9.98  ? 50  VAL A CB  1 
ATOM   322  C  CG1 . VAL A 1 51  ? -2.272  -0.418  -0.834  1.00 10.29 ? 50  VAL A CG1 1 
ATOM   323  C  CG2 . VAL A 1 51  ? -4.245  -0.184  0.706   1.00 12.25 ? 50  VAL A CG2 1 
ATOM   324  N  N   . PHE A 1 52  ? -2.138  -3.526  -1.759  1.00 10.07 ? 51  PHE A N   1 
ATOM   325  C  CA  . PHE A 1 52  ? -1.073  -4.352  -2.305  1.00 9.87  ? 51  PHE A CA  1 
ATOM   326  C  C   . PHE A 1 52  ? -0.186  -3.475  -3.165  1.00 10.07 ? 51  PHE A C   1 
ATOM   327  O  O   . PHE A 1 52  ? -0.641  -2.897  -4.140  1.00 10.13 ? 51  PHE A O   1 
ATOM   328  C  CB  . PHE A 1 52  ? -1.683  -5.488  -3.143  1.00 10.14 ? 51  PHE A CB  1 
ATOM   329  C  CG  . PHE A 1 52  ? -0.716  -6.560  -3.527  1.00 9.55  ? 51  PHE A CG  1 
ATOM   330  C  CD1 . PHE A 1 52  ? 0.043   -6.443  -4.667  1.00 10.21 ? 51  PHE A CD1 1 
ATOM   331  C  CD2 . PHE A 1 52  ? -0.562  -7.701  -2.749  1.00 10.45 ? 51  PHE A CD2 1 
ATOM   332  C  CE1 . PHE A 1 52  ? 0.963   -7.440  -5.055  1.00 10.35 ? 51  PHE A CE1 1 
ATOM   333  C  CE2 . PHE A 1 52  ? 0.331   -8.710  -3.142  1.00 10.15 ? 51  PHE A CE2 1 
ATOM   334  C  CZ  . PHE A 1 52  ? 1.113   -8.583  -4.271  1.00 9.48  ? 51  PHE A CZ  1 
ATOM   335  N  N   . PHE A 1 53  ? 1.081   -3.342  -2.740  1.00 10.03 ? 52  PHE A N   1 
ATOM   336  C  CA  . PHE A 1 53  ? 2.091   -2.538  -3.419  1.00 9.36  ? 52  PHE A CA  1 
ATOM   337  C  C   . PHE A 1 53  ? 2.973   -3.381  -4.340  1.00 9.12  ? 52  PHE A C   1 
ATOM   338  O  O   . PHE A 1 53  ? 3.568   -4.381  -3.925  1.00 9.39  ? 52  PHE A O   1 
ATOM   339  C  CB  . PHE A 1 53  ? 2.981   -1.798  -2.402  1.00 9.43  ? 52  PHE A CB  1 
ATOM   340  C  CG  . PHE A 1 53  ? 2.247   -0.821  -1.498  1.00 10.04 ? 52  PHE A CG  1 
ATOM   341  C  CD1 . PHE A 1 53  ? 1.671   -1.244  -0.326  1.00 10.97 ? 52  PHE A CD1 1 
ATOM   342  C  CD2 . PHE A 1 53  ? 2.217   0.537   -1.789  1.00 9.85  ? 52  PHE A CD2 1 
ATOM   343  C  CE1 . PHE A 1 53  ? 1.027   -0.319  0.520   1.00 10.45 ? 52  PHE A CE1 1 
ATOM   344  C  CE2 . PHE A 1 53  ? 1.603   1.439   -0.956  1.00 10.17 ? 52  PHE A CE2 1 
ATOM   345  C  CZ  . PHE A 1 53  ? 1.023   1.021   0.196   1.00 8.76  ? 52  PHE A CZ  1 
HETATM 346  N  N   . MSE A 1 54  ? 3.111   -2.914  -5.577  1.00 9.47  ? 53  MSE A N   1 
HETATM 347  C  CA  . MSE A 1 54  ? 3.896   -3.623  -6.565  1.00 10.09 ? 53  MSE A CA  1 
HETATM 348  C  C   . MSE A 1 54  ? 4.335   -2.690  -7.679  1.00 10.21 ? 53  MSE A C   1 
HETATM 349  O  O   . MSE A 1 54  ? 3.992   -1.523  -7.697  1.00 10.06 ? 53  MSE A O   1 
HETATM 350  C  CB  . MSE A 1 54  ? 3.064   -4.784  -7.140  1.00 10.31 ? 53  MSE A CB  1 
HETATM 351  C  CG  . MSE A 1 54  ? 1.779   -4.353  -7.869  1.00 9.77  ? 53  MSE A CG  1 
HETATM 352  SE SE  . MSE A 1 54  ? 0.725   -5.728  -8.637  0.75 11.21 ? 53  MSE A SE  1 
HETATM 353  C  CE  . MSE A 1 54  ? 1.963   -6.392  -9.759  1.00 12.68 ? 53  MSE A CE  1 
ATOM   354  N  N   . ILE A 1 55  ? 5.138   -3.232  -8.591  1.00 10.24 ? 54  ILE A N   1 
ATOM   355  C  CA  . ILE A 1 55  ? 5.834   -2.457  -9.629  1.00 9.76  ? 54  ILE A CA  1 
ATOM   356  C  C   . ILE A 1 55  ? 6.674   -1.410  -8.923  1.00 9.98  ? 54  ILE A C   1 
ATOM   357  O  O   . ILE A 1 55  ? 7.605   -1.795  -8.256  1.00 10.26 ? 54  ILE A O   1 
ATOM   358  C  CB  . ILE A 1 55  ? 4.907   -1.946  -10.769 1.00 10.40 ? 54  ILE A CB  1 
ATOM   359  C  CG1 . ILE A 1 55  ? 4.020   -3.079  -11.276 1.00 10.13 ? 54  ILE A CG1 1 
ATOM   360  C  CG2 . ILE A 1 55  ? 5.737   -1.419  -11.929 1.00 9.49  ? 54  ILE A CG2 1 
ATOM   361  C  CD1 . ILE A 1 55  ? 3.200   -2.781  -12.535 1.00 11.34 ? 54  ILE A CD1 1 
HETATM 362  N  N   . MLY A 1 56  ? 6.340   -0.122  -9.000  1.00 10.26 ? 55  MLY A N   1 
HETATM 363  C  CA  . MLY A 1 56  ? 7.140   0.917   -8.310  1.00 10.56 ? 55  MLY A CA  1 
HETATM 364  C  CB  . MLY A 1 56  ? 7.229   2.201   -9.138  1.00 12.20 ? 55  MLY A CB  1 
HETATM 365  C  CG  . MLY A 1 56  ? 8.068   2.062   -10.378 1.00 14.92 ? 55  MLY A CG  1 
HETATM 366  C  CD  . MLY A 1 56  ? 9.525   1.844   -10.096 1.00 19.94 ? 55  MLY A CD  1 
HETATM 367  C  CE  . MLY A 1 56  ? 10.402  2.299   -11.270 1.00 24.73 ? 55  MLY A CE  1 
HETATM 368  N  NZ  . MLY A 1 56  ? 9.722   2.154   -12.591 1.00 28.79 ? 55  MLY A NZ  1 
HETATM 369  C  C   . MLY A 1 56  ? 6.555   1.253   -6.956  1.00 9.95  ? 55  MLY A C   1 
HETATM 370  O  O   . MLY A 1 56  ? 7.202   1.988   -6.176  1.00 9.90  ? 55  MLY A O   1 
ATOM   371  N  N   . GLY A 1 57  ? 5.352   0.763   -6.648  1.00 10.20 ? 56  GLY A N   1 
ATOM   372  C  CA  . GLY A 1 57  ? 4.747   0.908   -5.311  1.00 10.25 ? 56  GLY A CA  1 
ATOM   373  C  C   . GLY A 1 57  ? 5.641   0.650   -4.112  1.00 9.78  ? 56  GLY A C   1 
ATOM   374  O  O   . GLY A 1 57  ? 5.568   1.372   -3.145  1.00 10.19 ? 56  GLY A O   1 
ATOM   375  N  N   . PRO A 1 58  ? 6.508   -0.381  -4.173  1.00 9.38  ? 57  PRO A N   1 
ATOM   376  C  CA  . PRO A 1 58  ? 7.361   -0.670  -3.019  1.00 9.03  ? 57  PRO A CA  1 
ATOM   377  C  C   . PRO A 1 58  ? 8.259   0.482   -2.595  1.00 9.07  ? 57  PRO A C   1 
ATOM   378  O  O   . PRO A 1 58  ? 8.644   0.545   -1.436  1.00 9.36  ? 57  PRO A O   1 
ATOM   379  C  CB  . PRO A 1 58  ? 8.163   -1.875  -3.485  1.00 8.92  ? 57  PRO A CB  1 
ATOM   380  C  CG  . PRO A 1 58  ? 7.235   -2.564  -4.418  1.00 9.88  ? 57  PRO A CG  1 
ATOM   381  C  CD  . PRO A 1 58  ? 6.651   -1.441  -5.189  1.00 8.54  ? 57  PRO A CD  1 
HETATM 382  N  N   . MLY A 1 59  ? 8.575   1.400   -3.521  1.00 8.89  ? 58  MLY A N   1 
HETATM 383  C  CA  . MLY A 1 59  ? 9.453   2.555   -3.210  1.00 10.27 ? 58  MLY A CA  1 
HETATM 384  C  CB  . MLY A 1 59  ? 9.808   3.320   -4.478  1.00 9.76  ? 58  MLY A CB  1 
HETATM 385  C  CG  . MLY A 1 59  ? 10.914  2.651   -5.287  1.00 14.17 ? 58  MLY A CG  1 
HETATM 386  C  CD  . MLY A 1 59  ? 12.320  3.017   -4.753  1.00 20.63 ? 58  MLY A CD  1 
HETATM 387  C  C   . MLY A 1 59  ? 8.779   3.452   -2.177  1.00 9.54  ? 58  MLY A C   1 
HETATM 388  O  O   . MLY A 1 59  ? 9.463   4.108   -1.384  1.00 10.97 ? 58  MLY A O   1 
ATOM   389  N  N   . LEU A 1 60  ? 7.449   3.433   -2.125  1.00 9.77  ? 59  LEU A N   1 
ATOM   390  C  CA  . LEU A 1 60  ? 6.703   4.229   -1.157  1.00 9.67  ? 59  LEU A CA  1 
ATOM   391  C  C   . LEU A 1 60  ? 6.902   3.737   0.272   1.00 10.58 ? 59  LEU A C   1 
ATOM   392  O  O   . LEU A 1 60  ? 6.566   4.435   1.236   1.00 9.89  ? 59  LEU A O   1 
ATOM   393  C  CB  . LEU A 1 60  ? 5.220   4.156   -1.487  1.00 9.25  ? 59  LEU A CB  1 
ATOM   394  C  CG  . LEU A 1 60  ? 4.736   4.763   -2.797  1.00 9.51  ? 59  LEU A CG  1 
ATOM   395  C  CD1 . LEU A 1 60  ? 3.299   4.284   -3.133  1.00 8.93  ? 59  LEU A CD1 1 
ATOM   396  C  CD2 . LEU A 1 60  ? 4.819   6.301   -2.745  1.00 12.33 ? 59  LEU A CD2 1 
ATOM   397  N  N   . LEU A 1 61  ? 7.386   2.502   0.406   1.00 9.95  ? 60  LEU A N   1 
ATOM   398  C  CA  . LEU A 1 61  ? 7.530   1.803   1.685   1.00 10.02 ? 60  LEU A CA  1 
ATOM   399  C  C   . LEU A 1 61  ? 8.966   1.772   2.185   1.00 10.45 ? 60  LEU A C   1 
ATOM   400  O  O   . LEU A 1 61  ? 9.270   1.117   3.191   1.00 10.16 ? 60  LEU A O   1 
ATOM   401  C  CB  . LEU A 1 61  ? 7.028   0.363   1.509   1.00 10.24 ? 60  LEU A CB  1 
ATOM   402  C  CG  . LEU A 1 61  ? 5.630   0.229   0.927   1.00 10.41 ? 60  LEU A CG  1 
ATOM   403  C  CD1 . LEU A 1 61  ? 5.238   -1.267  0.819   1.00 10.88 ? 60  LEU A CD1 1 
ATOM   404  C  CD2 . LEU A 1 61  ? 4.590   0.986   1.751   1.00 10.85 ? 60  LEU A CD2 1 
ATOM   405  N  N   . ASP A 1 62  ? 9.856   2.442   1.472   1.00 9.43  ? 61  ASP A N   1 
ATOM   406  C  CA  . ASP A 1 62  ? 11.250  2.510   1.869   1.00 9.84  ? 61  ASP A CA  1 
ATOM   407  C  C   . ASP A 1 62  ? 11.372  3.299   3.158   1.00 10.31 ? 61  ASP A C   1 
ATOM   408  O  O   . ASP A 1 62  ? 10.855  4.417   3.275   1.00 10.37 ? 61  ASP A O   1 
ATOM   409  C  CB  . ASP A 1 62  ? 12.061  3.167   0.764   1.00 9.92  ? 61  ASP A CB  1 
ATOM   410  C  CG  . ASP A 1 62  ? 13.537  3.182   1.071   1.00 11.85 ? 61  ASP A CG  1 
ATOM   411  O  OD1 . ASP A 1 62  ? 14.157  2.094   1.102   1.00 13.28 ? 61  ASP A OD1 1 
ATOM   412  O  OD2 . ASP A 1 62  ? 14.051  4.278   1.354   1.00 12.00 ? 61  ASP A OD2 1 
HETATM 413  N  N   . MLY A 1 63  ? 12.030  2.707   4.143   1.00 10.52 ? 62  MLY A N   1 
HETATM 414  C  CA  . MLY A 1 63  ? 12.273  3.363   5.435   1.00 10.57 ? 62  MLY A CA  1 
HETATM 415  C  CB  . MLY A 1 63  ? 13.122  2.468   6.336   1.00 10.37 ? 62  MLY A CB  1 
HETATM 416  C  CG  . MLY A 1 63  ? 12.396  1.268   6.887   1.00 12.54 ? 62  MLY A CG  1 
HETATM 417  C  CD  . MLY A 1 63  ? 13.364  0.331   7.642   1.00 13.72 ? 62  MLY A CD  1 
HETATM 418  C  CE  . MLY A 1 63  ? 12.653  -0.895  8.213   1.00 14.40 ? 62  MLY A CE  1 
HETATM 419  N  NZ  . MLY A 1 63  ? 13.582  -1.958  8.744   1.00 17.60 ? 62  MLY A NZ  1 
HETATM 420  C  CH1 . MLY A 1 63  ? 14.443  -1.422  9.795   1.00 17.65 ? 62  MLY A CH1 1 
HETATM 421  C  CH2 . MLY A 1 63  ? 12.774  -3.079  9.256   1.00 17.81 ? 62  MLY A CH2 1 
HETATM 422  C  C   . MLY A 1 63  ? 12.918  4.746   5.334   1.00 10.17 ? 62  MLY A C   1 
HETATM 423  O  O   . MLY A 1 63  ? 12.453  5.692   5.956   1.00 10.78 ? 62  MLY A O   1 
HETATM 424  N  N   . MLY A 1 64  ? 13.985  4.850   4.563   1.00 10.41 ? 63  MLY A N   1 
HETATM 425  C  CA  . MLY A 1 64  ? 14.706  6.127   4.499   1.00 10.11 ? 63  MLY A CA  1 
HETATM 426  C  CB  . MLY A 1 64  ? 16.092  5.951   3.855   1.00 10.34 ? 63  MLY A CB  1 
HETATM 427  C  CG  . MLY A 1 64  ? 17.047  5.130   4.728   1.00 12.67 ? 63  MLY A CG  1 
HETATM 428  C  CD  . MLY A 1 64  ? 18.458  5.053   4.171   1.00 14.85 ? 63  MLY A CD  1 
HETATM 429  C  CE  . MLY A 1 64  ? 18.560  4.313   2.851   1.00 19.32 ? 63  MLY A CE  1 
HETATM 430  N  NZ  . MLY A 1 64  ? 18.138  2.891   2.928   1.00 21.34 ? 63  MLY A NZ  1 
HETATM 431  C  CH1 . MLY A 1 64  ? 18.331  2.257   1.616   1.00 23.32 ? 63  MLY A CH1 1 
HETATM 432  C  CH2 . MLY A 1 64  ? 18.880  2.172   3.967   1.00 20.95 ? 63  MLY A CH2 1 
HETATM 433  C  C   . MLY A 1 64  ? 13.878  7.185   3.772   1.00 10.33 ? 63  MLY A C   1 
HETATM 434  O  O   . MLY A 1 64  ? 13.811  8.332   4.208   1.00 10.01 ? 63  MLY A O   1 
ATOM   435  N  N   . TRP A 1 65  ? 13.231  6.810   2.676   1.00 10.14 ? 64  TRP A N   1 
ATOM   436  C  CA  . TRP A 1 65  ? 12.355  7.737   1.951   1.00 9.04  ? 64  TRP A CA  1 
ATOM   437  C  C   . TRP A 1 65  ? 11.237  8.243   2.872   1.00 8.35  ? 64  TRP A C   1 
ATOM   438  O  O   . TRP A 1 65  ? 10.992  9.449   2.973   1.00 8.53  ? 64  TRP A O   1 
ATOM   439  C  CB  . TRP A 1 65  ? 11.739  7.096   0.685   1.00 9.54  ? 64  TRP A CB  1 
ATOM   440  C  CG  . TRP A 1 65  ? 10.896  8.059   -0.095  1.00 8.57  ? 64  TRP A CG  1 
ATOM   441  C  CD1 . TRP A 1 65  ? 11.333  9.095   -0.877  1.00 10.27 ? 64  TRP A CD1 1 
ATOM   442  C  CD2 . TRP A 1 65  ? 9.479   8.135   -0.112  1.00 8.18  ? 64  TRP A CD2 1 
ATOM   443  N  NE1 . TRP A 1 65  ? 10.287  9.778   -1.381  1.00 10.87 ? 64  TRP A NE1 1 
ATOM   444  C  CE2 . TRP A 1 65  ? 9.127   9.222   -0.929  1.00 8.36  ? 64  TRP A CE2 1 
ATOM   445  C  CE3 . TRP A 1 65  ? 8.461   7.389   0.489   1.00 9.67  ? 64  TRP A CE3 1 
ATOM   446  C  CZ2 . TRP A 1 65  ? 7.805   9.574   -1.168  1.00 9.37  ? 64  TRP A CZ2 1 
ATOM   447  C  CZ3 . TRP A 1 65  ? 7.139   7.751   0.266   1.00 10.02 ? 64  TRP A CZ3 1 
ATOM   448  C  CH2 . TRP A 1 65  ? 6.828   8.840   -0.570  1.00 9.45  ? 64  TRP A CH2 1 
ATOM   449  N  N   . GLN A 1 66  ? 10.548  7.330   3.554   1.00 8.72  ? 65  GLN A N   1 
ATOM   450  C  CA  . GLN A 1 66  ? 9.473   7.770   4.445   1.00 8.10  ? 65  GLN A CA  1 
ATOM   451  C  C   . GLN A 1 66  ? 10.005  8.699   5.551   1.00 7.96  ? 65  GLN A C   1 
ATOM   452  O  O   . GLN A 1 66  ? 9.367   9.686   5.883   1.00 8.39  ? 65  GLN A O   1 
ATOM   453  C  CB  . GLN A 1 66  ? 8.737   6.574   5.072   1.00 7.80  ? 65  GLN A CB  1 
ATOM   454  C  CG  . GLN A 1 66  ? 7.816   5.863   4.102   1.00 8.70  ? 65  GLN A CG  1 
ATOM   455  C  CD  . GLN A 1 66  ? 6.587   5.274   4.775   1.00 8.65  ? 65  GLN A CD  1 
ATOM   456  O  OE1 . GLN A 1 66  ? 6.344   5.435   5.975   1.00 11.47 ? 65  GLN A OE1 1 
ATOM   457  N  NE2 . GLN A 1 66  ? 5.774   4.589   3.968   1.00 8.58  ? 65  GLN A NE2 1 
ATOM   458  N  N   . GLU A 1 67  ? 11.140  8.355   6.168   1.00 7.38  ? 66  GLU A N   1 
ATOM   459  C  CA  A GLU A 1 67  ? 11.699  9.209   7.193   0.50 7.52  ? 66  GLU A CA  1 
ATOM   460  C  CA  B GLU A 1 67  ? 11.790  9.190   7.190   0.50 8.19  ? 66  GLU A CA  1 
ATOM   461  C  C   . GLU A 1 67  ? 12.032  10.599  6.630   1.00 7.70  ? 66  GLU A C   1 
ATOM   462  O  O   . GLU A 1 67  ? 11.732  11.617  7.272   1.00 8.02  ? 66  GLU A O   1 
ATOM   463  C  CB  A GLU A 1 67  ? 12.907  8.544   7.823   0.50 7.51  ? 66  GLU A CB  1 
ATOM   464  C  CB  B GLU A 1 67  ? 13.146  8.599   7.618   0.50 8.99  ? 66  GLU A CB  1 
ATOM   465  C  CG  A GLU A 1 67  ? 13.518  9.344   8.952   0.50 8.29  ? 66  GLU A CG  1 
ATOM   466  C  CG  B GLU A 1 67  ? 13.157  7.296   8.431   0.50 12.00 ? 66  GLU A CG  1 
ATOM   467  C  CD  A GLU A 1 67  ? 12.598  9.420   10.149  0.50 11.34 ? 66  GLU A CD  1 
ATOM   468  C  CD  B GLU A 1 67  ? 14.584  6.725   8.613   0.50 14.27 ? 66  GLU A CD  1 
ATOM   469  O  OE1 A GLU A 1 67  ? 11.529  8.753   10.107  0.50 17.09 ? 66  GLU A OE1 1 
ATOM   470  O  OE1 B GLU A 1 67  ? 15.456  7.447   9.159   0.50 18.31 ? 66  GLU A OE1 1 
ATOM   471  O  OE2 A GLU A 1 67  ? 12.947  10.111  11.126  0.50 16.91 ? 66  GLU A OE2 1 
ATOM   472  O  OE2 B GLU A 1 67  ? 14.829  5.555   8.221   0.50 17.89 ? 66  GLU A OE2 1 
ATOM   473  N  N   . GLU A 1 68  ? 12.636  10.646  5.446   1.00 7.24  ? 67  GLU A N   1 
ATOM   474  C  CA  . GLU A 1 68  ? 12.893  11.914  4.805   1.00 7.04  ? 67  GLU A CA  1 
ATOM   475  C  C   . GLU A 1 68  ? 11.639  12.746  4.626   1.00 6.12  ? 67  GLU A C   1 
ATOM   476  O  O   . GLU A 1 68  ? 11.625  13.957  4.921   1.00 6.68  ? 67  GLU A O   1 
ATOM   477  C  CB  . GLU A 1 68  ? 13.593  11.736  3.448   1.00 6.95  ? 67  GLU A CB  1 
ATOM   478  C  CG  . GLU A 1 68  ? 15.001  11.220  3.563   1.00 9.60  ? 67  GLU A CG  1 
ATOM   479  C  CD  . GLU A 1 68  ? 15.564  10.671  2.289   1.00 13.81 ? 67  GLU A CD  1 
ATOM   480  O  OE1 . GLU A 1 68  ? 14.807  10.421  1.325   1.00 14.74 ? 67  GLU A OE1 1 
ATOM   481  O  OE2 . GLU A 1 68  ? 16.802  10.464  2.289   1.00 20.42 ? 67  GLU A OE2 1 
ATOM   482  N  N   . GLU A 1 69  ? 10.596  12.120  4.105   1.00 6.74  ? 68  GLU A N   1 
ATOM   483  C  CA  . GLU A 1 69  ? 9.361   12.836  3.818   1.00 7.40  ? 68  GLU A CA  1 
ATOM   484  C  C   . GLU A 1 69  ? 8.650   13.279  5.085   1.00 7.13  ? 68  GLU A C   1 
ATOM   485  O  O   . GLU A 1 69  ? 8.055   14.323  5.103   1.00 7.47  ? 68  GLU A O   1 
ATOM   486  C  CB  . GLU A 1 69  ? 8.474   11.984  2.919   1.00 7.95  ? 68  GLU A CB  1 
ATOM   487  C  CG  . GLU A 1 69  ? 9.113   11.734  1.568   1.00 9.61  ? 68  GLU A CG  1 
ATOM   488  C  CD  . GLU A 1 69  ? 9.412   13.024  0.852   1.00 11.68 ? 68  GLU A CD  1 
ATOM   489  O  OE1 . GLU A 1 69  ? 8.476   13.815  0.691   1.00 12.40 ? 68  GLU A OE1 1 
ATOM   490  O  OE2 . GLU A 1 69  ? 10.578  13.287  0.478   1.00 10.97 ? 68  GLU A OE2 1 
ATOM   491  N  N   . ARG A 1 70  ? 8.688   12.463  6.118   1.00 6.72  ? 69  ARG A N   1 
ATOM   492  C  CA  . ARG A 1 70  ? 8.119   12.863  7.413   1.00 7.08  ? 69  ARG A CA  1 
ATOM   493  C  C   . ARG A 1 70  ? 8.856   14.077  7.978   1.00 5.77  ? 69  ARG A C   1 
ATOM   494  O  O   . ARG A 1 70  ? 8.246   15.013  8.492   1.00 7.66  ? 69  ARG A O   1 
ATOM   495  C  CB  . ARG A 1 70  ? 8.180   11.698  8.420   1.00 5.98  ? 69  ARG A CB  1 
ATOM   496  C  CG  . ARG A 1 70  ? 7.257   10.558  8.065   1.00 7.93  ? 69  ARG A CG  1 
ATOM   497  C  CD  . ARG A 1 70  ? 7.497   9.297   8.938   1.00 10.41 ? 69  ARG A CD  1 
ATOM   498  N  NE  . ARG A 1 70  ? 6.699   8.201   8.412   1.00 11.49 ? 69  ARG A NE  1 
ATOM   499  C  CZ  . ARG A 1 70  ? 5.376   8.108   8.556   1.00 10.02 ? 69  ARG A CZ  1 
ATOM   500  N  NH1 . ARG A 1 70  ? 4.699   9.005   9.253   1.00 9.79  ? 69  ARG A NH1 1 
ATOM   501  N  NH2 . ARG A 1 70  ? 4.725   7.104   7.973   1.00 12.66 ? 69  ARG A NH2 1 
HETATM 502  N  N   . MLY A 1 71  ? 10.190  14.085  7.882   1.00 5.84  ? 70  MLY A N   1 
HETATM 503  C  CA  . MLY A 1 71  ? 10.977  15.204  8.347   1.00 5.13  ? 70  MLY A CA  1 
HETATM 504  C  CB  . MLY A 1 71  ? 12.467  14.848  8.326   1.00 5.11  ? 70  MLY A CB  1 
HETATM 505  C  CG  . MLY A 1 71  ? 12.894  13.915  9.463   1.00 5.69  ? 70  MLY A CG  1 
HETATM 506  C  CD  . MLY A 1 71  ? 12.883  14.603  10.765  1.00 9.64  ? 70  MLY A CD  1 
HETATM 507  C  CE  . MLY A 1 71  ? 13.123  13.652  11.931  1.00 10.12 ? 70  MLY A CE  1 
HETATM 508  N  NZ  . MLY A 1 71  ? 14.468  13.005  11.904  1.00 7.21  ? 70  MLY A NZ  1 
HETATM 509  C  CH1 . MLY A 1 71  ? 15.542  14.013  11.906  1.00 9.16  ? 70  MLY A CH1 1 
HETATM 510  C  CH2 . MLY A 1 71  ? 14.617  12.093  13.064  1.00 9.79  ? 70  MLY A CH2 1 
HETATM 511  C  C   . MLY A 1 71  ? 10.750  16.504  7.548   1.00 5.22  ? 70  MLY A C   1 
HETATM 512  O  O   . MLY A 1 71  ? 10.767  17.598  8.088   1.00 5.49  ? 70  MLY A O   1 
HETATM 513  N  N   . MLY A 1 72  ? 10.557  16.352  6.242   1.00 6.14  ? 71  MLY A N   1 
HETATM 514  C  CA  . MLY A 1 72  ? 10.251  17.517  5.372   1.00 7.05  ? 71  MLY A CA  1 
HETATM 515  C  CB  . MLY A 1 72  ? 10.426  17.160  3.896   1.00 7.50  ? 71  MLY A CB  1 
HETATM 516  C  CG  . MLY A 1 72  ? 11.883  16.944  3.454   1.00 8.62  ? 71  MLY A CG  1 
HETATM 517  C  CD  . MLY A 1 72  ? 11.978  16.113  2.174   1.00 9.84  ? 71  MLY A CD  1 
HETATM 518  C  CE  . MLY A 1 72  ? 11.203  16.711  0.982   1.00 11.35 ? 71  MLY A CE  1 
HETATM 519  N  NZ  . MLY A 1 72  ? 11.186  15.806  -0.193  1.00 12.39 ? 71  MLY A NZ  1 
HETATM 520  C  CH1 . MLY A 1 72  ? 10.286  16.319  -1.243  1.00 13.95 ? 71  MLY A CH1 1 
HETATM 521  C  CH2 . MLY A 1 72  ? 12.565  15.581  -0.696  1.00 12.22 ? 71  MLY A CH2 1 
HETATM 522  C  C   . MLY A 1 72  ? 8.827   18.032  5.587   1.00 7.92  ? 71  MLY A C   1 
HETATM 523  O  O   . MLY A 1 72  ? 8.556   19.228  5.404   1.00 8.56  ? 71  MLY A O   1 
ATOM   524  N  N   . GLY A 1 73  ? 7.917   17.120  5.913   1.00 8.82  ? 72  GLY A N   1 
ATOM   525  C  CA  . GLY A 1 73  ? 6.515   17.435  6.022   1.00 9.89  ? 72  GLY A CA  1 
ATOM   526  C  C   . GLY A 1 73  ? 5.829   17.586  4.664   1.00 10.66 ? 72  GLY A C   1 
ATOM   527  O  O   . GLY A 1 73  ? 6.468   17.639  3.614   1.00 10.85 ? 72  GLY A O   1 
ATOM   528  N  N   . GLY A 1 74  ? 4.505   17.664  4.702   1.00 10.79 ? 73  GLY A N   1 
ATOM   529  C  CA  . GLY A 1 74  ? 3.741   18.096  3.543   1.00 11.45 ? 73  GLY A CA  1 
ATOM   530  C  C   . GLY A 1 74  ? 3.520   17.081  2.451   1.00 11.94 ? 73  GLY A C   1 
ATOM   531  O  O   . GLY A 1 74  ? 3.059   17.468  1.388   1.00 13.65 ? 73  GLY A O   1 
ATOM   532  N  N   . ASN A 1 75  ? 3.896   15.825  2.686   1.00 10.98 ? 74  ASN A N   1 
ATOM   533  C  CA  . ASN A 1 75  ? 3.757   14.775  1.683   1.00 11.75 ? 74  ASN A CA  1 
ATOM   534  C  C   . ASN A 1 75  ? 2.393   14.113  1.856   1.00 11.38 ? 74  ASN A C   1 
ATOM   535  O  O   . ASN A 1 75  ? 2.112   13.461  2.870   1.00 9.78  ? 74  ASN A O   1 
ATOM   536  C  CB  . ASN A 1 75  ? 4.885   13.736  1.819   1.00 11.35 ? 74  ASN A CB  1 
ATOM   537  C  CG  . ASN A 1 75  ? 4.862   12.753  0.707   1.00 12.55 ? 74  ASN A CG  1 
ATOM   538  O  OD1 . ASN A 1 75  ? 3.809   12.199  0.392   1.00 15.73 ? 74  ASN A OD1 1 
ATOM   539  N  ND2 . ASN A 1 75  ? 6.005   12.505  0.103   1.00 12.13 ? 74  ASN A ND2 1 
ATOM   540  N  N   . PRO A 1 76  ? 1.489   14.295  0.879   1.00 10.66 ? 75  PRO A N   1 
ATOM   541  C  CA  . PRO A 1 76  ? 0.154   13.733  1.071   1.00 11.78 ? 75  PRO A CA  1 
ATOM   542  C  C   . PRO A 1 76  ? 0.097   12.215  1.109   1.00 11.19 ? 75  PRO A C   1 
ATOM   543  O  O   . PRO A 1 76  ? -0.810  11.656  1.745   1.00 12.46 ? 75  PRO A O   1 
ATOM   544  C  CB  . PRO A 1 76  ? -0.625  14.259  -0.130  1.00 10.64 ? 75  PRO A CB  1 
ATOM   545  C  CG  . PRO A 1 76  ? 0.030   15.517  -0.457  1.00 13.59 ? 75  PRO A CG  1 
ATOM   546  C  CD  . PRO A 1 76  ? 1.521   15.218  -0.263  1.00 11.72 ? 75  PRO A CD  1 
ATOM   547  N  N   . PHE A 1 77  ? 1.032   11.543  0.449   1.00 10.47 ? 76  PHE A N   1 
ATOM   548  C  CA  . PHE A 1 77  ? 1.068   10.090  0.518   1.00 10.30 ? 76  PHE A CA  1 
ATOM   549  C  C   . PHE A 1 77  ? 1.306   9.681   1.956   1.00 10.37 ? 76  PHE A C   1 
ATOM   550  O  O   . PHE A 1 77  ? 0.654   8.762   2.476   1.00 10.30 ? 76  PHE A O   1 
ATOM   551  C  CB  . PHE A 1 77  ? 2.142   9.455   -0.362  1.00 10.23 ? 76  PHE A CB  1 
ATOM   552  C  CG  . PHE A 1 77  ? 2.315   8.012   -0.073  1.00 10.35 ? 76  PHE A CG  1 
ATOM   553  C  CD1 . PHE A 1 77  ? 1.411   7.079   -0.549  1.00 10.93 ? 76  PHE A CD1 1 
ATOM   554  C  CD2 . PHE A 1 77  ? 3.280   7.574   0.786   1.00 10.74 ? 76  PHE A CD2 1 
ATOM   555  C  CE1 . PHE A 1 77  ? 1.533   5.752   -0.222  1.00 11.29 ? 76  PHE A CE1 1 
ATOM   556  C  CE2 . PHE A 1 77  ? 3.394   6.236   1.128   1.00 9.45  ? 76  PHE A CE2 1 
ATOM   557  C  CZ  . PHE A 1 77  ? 2.507   5.324   0.610   1.00 11.11 ? 76  PHE A CZ  1 
ATOM   558  N  N   . ILE A 1 78  ? 2.257   10.330  2.628   1.00 10.65 ? 77  ILE A N   1 
ATOM   559  C  CA  . ILE A 1 78  ? 2.539   9.953   4.020   1.00 10.10 ? 77  ILE A CA  1 
ATOM   560  C  C   . ILE A 1 78  ? 1.302   10.160  4.889   1.00 9.86  ? 77  ILE A C   1 
ATOM   561  O  O   . ILE A 1 78  ? 0.966   9.308   5.743   1.00 10.64 ? 77  ILE A O   1 
ATOM   562  C  CB  . ILE A 1 78  ? 3.769   10.706  4.614   1.00 10.27 ? 77  ILE A CB  1 
ATOM   563  C  CG1 . ILE A 1 78  ? 5.052   10.352  3.832   1.00 11.21 ? 77  ILE A CG1 1 
ATOM   564  C  CG2 . ILE A 1 78  ? 3.885   10.471  6.131   1.00 11.24 ? 77  ILE A CG2 1 
ATOM   565  C  CD1 . ILE A 1 78  ? 5.557   8.908   3.973   1.00 11.35 ? 77  ILE A CD1 1 
ATOM   566  N  N   . HIS A 1 79  ? 0.606   11.263  4.653   1.00 10.70 ? 78  HIS A N   1 
ATOM   567  C  CA  . HIS A 1 79  ? -0.611  11.565  5.398   1.00 11.13 ? 78  HIS A CA  1 
ATOM   568  C  C   . HIS A 1 79  ? -1.650  10.451  5.238   1.00 11.29 ? 78  HIS A C   1 
ATOM   569  O  O   . HIS A 1 79  ? -2.231  9.937   6.212   1.00 10.95 ? 78  HIS A O   1 
ATOM   570  C  CB  . HIS A 1 79  ? -1.191  12.885  4.912   1.00 11.90 ? 78  HIS A CB  1 
ATOM   571  C  CG  . HIS A 1 79  ? -2.526  13.222  5.483   1.00 16.33 ? 78  HIS A CG  1 
ATOM   572  N  ND1 . HIS A 1 79  ? -2.687  13.717  6.755   1.00 21.08 ? 78  HIS A ND1 1 
ATOM   573  C  CD2 . HIS A 1 79  ? -3.764  13.158  4.941   1.00 19.80 ? 78  HIS A CD2 1 
ATOM   574  C  CE1 . HIS A 1 79  ? -3.971  13.924  6.983   1.00 21.37 ? 78  HIS A CE1 1 
ATOM   575  N  NE2 . HIS A 1 79  ? -4.644  13.608  5.894   1.00 22.67 ? 78  HIS A NE2 1 
ATOM   576  N  N   . PHE A 1 80  ? -1.911  10.088  3.995   1.00 11.39 ? 79  PHE A N   1 
ATOM   577  C  CA  . PHE A 1 80  ? -2.942  9.089   3.715   1.00 11.66 ? 79  PHE A CA  1 
ATOM   578  C  C   . PHE A 1 80  ? -2.501  7.661   4.086   1.00 10.94 ? 79  PHE A C   1 
ATOM   579  O  O   . PHE A 1 80  ? -3.309  6.835   4.467   1.00 11.13 ? 79  PHE A O   1 
ATOM   580  C  CB  . PHE A 1 80  ? -3.435  9.234   2.286   1.00 12.14 ? 79  PHE A CB  1 
ATOM   581  C  CG  . PHE A 1 80  ? -4.232  10.494  2.049   1.00 13.22 ? 79  PHE A CG  1 
ATOM   582  C  CD1 . PHE A 1 80  ? -5.403  10.731  2.779   1.00 14.66 ? 79  PHE A CD1 1 
ATOM   583  C  CD2 . PHE A 1 80  ? -3.871  11.401  1.067   1.00 14.67 ? 79  PHE A CD2 1 
ATOM   584  C  CE1 . PHE A 1 80  ? -6.166  11.889  2.587   1.00 15.55 ? 79  PHE A CE1 1 
ATOM   585  C  CE2 . PHE A 1 80  ? -4.635  12.556  0.868   1.00 15.92 ? 79  PHE A CE2 1 
ATOM   586  C  CZ  . PHE A 1 80  ? -5.774  12.795  1.635   1.00 16.07 ? 79  PHE A CZ  1 
ATOM   587  N  N   . PHE A 1 81  ? -1.202  7.374   3.949   1.00 11.26 ? 80  PHE A N   1 
ATOM   588  C  CA  . PHE A 1 81  ? -0.636  6.127   4.446   1.00 10.71 ? 80  PHE A CA  1 
ATOM   589  C  C   . PHE A 1 81  ? -0.898  5.955   5.936   1.00 10.11 ? 80  PHE A C   1 
ATOM   590  O  O   . PHE A 1 81  ? -1.375  4.894   6.375   1.00 11.43 ? 80  PHE A O   1 
ATOM   591  C  CB  . PHE A 1 81  ? 0.863   6.096   4.125   1.00 10.01 ? 80  PHE A CB  1 
ATOM   592  C  CG  . PHE A 1 81  ? 1.578   4.876   4.623   1.00 11.54 ? 80  PHE A CG  1 
ATOM   593  C  CD1 . PHE A 1 81  ? 1.604   3.724   3.870   1.00 12.88 ? 80  PHE A CD1 1 
ATOM   594  C  CD2 . PHE A 1 81  ? 2.284   4.907   5.795   1.00 11.73 ? 80  PHE A CD2 1 
ATOM   595  C  CE1 . PHE A 1 81  ? 2.297   2.592   4.300   1.00 13.15 ? 80  PHE A CE1 1 
ATOM   596  C  CE2 . PHE A 1 81  ? 2.949   3.757   6.246   1.00 13.39 ? 80  PHE A CE2 1 
ATOM   597  C  CZ  . PHE A 1 81  ? 2.959   2.616   5.477   1.00 14.19 ? 80  PHE A CZ  1 
ATOM   598  N  N   . ASP A 1 82  ? -0.574  6.987   6.710   1.00 10.59 ? 81  ASP A N   1 
ATOM   599  C  CA  . ASP A 1 82  ? -0.792  6.922   8.135   1.00 10.90 ? 81  ASP A CA  1 
ATOM   600  C  C   . ASP A 1 82  ? -2.272  6.791   8.495   1.00 10.87 ? 81  ASP A C   1 
ATOM   601  O  O   . ASP A 1 82  ? -2.634  6.035   9.390   1.00 10.75 ? 81  ASP A O   1 
ATOM   602  C  CB  . ASP A 1 82  ? -0.188  8.145   8.821   1.00 11.02 ? 81  ASP A CB  1 
ATOM   603  C  CG  . ASP A 1 82  ? 1.325   8.126   8.827   1.00 13.35 ? 81  ASP A CG  1 
ATOM   604  O  OD1 . ASP A 1 82  ? 1.938   7.080   8.505   1.00 12.85 ? 81  ASP A OD1 1 
ATOM   605  O  OD2 . ASP A 1 82  ? 1.899   9.190   9.170   1.00 14.54 ? 81  ASP A OD2 1 
HETATM 606  N  N   . MSE A 1 83  ? -3.129  7.546   7.831   1.00 11.06 ? 82  MSE A N   1 
HETATM 607  C  CA  A MSE A 1 83  ? -4.570  7.459   8.083   0.70 10.99 ? 82  MSE A CA  1 
HETATM 608  C  CA  B MSE A 1 83  ? -4.576  7.454   8.048   0.30 10.82 ? 82  MSE A CA  1 
HETATM 609  C  C   . MSE A 1 83  ? -5.067  6.042   7.791   1.00 10.70 ? 82  MSE A C   1 
HETATM 610  O  O   . MSE A 1 83  ? -5.853  5.500   8.557   1.00 11.21 ? 82  MSE A O   1 
HETATM 611  C  CB  A MSE A 1 83  ? -5.318  8.470   7.225   0.70 12.14 ? 82  MSE A CB  1 
HETATM 612  C  CB  B MSE A 1 83  ? -5.324  8.417   7.131   0.30 11.29 ? 82  MSE A CB  1 
HETATM 613  C  CG  A MSE A 1 83  ? -6.773  8.686   7.629   0.70 13.74 ? 82  MSE A CG  1 
HETATM 614  C  CG  B MSE A 1 83  ? -5.525  9.761   7.754   0.30 11.20 ? 82  MSE A CG  1 
HETATM 615  SE SE  A MSE A 1 83  ? -7.607  10.011  6.451   0.52 22.92 ? 82  MSE A SE  1 
HETATM 616  SE SE  B MSE A 1 83  ? -6.509  10.970  6.609   0.23 16.51 ? 82  MSE A SE  1 
HETATM 617  C  CE  A MSE A 1 83  ? -5.978  11.040  6.110   0.70 14.96 ? 82  MSE A CE  1 
HETATM 618  C  CE  B MSE A 1 83  ? -7.703  9.667   5.679   0.30 2.00  ? 82  MSE A CE  1 
ATOM   619  N  N   . ALA A 1 84  ? -4.586  5.443   6.712   1.00 10.54 ? 83  ALA A N   1 
ATOM   620  C  CA  . ALA A 1 84  ? -5.001  4.092   6.359   1.00 10.16 ? 83  ALA A CA  1 
ATOM   621  C  C   . ALA A 1 84  ? -4.594  3.128   7.458   1.00 11.06 ? 83  ALA A C   1 
ATOM   622  O  O   . ALA A 1 84  ? -5.350  2.236   7.851   1.00 12.04 ? 83  ALA A O   1 
ATOM   623  C  CB  . ALA A 1 84  ? -4.363  3.670   5.019   1.00 10.14 ? 83  ALA A CB  1 
HETATM 624  N  N   . MLY A 1 85  ? -3.376  3.288   7.969   1.00 11.54 ? 84  MLY A N   1 
HETATM 625  C  CA  . MLY A 1 85  ? -2.922  2.416   9.033   1.00 12.88 ? 84  MLY A CA  1 
HETATM 626  C  CB  . MLY A 1 85  ? -1.443  2.642   9.313   1.00 13.87 ? 84  MLY A CB  1 
HETATM 627  C  CG  . MLY A 1 85  ? -0.568  2.126   8.199   1.00 16.80 ? 84  MLY A CG  1 
HETATM 628  C  CD  . MLY A 1 85  ? 0.888   2.075   8.552   1.00 21.33 ? 84  MLY A CD  1 
HETATM 629  C  CE  . MLY A 1 85  ? 1.214   0.896   9.497   1.00 23.53 ? 84  MLY A CE  1 
HETATM 630  N  NZ  . MLY A 1 85  ? 0.922   -0.496  8.940   1.00 24.21 ? 84  MLY A NZ  1 
HETATM 631  C  C   . MLY A 1 85  ? -3.754  2.592   10.305  1.00 13.17 ? 84  MLY A C   1 
HETATM 632  O  O   . MLY A 1 85  ? -4.099  1.605   10.972  1.00 14.43 ? 84  MLY A O   1 
ATOM   633  N  N   . GLU A 1 86  ? -4.115  3.828   10.616  1.00 13.00 ? 85  GLU A N   1 
ATOM   634  C  CA  . GLU A 1 86  ? -4.932  4.125   11.809  1.00 13.70 ? 85  GLU A CA  1 
ATOM   635  C  C   . GLU A 1 86  ? -6.303  3.476   11.676  1.00 13.26 ? 85  GLU A C   1 
ATOM   636  O  O   . GLU A 1 86  ? -6.908  3.088   12.675  1.00 13.59 ? 85  GLU A O   1 
ATOM   637  C  CB  . GLU A 1 86  ? -5.139  5.632   11.990  1.00 14.83 ? 85  GLU A CB  1 
ATOM   638  C  CG  . GLU A 1 86  ? -3.922  6.407   12.480  1.00 19.34 ? 85  GLU A CG  1 
ATOM   639  C  CD  . GLU A 1 86  ? -3.992  7.914   12.158  1.00 25.11 ? 85  GLU A CD  1 
ATOM   640  O  OE1 . GLU A 1 86  ? -5.109  8.489   12.066  1.00 28.45 ? 85  GLU A OE1 1 
ATOM   641  O  OE2 . GLU A 1 86  ? -2.911  8.521   11.982  1.00 31.30 ? 85  GLU A OE2 1 
ATOM   642  N  N   . ASN A 1 87  ? -6.789  3.380   10.442  1.00 12.33 ? 86  ASN A N   1 
ATOM   643  C  CA  . ASN A 1 87  ? -8.088  2.785   10.156  1.00 12.88 ? 86  ASN A CA  1 
ATOM   644  C  C   . ASN A 1 87  ? -8.022  1.264   9.999   1.00 12.85 ? 86  ASN A C   1 
ATOM   645  O  O   . ASN A 1 87  ? -9.042  0.658   9.674   1.00 13.95 ? 86  ASN A O   1 
ATOM   646  C  CB  . ASN A 1 87  ? -8.720  3.436   8.922   1.00 13.66 ? 86  ASN A CB  1 
ATOM   647  C  CG  . ASN A 1 87  ? -9.306  4.796   9.204   1.00 16.00 ? 86  ASN A CG  1 
ATOM   648  O  OD1 . ASN A 1 87  ? -8.940  5.797   8.564   1.00 20.27 ? 86  ASN A OD1 1 
ATOM   649  N  ND2 . ASN A 1 87  ? -10.238 4.854   10.154  1.00 18.20 ? 86  ASN A ND2 1 
ATOM   650  N  N   . GLY A 1 88  ? -6.878  0.642   10.285  1.00 12.72 ? 87  GLY A N   1 
ATOM   651  C  CA  . GLY A 1 88  ? -6.742  -0.820  10.257  1.00 13.57 ? 87  GLY A CA  1 
ATOM   652  C  C   . GLY A 1 88  ? -6.536  -1.452  8.897   1.00 12.77 ? 87  GLY A C   1 
ATOM   653  O  O   . GLY A 1 88  ? -6.780  -2.641  8.725   1.00 15.14 ? 87  GLY A O   1 
ATOM   654  N  N   . VAL A 1 89  ? -6.136  -0.658  7.902   1.00 12.19 ? 88  VAL A N   1 
ATOM   655  C  CA  . VAL A 1 89  ? -5.920  -1.176  6.553   1.00 11.79 ? 88  VAL A CA  1 
ATOM   656  C  C   . VAL A 1 89  ? -4.684  -2.107  6.556   1.00 12.25 ? 88  VAL A C   1 
ATOM   657  O  O   . VAL A 1 89  ? -3.602  -1.706  7.001   1.00 13.34 ? 88  VAL A O   1 
ATOM   658  C  CB  . VAL A 1 89  ? -5.750  -0.037  5.539   1.00 11.17 ? 88  VAL A CB  1 
ATOM   659  C  CG1 . VAL A 1 89  ? -5.300  -0.553  4.191   1.00 11.50 ? 88  VAL A CG1 1 
ATOM   660  C  CG2 . VAL A 1 89  ? -7.052  0.800   5.455   1.00 10.35 ? 88  VAL A CG2 1 
HETATM 661  N  N   . MLY A 1 90  ? -4.872  -3.325  6.045   1.00 12.09 ? 89  MLY A N   1 
HETATM 662  C  CA  A MLY A 1 90  ? -3.808  -4.325  5.942   0.50 11.88 ? 89  MLY A CA  1 
HETATM 663  C  CA  B MLY A 1 90  ? -3.799  -4.324  5.944   0.50 11.89 ? 89  MLY A CA  1 
HETATM 664  C  CB  A MLY A 1 90  ? -4.429  -5.721  5.860   0.50 12.92 ? 89  MLY A CB  1 
HETATM 665  C  CB  B MLY A 1 90  ? -4.367  -5.743  5.868   0.50 13.01 ? 89  MLY A CB  1 
HETATM 666  C  CG  A MLY A 1 90  ? -3.455  -6.855  5.603   0.50 14.17 ? 89  MLY A CG  1 
HETATM 667  C  CG  B MLY A 1 90  ? -5.046  -6.225  7.153   0.50 14.08 ? 89  MLY A CG  1 
HETATM 668  C  CD  A MLY A 1 90  ? -2.409  -6.994  6.662   0.50 14.60 ? 89  MLY A CD  1 
HETATM 669  C  CD  B MLY A 1 90  ? -5.398  -7.714  7.090   0.50 16.60 ? 89  MLY A CD  1 
HETATM 670  C  CE  A MLY A 1 90  ? -1.160  -7.639  6.094   0.50 16.14 ? 89  MLY A CE  1 
HETATM 671  C  CE  B MLY A 1 90  ? -6.164  -8.181  8.318   0.50 18.60 ? 89  MLY A CE  1 
HETATM 672  C  C   . MLY A 1 90  ? -2.964  -4.034  4.694   1.00 11.32 ? 89  MLY A C   1 
HETATM 673  O  O   . MLY A 1 90  ? -3.499  -3.677  3.639   1.00 11.81 ? 89  MLY A O   1 
HETATM 674  N  N   . MSE A 1 91  ? -1.644  -4.185  4.808   1.00 10.56 ? 90  MSE A N   1 
HETATM 675  C  CA  A MSE A 1 91  ? -0.764  -3.863  3.707   0.80 10.31 ? 90  MSE A CA  1 
HETATM 676  C  CA  B MSE A 1 91  ? -0.671  -3.799  3.768   0.20 10.88 ? 90  MSE A CA  1 
HETATM 677  C  C   . MSE A 1 91  ? 0.209   -4.969  3.350   1.00 10.53 ? 90  MSE A C   1 
HETATM 678  O  O   . MSE A 1 91  ? 0.739   -5.652  4.202   1.00 11.36 ? 90  MSE A O   1 
HETATM 679  C  CB  A MSE A 1 91  ? -0.021  -2.546  3.989   0.80 10.73 ? 90  MSE A CB  1 
HETATM 680  C  CB  B MSE A 1 91  ? 0.291   -2.722  4.295   0.20 11.04 ? 90  MSE A CB  1 
HETATM 681  C  CG  A MSE A 1 91  ? -0.965  -1.394  4.104   0.80 8.31  ? 90  MSE A CG  1 
HETATM 682  C  CG  B MSE A 1 91  ? -0.338  -1.480  4.892   0.20 11.65 ? 90  MSE A CG  1 
HETATM 683  SE SE  A MSE A 1 91  ? -0.039  0.263   4.387   0.60 10.50 ? 90  MSE A SE  1 
HETATM 684  SE SE  B MSE A 1 91  ? -1.153  -0.314  3.576   0.15 10.77 ? 90  MSE A SE  1 
HETATM 685  C  CE  A MSE A 1 91  ? -1.611  1.289   4.896   0.80 13.61 ? 90  MSE A CE  1 
HETATM 686  C  CE  B MSE A 1 91  ? -1.667  1.143   4.755   0.20 11.82 ? 90  MSE A CE  1 
ATOM   687  N  N   . TYR A 1 92  ? 0.407   -5.132  2.043   1.00 10.10 ? 91  TYR A N   1 
ATOM   688  C  CA  . TYR A 1 92  ? 1.213   -6.176  1.466   1.00 10.04 ? 91  TYR A CA  1 
ATOM   689  C  C   . TYR A 1 92  ? 2.142   -5.583  0.431   1.00 9.20  ? 91  TYR A C   1 
ATOM   690  O  O   . TYR A 1 92  ? 1.776   -4.587  -0.255  1.00 10.93 ? 91  TYR A O   1 
ATOM   691  C  CB  . TYR A 1 92  ? 0.323   -7.165  0.733   1.00 10.06 ? 91  TYR A CB  1 
ATOM   692  C  CG  . TYR A 1 92  ? -0.700  -7.878  1.567   1.00 10.03 ? 91  TYR A CG  1 
ATOM   693  C  CD1 . TYR A 1 92  ? -1.968  -7.354  1.778   1.00 12.89 ? 91  TYR A CD1 1 
ATOM   694  C  CD2 . TYR A 1 92  ? -0.415  -9.111  2.111   1.00 11.73 ? 91  TYR A CD2 1 
ATOM   695  C  CE1 . TYR A 1 92  ? -2.902  -8.025  2.541   1.00 12.74 ? 91  TYR A CE1 1 
ATOM   696  C  CE2 . TYR A 1 92  ? -1.335  -9.776  2.880   1.00 12.63 ? 91  TYR A CE2 1 
ATOM   697  C  CZ  . TYR A 1 92  ? -2.571  -9.254  3.076   1.00 12.54 ? 91  TYR A CZ  1 
ATOM   698  O  OH  . TYR A 1 92  ? -3.475  -9.973  3.818   1.00 15.44 ? 91  TYR A OH  1 
ATOM   699  N  N   . VAL A 1 93  ? 3.336   -6.144  0.293   1.00 9.79  ? 92  VAL A N   1 
ATOM   700  C  CA  . VAL A 1 93  ? 4.251   -5.727  -0.763  1.00 10.34 ? 92  VAL A CA  1 
ATOM   701  C  C   . VAL A 1 93  ? 4.791   -6.935  -1.519  1.00 10.58 ? 92  VAL A C   1 
ATOM   702  O  O   . VAL A 1 93  ? 5.155   -7.965  -0.933  1.00 10.09 ? 92  VAL A O   1 
ATOM   703  C  CB  . VAL A 1 93  ? 5.413   -4.856  -0.178  1.00 9.96  ? 92  VAL A CB  1 
ATOM   704  C  CG1 . VAL A 1 93  ? 6.286   -5.616  0.751   1.00 11.88 ? 92  VAL A CG1 1 
ATOM   705  C  CG2 . VAL A 1 93  ? 6.247   -4.260  -1.299  1.00 12.45 ? 92  VAL A CG2 1 
HETATM 706  N  N   . CSX A 1 94  ? 4.794   -6.836  -2.837  1.00 11.36 ? 93  CSX A N   1 
HETATM 707  C  CA  . CSX A 1 94  ? 5.270   -7.920  -3.706  1.00 12.23 ? 93  CSX A CA  1 
HETATM 708  C  CB  . CSX A 1 94  ? 4.834   -7.656  -5.148  1.00 12.87 ? 93  CSX A CB  1 
HETATM 709  S  SG  . CSX A 1 94  ? 5.266   -8.992  -6.172  1.00 16.22 ? 93  CSX A SG  1 
HETATM 710  C  C   . CSX A 1 94  ? 6.767   -7.980  -3.650  1.00 12.32 ? 93  CSX A C   1 
HETATM 711  O  O   . CSX A 1 94  ? 7.435   -7.015  -3.991  1.00 11.78 ? 93  CSX A O   1 
HETATM 712  O  OD  . CSX A 1 94  ? 4.652   -8.522  -7.462  1.00 25.88 ? 93  CSX A OD  1 
ATOM   713  N  N   . VAL A 1 95  ? 7.319   -9.102  -3.184  1.00 12.36 ? 94  VAL A N   1 
ATOM   714  C  CA  A VAL A 1 95  ? 8.772   -9.193  -3.023  0.50 13.48 ? 94  VAL A CA  1 
ATOM   715  C  CA  B VAL A 1 95  ? 8.772   -9.270  -3.023  0.50 13.21 ? 94  VAL A CA  1 
ATOM   716  C  C   . VAL A 1 95  ? 9.517   -9.186  -4.358  1.00 12.79 ? 94  VAL A C   1 
ATOM   717  O  O   . VAL A 1 95  ? 10.586  -8.631  -4.439  1.00 13.18 ? 94  VAL A O   1 
ATOM   718  C  CB  A VAL A 1 95  ? 9.213   -10.400 -2.154  0.50 13.58 ? 94  VAL A CB  1 
ATOM   719  C  CB  B VAL A 1 95  ? 9.117   -10.618 -2.311  0.50 13.00 ? 94  VAL A CB  1 
ATOM   720  C  CG1 A VAL A 1 95  ? 8.922   -10.115 -0.676  0.50 14.29 ? 94  VAL A CG1 1 
ATOM   721  C  CG1 B VAL A 1 95  ? 10.634  -10.840 -2.258  0.50 13.14 ? 94  VAL A CG1 1 
ATOM   722  C  CG2 A VAL A 1 95  ? 8.544   -11.666 -2.607  0.50 15.54 ? 94  VAL A CG2 1 
ATOM   723  C  CG2 B VAL A 1 95  ? 8.538   -10.638 -0.895  0.50 14.87 ? 94  VAL A CG2 1 
ATOM   724  N  N   . GLN A 1 96  ? 8.938   -9.759  -5.407  1.00 13.28 ? 95  GLN A N   1 
ATOM   725  C  CA  . GLN A 1 96  ? 9.589   -9.721  -6.724  1.00 14.60 ? 95  GLN A CA  1 
ATOM   726  C  C   . GLN A 1 96  ? 9.707   -8.252  -7.227  1.00 14.38 ? 95  GLN A C   1 
ATOM   727  O  O   . GLN A 1 96  ? 10.719  -7.831  -7.786  1.00 15.37 ? 95  GLN A O   1 
ATOM   728  C  CB  . GLN A 1 96  ? 8.827   -10.613 -7.706  1.00 15.77 ? 95  GLN A CB  1 
ATOM   729  C  CG  . GLN A 1 96  ? 8.826   -12.127 -7.347  1.00 17.92 ? 95  GLN A CG  1 
ATOM   730  C  CD  . GLN A 1 96  ? 7.539   -12.602 -6.684  1.00 22.12 ? 95  GLN A CD  1 
ATOM   731  O  OE1 . GLN A 1 96  ? 7.019   -11.947 -5.789  1.00 23.55 ? 95  GLN A OE1 1 
ATOM   732  N  NE2 . GLN A 1 96  ? 7.007   -13.745 -7.140  1.00 24.72 ? 95  GLN A NE2 1 
ATOM   733  N  N   . SER A 1 97  ? 8.679   -7.447  -6.978  1.00 14.08 ? 96  SER A N   1 
ATOM   734  C  CA  . SER A 1 97  ? 8.742   -6.012  -7.286  1.00 12.70 ? 96  SER A CA  1 
ATOM   735  C  C   . SER A 1 97  ? 9.748   -5.271  -6.431  1.00 13.55 ? 96  SER A C   1 
ATOM   736  O  O   . SER A 1 97  ? 10.517  -4.475  -6.925  1.00 13.34 ? 96  SER A O   1 
ATOM   737  C  CB  . SER A 1 97  ? 7.385   -5.334  -7.112  1.00 12.76 ? 96  SER A CB  1 
ATOM   738  O  OG  . SER A 1 97  ? 6.436   -5.836  -8.040  1.00 13.08 ? 96  SER A OG  1 
ATOM   739  N  N   . LEU A 1 98  ? 9.717   -5.554  -5.141  1.00 14.28 ? 97  LEU A N   1 
ATOM   740  C  CA  . LEU A 1 98  ? 10.615  -4.946  -4.166  1.00 14.96 ? 97  LEU A CA  1 
ATOM   741  C  C   . LEU A 1 98  ? 12.067  -5.114  -4.559  1.00 15.48 ? 97  LEU A C   1 
ATOM   742  O  O   . LEU A 1 98  ? 12.828  -4.173  -4.542  1.00 14.39 ? 97  LEU A O   1 
ATOM   743  C  CB  . LEU A 1 98  ? 10.426  -5.635  -2.805  1.00 15.77 ? 97  LEU A CB  1 
ATOM   744  C  CG  . LEU A 1 98  ? 11.319  -5.277  -1.632  1.00 18.66 ? 97  LEU A CG  1 
ATOM   745  C  CD1 . LEU A 1 98  ? 10.896  -3.900  -1.141  1.00 19.56 ? 97  LEU A CD1 1 
ATOM   746  C  CD2 . LEU A 1 98  ? 11.187  -6.319  -0.536  1.00 23.02 ? 97  LEU A CD2 1 
HETATM 747  N  N   . MLY A 1 99  ? 12.427  -6.347  -4.889  1.00 16.50 ? 98  MLY A N   1 
HETATM 748  C  CA  . MLY A 1 99  ? 13.823  -6.688  -5.166  1.00 17.48 ? 98  MLY A CA  1 
HETATM 749  C  CB  . MLY A 1 99  ? 14.098  -8.150  -4.815  1.00 18.45 ? 98  MLY A CB  1 
HETATM 750  C  CG  . MLY A 1 99  ? 13.888  -8.464  -3.336  1.00 20.67 ? 98  MLY A CG  1 
HETATM 751  C  CD  . MLY A 1 99  ? 14.153  -9.946  -2.995  1.00 24.49 ? 98  MLY A CD  1 
HETATM 752  C  CE  . MLY A 1 99  ? 15.515  -10.161 -2.343  1.00 27.84 ? 98  MLY A CE  1 
HETATM 753  N  NZ  . MLY A 1 99  ? 15.818  -11.591 -1.936  1.00 28.92 ? 98  MLY A NZ  1 
HETATM 754  C  CH1 . MLY A 1 99  ? 16.719  -11.579 -0.770  1.00 31.61 ? 98  MLY A CH1 1 
HETATM 755  C  CH2 . MLY A 1 99  ? 14.599  -12.374 -1.636  1.00 29.74 ? 98  MLY A CH2 1 
HETATM 756  C  C   . MLY A 1 99  ? 14.196  -6.412  -6.611  1.00 18.31 ? 98  MLY A C   1 
HETATM 757  O  O   . MLY A 1 99  ? 15.170  -5.721  -6.876  1.00 18.41 ? 98  MLY A O   1 
ATOM   758  N  N   . ASP A 1 100 ? 13.425  -6.950  -7.549  1.00 19.52 ? 99  ASP A N   1 
ATOM   759  C  CA  . ASP A 1 100 ? 13.843  -6.974  -8.955  1.00 19.73 ? 99  ASP A CA  1 
ATOM   760  C  C   . ASP A 1 100 ? 13.516  -5.680  -9.711  1.00 19.80 ? 99  ASP A C   1 
ATOM   761  O  O   . ASP A 1 100 ? 14.277  -5.270  -10.600 1.00 21.56 ? 99  ASP A O   1 
ATOM   762  C  CB  . ASP A 1 100 ? 13.244  -8.189  -9.679  1.00 20.85 ? 99  ASP A CB  1 
ATOM   763  C  CG  . ASP A 1 100 ? 13.774  -9.518  -9.154  1.00 22.99 ? 99  ASP A CG  1 
ATOM   764  O  OD1 . ASP A 1 100 ? 14.876  -9.556  -8.555  1.00 25.89 ? 99  ASP A OD1 1 
ATOM   765  O  OD2 . ASP A 1 100 ? 13.097  -10.547 -9.383  1.00 28.09 ? 99  ASP A OD2 1 
HETATM 766  N  N   . MSE A 1 101 ? 12.394  -5.052  -9.369  1.00 18.82 ? 100 MSE A N   1 
HETATM 767  C  CA  A MSE A 1 101 ? 12.056  -3.779  -9.993  0.75 17.80 ? 100 MSE A CA  1 
HETATM 768  C  CA  B MSE A 1 101 ? 11.915  -3.793  -9.963  0.25 18.38 ? 100 MSE A CA  1 
HETATM 769  C  C   . MSE A 1 101 ? 12.609  -2.608  -9.217  1.00 18.18 ? 100 MSE A C   1 
HETATM 770  O  O   . MSE A 1 101 ? 13.152  -1.694  -9.813  1.00 18.79 ? 100 MSE A O   1 
HETATM 771  C  CB  A MSE A 1 101 ? 10.543  -3.628  -10.181 0.75 17.18 ? 100 MSE A CB  1 
HETATM 772  C  CB  B MSE A 1 101 ? 10.336  -3.722  -9.857  0.25 18.08 ? 100 MSE A CB  1 
HETATM 773  C  CG  A MSE A 1 101 ? 10.069  -2.224  -10.567 0.75 16.68 ? 100 MSE A CG  1 
HETATM 774  C  CG  B MSE A 1 101 ? 9.419   -4.024  -11.158 0.25 18.12 ? 100 MSE A CG  1 
HETATM 775  SE SE  A MSE A 1 101 ? 10.687  -1.594  -12.306 0.56 18.15 ? 100 MSE A SE  1 
HETATM 776  SE SE  B MSE A 1 101 ? 7.785   -5.291  -11.199 0.19 13.32 ? 100 MSE A SE  1 
HETATM 777  C  CE  A MSE A 1 101 ? 9.879   -2.945  -13.270 0.75 9.35  ? 100 MSE A CE  1 
HETATM 778  C  CE  B MSE A 1 101 ? 7.003   -5.027  -9.535  0.25 19.89 ? 100 MSE A CE  1 
ATOM   779  N  N   . CYS A 1 102 ? 12.543  -2.634  -7.888  1.00 17.38 ? 101 CYS A N   1 
ATOM   780  C  CA  . CYS A 1 102 ? 12.886  -1.465  -7.082  1.00 16.59 ? 101 CYS A CA  1 
ATOM   781  C  C   . CYS A 1 102 ? 14.277  -1.469  -6.454  1.00 16.80 ? 101 CYS A C   1 
ATOM   782  O  O   . CYS A 1 102 ? 14.708  -0.451  -5.897  1.00 17.04 ? 101 CYS A O   1 
ATOM   783  C  CB  . CYS A 1 102 ? 11.840  -1.267  -5.993  1.00 15.82 ? 101 CYS A CB  1 
ATOM   784  S  SG  . CYS A 1 102 ? 10.192  -0.909  -6.680  1.00 13.52 ? 101 CYS A SG  1 
ATOM   785  N  N   . HIS A 1 103 ? 14.930  -2.621  -6.511  1.00 16.71 ? 102 HIS A N   1 
ATOM   786  C  CA  . HIS A 1 103 ? 16.307  -2.778  -6.044  1.00 18.17 ? 102 HIS A CA  1 
ATOM   787  C  C   . HIS A 1 103 ? 16.417  -2.452  -4.560  1.00 17.03 ? 102 HIS A C   1 
ATOM   788  O  O   . HIS A 1 103 ? 17.405  -1.895  -4.091  1.00 17.64 ? 102 HIS A O   1 
ATOM   789  C  CB  . HIS A 1 103 ? 17.264  -1.955  -6.910  1.00 19.07 ? 102 HIS A CB  1 
ATOM   790  C  CG  . HIS A 1 103 ? 17.123  -2.245  -8.372  1.00 23.84 ? 102 HIS A CG  1 
ATOM   791  N  ND1 . HIS A 1 103 ? 17.390  -3.488  -8.913  1.00 28.52 ? 102 HIS A ND1 1 
ATOM   792  C  CD2 . HIS A 1 103 ? 16.702  -1.470  -9.399  1.00 26.85 ? 102 HIS A CD2 1 
ATOM   793  C  CE1 . HIS A 1 103 ? 17.157  -3.460  -10.213 1.00 29.29 ? 102 HIS A CE1 1 
ATOM   794  N  NE2 . HIS A 1 103 ? 16.735  -2.249  -10.533 1.00 29.35 ? 102 HIS A NE2 1 
HETATM 795  N  N   . MSE A 1 104 ? 15.396  -2.866  -3.826  1.00 16.29 ? 103 MSE A N   1 
HETATM 796  C  CA  . MSE A 1 104 ? 15.345  -2.709  -2.403  1.00 14.67 ? 103 MSE A CA  1 
HETATM 797  C  C   . MSE A 1 104 ? 15.620  -4.044  -1.746  1.00 14.88 ? 103 MSE A C   1 
HETATM 798  O  O   . MSE A 1 104 ? 15.392  -5.121  -2.350  1.00 14.98 ? 103 MSE A O   1 
HETATM 799  C  CB  . MSE A 1 104 ? 13.958  -2.233  -1.997  1.00 14.03 ? 103 MSE A CB  1 
HETATM 800  C  CG  . MSE A 1 104 ? 13.645  -0.844  -2.494  1.00 12.37 ? 103 MSE A CG  1 
HETATM 801  SE SE  . MSE A 1 104 ? 11.820  -0.344  -2.175  0.75 11.78 ? 103 MSE A SE  1 
HETATM 802  C  CE  . MSE A 1 104 ? 11.702  -0.393  -0.253  1.00 12.42 ? 103 MSE A CE  1 
HETATM 803  N  N   . MLY A 1 105 ? 16.068  -3.984  -0.502  1.00 14.95 ? 104 MLY A N   1 
HETATM 804  C  CA  . MLY A 1 105 ? 16.195  -5.166  0.337   1.00 16.00 ? 104 MLY A CA  1 
HETATM 805  C  CB  . MLY A 1 105 ? 17.385  -5.045  1.297   1.00 16.14 ? 104 MLY A CB  1 
HETATM 806  C  CG  . MLY A 1 105 ? 18.761  -4.955  0.633   1.00 19.35 ? 104 MLY A CG  1 
HETATM 807  C  CD  . MLY A 1 105 ? 19.835  -4.511  1.622   1.00 22.74 ? 104 MLY A CD  1 
HETATM 808  C  CE  . MLY A 1 105 ? 19.824  -5.328  2.912   1.00 25.69 ? 104 MLY A CE  1 
HETATM 809  C  C   . MLY A 1 105 ? 14.937  -5.322  1.151   1.00 15.43 ? 104 MLY A C   1 
HETATM 810  O  O   . MLY A 1 105 ? 14.201  -4.372  1.400   1.00 15.49 ? 104 MLY A O   1 
ATOM   811  N  N   . GLU A 1 106 ? 14.683  -6.531  1.598   1.00 16.46 ? 105 GLU A N   1 
ATOM   812  C  CA  . GLU A 1 106 ? 13.526  -6.770  2.438   1.00 16.64 ? 105 GLU A CA  1 
ATOM   813  C  C   . GLU A 1 106 ? 13.560  -5.911  3.702   1.00 16.57 ? 105 GLU A C   1 
ATOM   814  O  O   . GLU A 1 106 ? 12.534  -5.466  4.177   1.00 15.75 ? 105 GLU A O   1 
ATOM   815  C  CB  . GLU A 1 106 ? 13.421  -8.255  2.756   1.00 18.18 ? 105 GLU A CB  1 
ATOM   816  C  CG  . GLU A 1 106 ? 13.067  -9.025  1.495   1.00 22.05 ? 105 GLU A CG  1 
ATOM   817  C  CD  . GLU A 1 106 ? 12.930  -10.507 1.686   1.00 27.14 ? 105 GLU A CD  1 
ATOM   818  O  OE1 . GLU A 1 106 ? 13.262  -11.011 2.786   1.00 31.49 ? 105 GLU A OE1 1 
ATOM   819  O  OE2 . GLU A 1 106 ? 12.488  -11.162 0.716   1.00 33.01 ? 105 GLU A OE2 1 
ATOM   820  N  N   . ASP A 1 107 ? 14.753  -5.664  4.229   1.00 15.26 ? 106 ASP A N   1 
ATOM   821  C  CA  . ASP A 1 107 ? 14.915  -4.875  5.450   1.00 15.90 ? 106 ASP A CA  1 
ATOM   822  C  C   . ASP A 1 107 ? 14.605  -3.381  5.239   1.00 14.36 ? 106 ASP A C   1 
ATOM   823  O  O   . ASP A 1 107 ? 14.438  -2.648  6.209   1.00 15.12 ? 106 ASP A O   1 
ATOM   824  C  CB  . ASP A 1 107 ? 16.344  -5.037  6.003   1.00 16.86 ? 106 ASP A CB  1 
ATOM   825  C  CG  . ASP A 1 107 ? 16.512  -4.427  7.378   1.00 19.96 ? 106 ASP A CG  1 
ATOM   826  O  OD1 . ASP A 1 107 ? 15.736  -4.773  8.292   1.00 25.00 ? 106 ASP A OD1 1 
ATOM   827  O  OD2 . ASP A 1 107 ? 17.412  -3.577  7.548   1.00 25.50 ? 106 ASP A OD2 1 
ATOM   828  N  N   . ASP A 1 108 ? 14.572  -2.934  3.986   1.00 12.49 ? 107 ASP A N   1 
ATOM   829  C  CA  . ASP A 1 108 ? 14.285  -1.536  3.657   1.00 11.75 ? 107 ASP A CA  1 
ATOM   830  C  C   . ASP A 1 108 ? 12.809  -1.207  3.789   1.00 11.77 ? 107 ASP A C   1 
ATOM   831  O  O   . ASP A 1 108 ? 12.436  -0.048  3.747   1.00 12.07 ? 107 ASP A O   1 
ATOM   832  C  CB  . ASP A 1 108 ? 14.709  -1.227  2.221   1.00 11.53 ? 107 ASP A CB  1 
ATOM   833  C  CG  . ASP A 1 108 ? 16.205  -1.349  1.998   1.00 12.86 ? 107 ASP A CG  1 
ATOM   834  O  OD1 . ASP A 1 108 ? 16.997  -1.237  2.966   1.00 15.59 ? 107 ASP A OD1 1 
ATOM   835  O  OD2 . ASP A 1 108 ? 16.600  -1.507  0.831   1.00 12.03 ? 107 ASP A OD2 1 
ATOM   836  N  N   . VAL A 1 109 ? 11.953  -2.216  3.893   1.00 11.55 ? 108 VAL A N   1 
ATOM   837  C  CA  . VAL A 1 109 ? 10.509  -1.989  3.990   1.00 11.75 ? 108 VAL A CA  1 
ATOM   838  C  C   . VAL A 1 109 ? 10.091  -1.591  5.395   1.00 11.61 ? 108 VAL A C   1 
ATOM   839  O  O   . VAL A 1 109 ? 10.440  -2.268  6.364   1.00 12.68 ? 108 VAL A O   1 
ATOM   840  C  CB  . VAL A 1 109 ? 9.707   -3.224  3.554   1.00 11.98 ? 108 VAL A CB  1 
ATOM   841  C  CG1 . VAL A 1 109 ? 8.170   -2.982  3.646   1.00 12.85 ? 108 VAL A CG1 1 
ATOM   842  C  CG2 . VAL A 1 109 ? 10.108  -3.651  2.148   1.00 12.94 ? 108 VAL A CG2 1 
ATOM   843  N  N   . VAL A 1 110 ? 9.286   -0.540  5.510   1.00 11.15 ? 109 VAL A N   1 
ATOM   844  C  CA  . VAL A 1 110 ? 8.763   -0.113  6.790   1.00 12.22 ? 109 VAL A CA  1 
ATOM   845  C  C   . VAL A 1 110 ? 8.015   -1.253  7.489   1.00 12.48 ? 109 VAL A C   1 
ATOM   846  O  O   . VAL A 1 110 ? 7.452   -2.160  6.841   1.00 12.77 ? 109 VAL A O   1 
ATOM   847  C  CB  . VAL A 1 110 ? 7.850   1.133   6.675   1.00 12.26 ? 109 VAL A CB  1 
ATOM   848  C  CG1 . VAL A 1 110 ? 8.653   2.363   6.240   1.00 12.64 ? 109 VAL A CG1 1 
ATOM   849  C  CG2 . VAL A 1 110 ? 6.717   0.877   5.730   1.00 13.12 ? 109 VAL A CG2 1 
ATOM   850  N  N   . GLU A 1 111 ? 8.001   -1.215  8.808   1.00 14.21 ? 110 GLU A N   1 
ATOM   851  C  CA  . GLU A 1 111 ? 7.403   -2.296  9.583   1.00 15.79 ? 110 GLU A CA  1 
ATOM   852  C  C   . GLU A 1 111 ? 5.909   -2.372  9.394   1.00 15.66 ? 110 GLU A C   1 
ATOM   853  O  O   . GLU A 1 111 ? 5.253   -1.381  9.093   1.00 16.97 ? 110 GLU A O   1 
ATOM   854  C  CB  . GLU A 1 111 ? 7.736   -2.164  11.078  1.00 16.82 ? 110 GLU A CB  1 
ATOM   855  C  CG  . GLU A 1 111 ? 9.167   -2.600  11.401  1.00 21.38 ? 110 GLU A CG  1 
ATOM   856  C  CD  . GLU A 1 111 ? 9.622   -2.249  12.813  1.00 27.87 ? 110 GLU A CD  1 
ATOM   857  O  OE1 . GLU A 1 111 ? 8.990   -2.715  13.797  1.00 32.55 ? 110 GLU A OE1 1 
ATOM   858  O  OE2 . GLU A 1 111 ? 10.636  -1.517  12.931  1.00 32.46 ? 110 GLU A OE2 1 
ATOM   859  N  N   . GLY A 1 112 ? 5.385   -3.579  9.563   1.00 16.20 ? 111 GLY A N   1 
ATOM   860  C  CA  . GLY A 1 112 ? 3.963   -3.810  9.531   1.00 16.44 ? 111 GLY A CA  1 
ATOM   861  C  C   . GLY A 1 112 ? 3.379   -4.088  8.161   1.00 16.17 ? 111 GLY A C   1 
ATOM   862  O  O   . GLY A 1 112 ? 2.165   -4.184  8.033   1.00 18.00 ? 111 GLY A O   1 
ATOM   863  N  N   . ILE A 1 113 ? 4.235   -4.200  7.148   1.00 14.55 ? 112 ILE A N   1 
ATOM   864  C  CA  . ILE A 1 113 ? 3.829   -4.585  5.802   1.00 14.13 ? 112 ILE A CA  1 
ATOM   865  C  C   . ILE A 1 113 ? 4.190   -6.061  5.601   1.00 13.15 ? 112 ILE A C   1 
ATOM   866  O  O   . ILE A 1 113 ? 5.311   -6.482  5.854   1.00 13.99 ? 112 ILE A O   1 
ATOM   867  C  CB  . ILE A 1 113 ? 4.580   -3.770  4.730   1.00 13.93 ? 112 ILE A CB  1 
ATOM   868  C  CG1 . ILE A 1 113 ? 4.673   -2.282  5.067   1.00 16.03 ? 112 ILE A CG1 1 
ATOM   869  C  CG2 . ILE A 1 113 ? 3.946   -3.973  3.347   1.00 14.15 ? 112 ILE A CG2 1 
ATOM   870  C  CD1 . ILE A 1 113 ? 3.474   -1.513  4.875   1.00 15.49 ? 112 ILE A CD1 1 
ATOM   871  N  N   . GLU A 1 114 ? 3.246   -6.861  5.115   1.00 11.78 ? 113 GLU A N   1 
ATOM   872  C  CA  A GLU A 1 114 ? 3.515   -8.271  4.870   0.50 12.44 ? 113 GLU A CA  1 
ATOM   873  C  CA  B GLU A 1 114 ? 3.491   -8.272  4.854   0.50 12.84 ? 113 GLU A CA  1 
ATOM   874  C  C   . GLU A 1 114 ? 4.223   -8.436  3.524   1.00 12.22 ? 113 GLU A C   1 
ATOM   875  O  O   . GLU A 1 114 ? 3.739   -7.958  2.488   1.00 12.50 ? 113 GLU A O   1 
ATOM   876  C  CB  A GLU A 1 114 ? 2.222   -9.073  4.905   0.50 12.80 ? 113 GLU A CB  1 
ATOM   877  C  CB  B GLU A 1 114 ? 2.165   -9.014  4.808   0.50 13.41 ? 113 GLU A CB  1 
ATOM   878  C  CG  A GLU A 1 114 ? 2.456   -10.575 5.041   0.50 13.01 ? 113 GLU A CG  1 
ATOM   879  C  CG  B GLU A 1 114 ? 1.228   -8.679  5.958   0.50 15.51 ? 113 GLU A CG  1 
ATOM   880  C  CD  A GLU A 1 114 ? 1.170   -11.382 5.156   0.50 16.24 ? 113 GLU A CD  1 
ATOM   881  C  CD  B GLU A 1 114 ? 0.557   -9.900  6.538   0.50 19.60 ? 113 GLU A CD  1 
ATOM   882  O  OE1 A GLU A 1 114 ? 0.149   -10.819 5.613   0.50 17.15 ? 113 GLU A OE1 1 
ATOM   883  O  OE1 B GLU A 1 114 ? 1.007   -11.022 6.206   0.50 24.36 ? 113 GLU A OE1 1 
ATOM   884  O  OE2 A GLU A 1 114 ? 1.191   -12.593 4.815   0.50 19.85 ? 113 GLU A OE2 1 
ATOM   885  O  OE2 B GLU A 1 114 ? -0.411  -9.740  7.322   0.50 22.80 ? 113 GLU A OE2 1 
ATOM   886  N  N   . LEU A 1 115 ? 5.391   -9.065  3.559   1.00 11.84 ? 114 LEU A N   1 
ATOM   887  C  CA  . LEU A 1 115 ? 6.171   -9.355  2.356   1.00 12.29 ? 114 LEU A CA  1 
ATOM   888  C  C   . LEU A 1 115 ? 5.668   -10.664 1.756   1.00 12.43 ? 114 LEU A C   1 
ATOM   889  O  O   . LEU A 1 115 ? 5.743   -11.698 2.406   1.00 12.78 ? 114 LEU A O   1 
ATOM   890  C  CB  . LEU A 1 115 ? 7.678   -9.429  2.690   1.00 13.58 ? 114 LEU A CB  1 
ATOM   891  C  CG  . LEU A 1 115 ? 8.427   -8.077  2.795   1.00 15.40 ? 114 LEU A CG  1 
ATOM   892  C  CD1 . LEU A 1 115 ? 7.897   -7.159  3.895   1.00 18.59 ? 114 LEU A CD1 1 
ATOM   893  C  CD2 . LEU A 1 115 ? 9.920   -8.331  2.971   1.00 18.97 ? 114 LEU A CD2 1 
ATOM   894  N  N   . VAL A 1 116 ? 5.193   -10.619 0.511   1.00 11.87 ? 115 VAL A N   1 
ATOM   895  C  CA  . VAL A 1 116 ? 4.555   -11.755 -0.138  1.00 11.58 ? 115 VAL A CA  1 
ATOM   896  C  C   . VAL A 1 116 ? 5.006   -11.885 -1.589  1.00 12.62 ? 115 VAL A C   1 
ATOM   897  O  O   . VAL A 1 116 ? 5.477   -10.915 -2.206  1.00 12.80 ? 115 VAL A O   1 
ATOM   898  C  CB  . VAL A 1 116 ? 3.028   -11.646 -0.018  1.00 11.38 ? 115 VAL A CB  1 
ATOM   899  C  CG1 . VAL A 1 116 ? 2.631   -11.638 1.461   1.00 12.80 ? 115 VAL A CG1 1 
ATOM   900  C  CG2 . VAL A 1 116 ? 2.505   -10.405 -0.775  1.00 11.80 ? 115 VAL A CG2 1 
ATOM   901  N  N   . GLY A 1 117 ? 4.858   -13.081 -2.144  1.00 13.47 ? 116 GLY A N   1 
ATOM   902  C  CA  . GLY A 1 117 ? 5.054   -13.261 -3.570  1.00 14.09 ? 116 GLY A CA  1 
ATOM   903  C  C   . GLY A 1 117 ? 3.850   -12.825 -4.388  1.00 14.36 ? 116 GLY A C   1 
ATOM   904  O  O   . GLY A 1 117 ? 2.755   -12.604 -3.883  1.00 13.19 ? 116 GLY A O   1 
ATOM   905  N  N   . GLY A 1 118 ? 4.038   -12.720 -5.697  1.00 14.89 ? 117 GLY A N   1 
ATOM   906  C  CA  . GLY A 1 118 ? 2.971   -12.364 -6.607  1.00 14.53 ? 117 GLY A CA  1 
ATOM   907  C  C   . GLY A 1 118 ? 1.752   -13.283 -6.588  1.00 14.10 ? 117 GLY A C   1 
ATOM   908  O  O   . GLY A 1 118 ? 0.654   -12.864 -6.878  1.00 15.47 ? 117 GLY A O   1 
ATOM   909  N  N   . SER A 1 119 ? 1.921   -14.570 -6.251  1.00 12.82 ? 118 SER A N   1 
ATOM   910  C  CA  . SER A 1 119 ? 0.795   -15.489 -6.149  1.00 12.66 ? 118 SER A CA  1 
ATOM   911  C  C   . SER A 1 119 ? -0.219  -14.959 -5.165  1.00 12.90 ? 118 SER A C   1 
ATOM   912  O  O   . SER A 1 119 ? -1.425  -15.162 -5.323  1.00 13.21 ? 118 SER A O   1 
ATOM   913  C  CB  . SER A 1 119 ? 1.233   -16.886 -5.694  1.00 12.92 ? 118 SER A CB  1 
ATOM   914  O  OG  . SER A 1 119 ? 1.916   -16.816 -4.461  1.00 13.49 ? 118 SER A OG  1 
ATOM   915  N  N   . THR A 1 120 ? 0.263   -14.254 -4.148  1.00 11.83 ? 119 THR A N   1 
ATOM   916  C  CA  . THR A 1 120 ? -0.644  -13.712 -3.160  1.00 11.85 ? 119 THR A CA  1 
ATOM   917  C  C   . THR A 1 120 ? -1.594  -12.669 -3.732  1.00 11.30 ? 119 THR A C   1 
ATOM   918  O  O   . THR A 1 120 ? -2.726  -12.534 -3.255  1.00 10.51 ? 119 THR A O   1 
ATOM   919  C  CB  . THR A 1 120 ? 0.119   -13.197 -1.942  1.00 11.49 ? 119 THR A CB  1 
ATOM   920  O  OG1 . THR A 1 120 ? 0.786   -14.315 -1.334  1.00 13.21 ? 119 THR A OG1 1 
ATOM   921  C  CG2 . THR A 1 120 ? -0.826  -12.553 -0.923  1.00 12.92 ? 119 THR A CG2 1 
ATOM   922  N  N   . LEU A 1 121 ? -1.197  -11.931 -4.762  1.00 10.87 ? 120 LEU A N   1 
ATOM   923  C  CA  . LEU A 1 121 ? -2.143  -11.024 -5.388  1.00 10.16 ? 120 LEU A CA  1 
ATOM   924  C  C   . LEU A 1 121 ? -3.323  -11.762 -5.998  1.00 9.75  ? 120 LEU A C   1 
ATOM   925  O  O   . LEU A 1 121 ? -4.466  -11.326 -5.894  1.00 9.24  ? 120 LEU A O   1 
ATOM   926  C  CB  . LEU A 1 121 ? -1.492  -10.158 -6.453  1.00 11.22 ? 120 LEU A CB  1 
ATOM   927  C  CG  . LEU A 1 121 ? -2.430  -9.237  -7.250  1.00 11.30 ? 120 LEU A CG  1 
ATOM   928  C  CD1 . LEU A 1 121 ? -3.168  -8.250  -6.357  1.00 13.54 ? 120 LEU A CD1 1 
ATOM   929  C  CD2 . LEU A 1 121 ? -1.648  -8.522  -8.344  1.00 12.80 ? 120 LEU A CD2 1 
ATOM   930  N  N   . ILE A 1 122 ? -3.042  -12.888 -6.625  1.00 9.63  ? 121 ILE A N   1 
ATOM   931  C  CA  . ILE A 1 122 ? -4.109  -13.674 -7.205  1.00 10.10 ? 121 ILE A CA  1 
ATOM   932  C  C   . ILE A 1 122 ? -5.059  -14.133 -6.078  1.00 10.09 ? 121 ILE A C   1 
ATOM   933  O  O   . ILE A 1 122 ? -6.300  -13.999 -6.224  1.00 9.20  ? 121 ILE A O   1 
ATOM   934  C  CB  . ILE A 1 122 ? -3.584  -14.881 -7.984  1.00 9.77  ? 121 ILE A CB  1 
ATOM   935  C  CG1 . ILE A 1 122 ? -2.722  -14.450 -9.175  1.00 10.35 ? 121 ILE A CG1 1 
ATOM   936  C  CG2 . ILE A 1 122 ? -4.752  -15.780 -8.469  1.00 9.71  ? 121 ILE A CG2 1 
ATOM   937  C  CD1 . ILE A 1 122 ? -3.428  -13.485 -10.149 1.00 11.62 ? 121 ILE A CD1 1 
ATOM   938  N  N   . ASP A 1 123 ? -4.513  -14.684 -4.982  1.00 9.69  ? 122 ASP A N   1 
ATOM   939  C  CA  . ASP A 1 123 ? -5.364  -15.086 -3.862  1.00 9.99  ? 122 ASP A CA  1 
ATOM   940  C  C   . ASP A 1 123 ? -6.190  -13.909 -3.326  1.00 9.38  ? 122 ASP A C   1 
ATOM   941  O  O   . ASP A 1 123 ? -7.400  -14.023 -3.106  1.00 9.52  ? 122 ASP A O   1 
ATOM   942  C  CB  . ASP A 1 123 ? -4.547  -15.693 -2.737  1.00 9.89  ? 122 ASP A CB  1 
ATOM   943  C  CG  . ASP A 1 123 ? -4.001  -17.076 -3.064  1.00 13.84 ? 122 ASP A CG  1 
ATOM   944  O  OD1 . ASP A 1 123 ? -4.503  -17.713 -3.994  1.00 11.75 ? 122 ASP A OD1 1 
ATOM   945  O  OD2 . ASP A 1 123 ? -3.072  -17.520 -2.346  1.00 17.44 ? 122 ASP A OD2 1 
ATOM   946  N  N   . LEU A 1 124 ? -5.504  -12.797 -3.044  1.00 8.89  ? 123 LEU A N   1 
ATOM   947  C  CA  . LEU A 1 124 ? -6.172  -11.629 -2.472  1.00 9.46  ? 123 LEU A CA  1 
ATOM   948  C  C   . LEU A 1 124 ? -7.275  -11.100 -3.391  1.00 8.90  ? 123 LEU A C   1 
ATOM   949  O  O   . LEU A 1 124 ? -8.354  -10.737 -2.896  1.00 9.76  ? 123 LEU A O   1 
ATOM   950  C  CB  . LEU A 1 124 ? -5.201  -10.484 -2.152  1.00 10.19 ? 123 LEU A CB  1 
ATOM   951  C  CG  . LEU A 1 124 ? -4.305  -10.767 -0.949  1.00 11.41 ? 123 LEU A CG  1 
ATOM   952  C  CD1 . LEU A 1 124 ? -3.161  -9.765  -0.985  1.00 13.69 ? 123 LEU A CD1 1 
ATOM   953  C  CD2 . LEU A 1 124 ? -5.045  -10.687 0.361   1.00 13.35 ? 123 LEU A CD2 1 
ATOM   954  N  N   . THR A 1 125 ? -7.064  -11.070 -4.712  1.00 9.01  ? 124 THR A N   1 
ATOM   955  C  CA  . THR A 1 125 ? -8.112  -10.527 -5.586  1.00 9.13  ? 124 THR A CA  1 
ATOM   956  C  C   . THR A 1 125 ? -9.309  -11.489 -5.687  1.00 8.37  ? 124 THR A C   1 
ATOM   957  O  O   . THR A 1 125 ? -10.466 -11.055 -5.643  1.00 9.94  ? 124 THR A O   1 
ATOM   958  C  CB  . THR A 1 125 ? -7.585  -10.053 -6.926  1.00 9.80  ? 124 THR A CB  1 
ATOM   959  O  OG1 . THR A 1 125 ? -8.569  -9.201  -7.504  1.00 11.61 ? 124 THR A OG1 1 
ATOM   960  C  CG2 . THR A 1 125 ? -7.290  -11.174 -7.874  1.00 9.00  ? 124 THR A CG2 1 
ATOM   961  N  N   . LEU A 1 126 ? -9.036  -12.791 -5.668  1.00 8.47  ? 125 LEU A N   1 
ATOM   962  C  CA  . LEU A 1 126 ? -10.105 -13.768 -5.620  1.00 8.84  ? 125 LEU A CA  1 
ATOM   963  C  C   . LEU A 1 126 ? -10.886 -13.694 -4.296  1.00 7.67  ? 125 LEU A C   1 
ATOM   964  O  O   . LEU A 1 126 ? -12.112 -13.829 -4.256  1.00 8.92  ? 125 LEU A O   1 
ATOM   965  C  CB  . LEU A 1 126 ? -9.522  -15.179 -5.776  1.00 8.08  ? 125 LEU A CB  1 
ATOM   966  C  CG  . LEU A 1 126 ? -9.126  -15.527 -7.233  1.00 8.22  ? 125 LEU A CG  1 
ATOM   967  C  CD1 . LEU A 1 126 ? -8.219  -16.783 -7.254  1.00 9.69  ? 125 LEU A CD1 1 
ATOM   968  C  CD2 . LEU A 1 126 ? -10.382 -15.752 -8.139  1.00 10.33 ? 125 LEU A CD2 1 
ATOM   969  N  N   . GLU A 1 127 ? -10.185 -13.455 -3.195  1.00 7.91  ? 126 GLU A N   1 
ATOM   970  C  CA  . GLU A 1 127 ? -10.828 -13.431 -1.857  1.00 8.72  ? 126 GLU A CA  1 
ATOM   971  C  C   . GLU A 1 127 ? -11.614 -12.153 -1.600  1.00 8.97  ? 126 GLU A C   1 
ATOM   972  O  O   . GLU A 1 127 ? -12.561 -12.151 -0.792  1.00 10.61 ? 126 GLU A O   1 
ATOM   973  C  CB  . GLU A 1 127 ? -9.752  -13.553 -0.773  1.00 9.79  ? 126 GLU A CB  1 
ATOM   974  C  CG  . GLU A 1 127 ? -9.158  -14.914 -0.703  1.00 11.32 ? 126 GLU A CG  1 
ATOM   975  C  CD  . GLU A 1 127 ? -7.877  -15.006 0.100   1.00 13.07 ? 126 GLU A CD  1 
ATOM   976  O  OE1 . GLU A 1 127 ? -7.478  -14.015 0.715   1.00 17.04 ? 126 GLU A OE1 1 
ATOM   977  O  OE2 . GLU A 1 127 ? -7.291  -16.139 0.161   1.00 14.88 ? 126 GLU A OE2 1 
ATOM   978  N  N   . ALA A 1 128 ? -11.207 -11.062 -2.244  1.00 9.43  ? 127 ALA A N   1 
ATOM   979  C  CA  . ALA A 1 128 ? -11.899 -9.799  -2.108  1.00 9.17  ? 127 ALA A CA  1 
ATOM   980  C  C   . ALA A 1 128 ? -13.185 -9.775  -2.885  1.00 8.95  ? 127 ALA A C   1 
ATOM   981  O  O   . ALA A 1 128 ? -13.346 -10.500 -3.885  1.00 10.39 ? 127 ALA A O   1 
ATOM   982  C  CB  . ALA A 1 128 ? -11.011 -8.612  -2.524  1.00 9.46  ? 127 ALA A CB  1 
ATOM   983  N  N   . ASP A 1 129 ? -14.160 -8.983  -2.414  1.00 7.91  ? 128 ASP A N   1 
ATOM   984  C  CA  . ASP A 1 129 ? -15.359 -8.754  -3.208  1.00 8.30  ? 128 ASP A CA  1 
ATOM   985  C  C   . ASP A 1 129 ? -15.069 -7.891  -4.428  1.00 7.32  ? 128 ASP A C   1 
ATOM   986  O  O   . ASP A 1 129 ? -15.533 -8.225  -5.525  1.00 10.06 ? 128 ASP A O   1 
ATOM   987  C  CB  . ASP A 1 129 ? -16.450 -8.127  -2.360  1.00 8.66  ? 128 ASP A CB  1 
ATOM   988  C  CG  . ASP A 1 129 ? -16.946 -9.076  -1.319  1.00 8.41  ? 128 ASP A CG  1 
ATOM   989  O  OD1 . ASP A 1 129 ? -17.825 -9.906  -1.679  1.00 9.45  ? 128 ASP A OD1 1 
ATOM   990  O  OD2 . ASP A 1 129 ? -16.446 -9.029  -0.166  1.00 10.13 ? 128 ASP A OD2 1 
ATOM   991  N  N   . ARG A 1 130 ? -14.275 -6.830  -4.238  1.00 7.78  ? 129 ARG A N   1 
ATOM   992  C  CA  . ARG A 1 130 ? -13.901 -5.947  -5.357  1.00 8.00  ? 129 ARG A CA  1 
ATOM   993  C  C   . ARG A 1 130 ? -12.458 -5.493  -5.169  1.00 8.50  ? 129 ARG A C   1 
ATOM   994  O  O   . ARG A 1 130 ? -12.002 -5.289  -4.051  1.00 8.73  ? 129 ARG A O   1 
ATOM   995  C  CB  . ARG A 1 130 ? -14.837 -4.733  -5.434  1.00 9.32  ? 129 ARG A CB  1 
ATOM   996  C  CG  . ARG A 1 130 ? -16.309 -5.042  -5.706  1.00 8.84  ? 129 ARG A CG  1 
ATOM   997  C  CD  . ARG A 1 130 ? -16.575 -5.491  -7.063  1.00 10.09 ? 129 ARG A CD  1 
ATOM   998  N  NE  . ARG A 1 130 ? -17.959 -5.711  -7.427  1.00 10.12 ? 129 ARG A NE  1 
ATOM   999  C  CZ  . ARG A 1 130 ? -18.562 -6.884  -7.418  1.00 8.69  ? 129 ARG A CZ  1 
ATOM   1000 N  NH1 . ARG A 1 130 ? -17.986 -7.959  -6.884  1.00 10.76 ? 129 ARG A NH1 1 
ATOM   1001 N  NH2 . ARG A 1 130 ? -19.794 -6.984  -7.861  1.00 9.75  ? 129 ARG A NH2 1 
ATOM   1002 N  N   . THR A 1 131 ? -11.781 -5.326  -6.292  1.00 8.74  ? 130 THR A N   1 
ATOM   1003 C  CA  . THR A 1 131 ? -10.440 -4.826  -6.375  1.00 8.68  ? 130 THR A CA  1 
ATOM   1004 C  C   . THR A 1 131 ? -10.389 -3.554  -7.219  1.00 7.83  ? 130 THR A C   1 
ATOM   1005 O  O   . THR A 1 131 ? -11.041 -3.484  -8.268  1.00 9.57  ? 130 THR A O   1 
ATOM   1006 C  CB  . THR A 1 131 ? -9.473  -5.846  -6.933  1.00 8.34  ? 130 THR A CB  1 
ATOM   1007 O  OG1 . THR A 1 131 ? -9.539  -7.037  -6.136  1.00 9.31  ? 130 THR A OG1 1 
ATOM   1008 C  CG2 . THR A 1 131 ? -8.019  -5.358  -6.853  1.00 10.12 ? 130 THR A CG2 1 
ATOM   1009 N  N   . LEU A 1 132 ? -9.668  -2.546  -6.702  1.00 8.13  ? 131 LEU A N   1 
ATOM   1010 C  CA  A LEU A 1 132 ? -9.385  -1.243  -7.350  0.50 9.18  ? 131 LEU A CA  1 
ATOM   1011 C  CA  B LEU A 1 132 ? -9.429  -1.291  -7.428  0.50 9.14  ? 131 LEU A CA  1 
ATOM   1012 C  C   . LEU A 1 132 ? -7.939  -1.232  -7.818  1.00 9.15  ? 131 LEU A C   1 
ATOM   1013 O  O   . LEU A 1 132 ? -7.043  -1.585  -7.029  1.00 11.58 ? 131 LEU A O   1 
ATOM   1014 C  CB  A LEU A 1 132 ? -9.503  -0.110  -6.347  0.50 9.30  ? 131 LEU A CB  1 
ATOM   1015 C  CB  B LEU A 1 132 ? -9.832  -0.064  -6.614  0.50 9.27  ? 131 LEU A CB  1 
ATOM   1016 C  CG  A LEU A 1 132 ? -10.762 -0.056  -5.508  0.50 11.13 ? 131 LEU A CG  1 
ATOM   1017 C  CG  B LEU A 1 132 ? -11.211 0.178   -5.948  0.50 9.77  ? 131 LEU A CG  1 
ATOM   1018 C  CD1 A LEU A 1 132 ? -10.904 1.347   -4.947  0.50 10.43 ? 131 LEU A CD1 1 
ATOM   1019 C  CD1 B LEU A 1 132 ? -12.315 0.610   -6.857  0.50 12.10 ? 131 LEU A CD1 1 
ATOM   1020 C  CD2 A LEU A 1 132 ? -11.889 -0.364  -6.372  0.50 9.26  ? 131 LEU A CD2 1 
ATOM   1021 C  CD2 B LEU A 1 132 ? -11.658 -0.952  -5.039  0.50 8.29  ? 131 LEU A CD2 1 
ATOM   1022 N  N   . PHE A 1 133 ? -7.677  -0.786  -9.044  1.00 9.51  ? 132 PHE A N   1 
ATOM   1023 C  CA  . PHE A 1 133 ? -6.306  -0.793  -9.596  1.00 9.81  ? 132 PHE A CA  1 
ATOM   1024 C  C   . PHE A 1 133 ? -5.859  0.609   -9.895  1.00 9.27  ? 132 PHE A C   1 
ATOM   1025 O  O   . PHE A 1 133 ? -6.495  1.329   -10.686 1.00 10.34 ? 132 PHE A O   1 
ATOM   1026 C  CB  . PHE A 1 133 ? -6.252  -1.651  -10.857 1.00 10.56 ? 132 PHE A CB  1 
ATOM   1027 C  CG  . PHE A 1 133 ? -6.431  -3.092  -10.590 1.00 10.21 ? 132 PHE A CG  1 
ATOM   1028 C  CD1 . PHE A 1 133 ? -7.712  -3.668  -10.545 1.00 11.05 ? 132 PHE A CD1 1 
ATOM   1029 C  CD2 . PHE A 1 133 ? -5.333  -3.889  -10.334 1.00 11.34 ? 132 PHE A CD2 1 
ATOM   1030 C  CE1 . PHE A 1 133 ? -7.876  -4.995  -10.232 1.00 12.16 ? 132 PHE A CE1 1 
ATOM   1031 C  CE2 . PHE A 1 133 ? -5.522  -5.251  -10.044 1.00 11.76 ? 132 PHE A CE2 1 
ATOM   1032 C  CZ  . PHE A 1 133 ? -6.808  -5.770  -9.982  1.00 12.68 ? 132 PHE A CZ  1 
ATOM   1033 N  N   . PHE A 1 134 ? -4.705  0.953   -9.299  1.00 11.70 ? 133 PHE A N   1 
ATOM   1034 C  CA  . PHE A 1 134 ? -4.041  2.235   -9.554  1.00 12.81 ? 133 PHE A CA  1 
ATOM   1035 C  C   . PHE A 1 134 ? -2.592  2.088   -10.010 1.00 15.19 ? 133 PHE A C   1 
ATOM   1036 O  O   . PHE A 1 134 ? -2.138  0.969   -10.185 1.00 14.63 ? 133 PHE A O   1 
ATOM   1037 C  CB  . PHE A 1 134 ? -4.216  3.131   -8.345  1.00 12.54 ? 133 PHE A CB  1 
ATOM   1038 C  CG  . PHE A 1 134 ? -5.666  3.415   -8.042  1.00 11.93 ? 133 PHE A CG  1 
ATOM   1039 C  CD1 . PHE A 1 134 ? -6.373  4.364   -8.777  1.00 11.88 ? 133 PHE A CD1 1 
ATOM   1040 C  CD2 . PHE A 1 134 ? -6.334  2.729   -7.032  1.00 11.99 ? 133 PHE A CD2 1 
ATOM   1041 C  CE1 . PHE A 1 134 ? -7.725  4.616   -8.520  1.00 13.59 ? 133 PHE A CE1 1 
ATOM   1042 C  CE2 . PHE A 1 134 ? -7.670  3.003   -6.722  1.00 12.36 ? 133 PHE A CE2 1 
ATOM   1043 C  CZ  . PHE A 1 134 ? -8.386  3.935   -7.487  1.00 13.56 ? 133 PHE A CZ  1 
ATOM   1044 O  OXT . PHE A 1 134 ? -1.969  3.120   -10.403 1.00 18.15 ? 133 PHE A OXT 1 
HETATM 1045 CL CL  . CL  B 2 .   ? 1.173   5.924   -15.918 0.33 56.28 ? 134 CL  A CL  1 
HETATM 1046 O  O   . HOH C 3 .   ? -20.724 -9.825  -8.448  1.00 20.90 ? 135 HOH A O   1 
HETATM 1047 O  O   . HOH C 3 .   ? -13.743 -3.705  -8.800  1.00 11.59 ? 136 HOH A O   1 
HETATM 1048 O  O   . HOH C 3 .   ? -11.759 -8.562  -5.947  1.00 9.89  ? 137 HOH A O   1 
HETATM 1049 O  O   A HOH C 3 .   ? -8.861  -7.236  1.035   0.50 12.47 ? 138 HOH A O   1 
HETATM 1050 O  O   B HOH C 3 .   ? -9.239  -6.821  2.453   0.50 19.41 ? 138 HOH A O   1 
HETATM 1051 O  O   . HOH C 3 .   ? -8.653  -9.750  -0.164  1.00 18.56 ? 139 HOH A O   1 
HETATM 1052 O  O   . HOH C 3 .   ? -6.063  -9.404  3.397   1.00 23.19 ? 140 HOH A O   1 
HETATM 1053 O  O   . HOH C 3 .   ? -18.876 -10.482 -4.048  1.00 16.11 ? 141 HOH A O   1 
HETATM 1054 O  O   . HOH C 3 .   ? -12.378 -6.965  -8.719  1.00 17.76 ? 142 HOH A O   1 
HETATM 1055 O  O   . HOH C 3 .   ? -9.612  -2.749  7.126   1.00 25.84 ? 143 HOH A O   1 
HETATM 1056 O  O   . HOH C 3 .   ? -5.896  3.195   -12.663 1.00 16.94 ? 144 HOH A O   1 
HETATM 1057 O  O   . HOH C 3 .   ? 7.641   16.299  1.388   1.00 14.06 ? 145 HOH A O   1 
HETATM 1058 O  O   . HOH C 3 .   ? 5.214   14.438  4.978   1.00 13.24 ? 146 HOH A O   1 
HETATM 1059 O  O   . HOH C 3 .   ? 15.556  2.457   3.444   1.00 13.62 ? 147 HOH A O   1 
HETATM 1060 O  O   . HOH C 3 .   ? 4.726   -15.956 -6.266  1.00 18.55 ? 148 HOH A O   1 
HETATM 1061 O  O   . HOH C 3 .   ? -19.686 -10.848 -0.075  1.00 15.58 ? 149 HOH A O   1 
HETATM 1062 O  O   . HOH C 3 .   ? 13.120  12.153  0.063   1.00 13.82 ? 150 HOH A O   1 
HETATM 1063 O  O   . HOH C 3 .   ? -5.202  -20.128 -5.152  1.00 14.74 ? 151 HOH A O   1 
HETATM 1064 O  O   . HOH C 3 .   ? 5.638   14.740  9.135   1.00 22.65 ? 152 HOH A O   1 
HETATM 1065 O  O   . HOH C 3 .   ? -14.201 -8.720  -7.842  1.00 19.64 ? 153 HOH A O   1 
HETATM 1066 O  O   . HOH C 3 .   ? -8.215  -11.577 1.788   1.00 18.96 ? 154 HOH A O   1 
HETATM 1067 O  O   . HOH C 3 .   ? 16.386  -8.939  0.964   1.00 30.60 ? 155 HOH A O   1 
HETATM 1068 O  O   . HOH C 3 .   ? -0.383  -4.353  7.455   1.00 19.03 ? 156 HOH A O   1 
HETATM 1069 O  O   . HOH C 3 .   ? -5.865  7.091   4.030   1.00 16.65 ? 157 HOH A O   1 
HETATM 1070 O  O   . HOH C 3 .   ? 14.953  8.527   -0.708  1.00 25.85 ? 158 HOH A O   1 
HETATM 1071 O  O   . HOH C 3 .   ? -0.865  -14.004 3.006   1.00 35.08 ? 159 HOH A O   1 
HETATM 1072 O  O   . HOH C 3 .   ? 5.405   11.282  11.065  1.00 20.56 ? 160 HOH A O   1 
HETATM 1073 O  O   . HOH C 3 .   ? -9.794  -12.930 3.713   1.00 26.21 ? 161 HOH A O   1 
HETATM 1074 O  O   . HOH C 3 .   ? 9.455   1.019   10.073  1.00 24.95 ? 162 HOH A O   1 
HETATM 1075 O  O   . HOH C 3 .   ? 10.793  5.243   8.156   1.00 20.74 ? 163 HOH A O   1 
HETATM 1076 O  O   . HOH C 3 .   ? 3.427   17.327  7.503   1.00 24.83 ? 164 HOH A O   1 
HETATM 1077 O  O   . HOH C 3 .   ? 8.092   13.614  -2.081  1.00 29.89 ? 165 HOH A O   1 
HETATM 1078 O  O   . HOH C 3 .   ? 3.926   13.683  7.337   1.00 23.45 ? 166 HOH A O   1 
HETATM 1079 O  O   . HOH C 3 .   ? 15.863  0.870   -0.561  1.00 18.21 ? 167 HOH A O   1 
HETATM 1080 O  O   . HOH C 3 .   ? -11.662 8.792   5.807   1.00 35.22 ? 168 HOH A O   1 
HETATM 1081 O  O   . HOH C 3 .   ? -1.944  -19.863 -2.874  1.00 21.99 ? 169 HOH A O   1 
HETATM 1082 O  O   . HOH C 3 .   ? -0.455  3.738   -7.912  1.00 18.16 ? 170 HOH A O   1 
HETATM 1083 O  O   . HOH C 3 .   ? 16.320  0.732   5.344   1.00 23.62 ? 171 HOH A O   1 
HETATM 1084 O  O   . HOH C 3 .   ? 7.916   5.485   8.264   1.00 18.59 ? 172 HOH A O   1 
HETATM 1085 O  O   . HOH C 3 .   ? 6.326   -10.259 6.093   1.00 19.77 ? 173 HOH A O   1 
HETATM 1086 O  O   . HOH C 3 .   ? 3.332   -15.233 -0.996  1.00 22.03 ? 174 HOH A O   1 
HETATM 1087 O  O   . HOH C 3 .   ? 10.202  12.223  -2.863  1.00 28.22 ? 175 HOH A O   1 
HETATM 1088 O  O   . HOH C 3 .   ? 19.457  -2.651  -2.486  1.00 33.61 ? 176 HOH A O   1 
HETATM 1089 O  O   . HOH C 3 .   ? -15.621 -11.208 6.106   1.00 36.40 ? 177 HOH A O   1 
HETATM 1090 O  O   . HOH C 3 .   ? 15.960  5.673   -0.001  1.00 20.51 ? 178 HOH A O   1 
HETATM 1091 O  O   . HOH C 3 .   ? 1.717   14.910  5.365   1.00 30.56 ? 179 HOH A O   1 
HETATM 1092 O  O   . HOH C 3 .   ? -0.007  -17.574 -2.789  1.00 31.81 ? 180 HOH A O   1 
HETATM 1093 O  O   . HOH C 3 .   ? -4.075  10.587  -6.135  1.00 24.91 ? 181 HOH A O   1 
HETATM 1094 O  O   . HOH C 3 .   ? -12.881 -1.443  8.499   1.00 23.41 ? 182 HOH A O   1 
HETATM 1095 O  O   . HOH C 3 .   ? 11.894  5.728   -2.577  1.00 31.35 ? 183 HOH A O   1 
HETATM 1096 O  O   . HOH C 3 .   ? 3.971   -13.383 4.348   1.00 36.65 ? 184 HOH A O   1 
HETATM 1097 O  O   . HOH C 3 .   ? -18.136 6.809   7.436   1.00 44.33 ? 185 HOH A O   1 
HETATM 1098 O  O   A HOH C 3 .   ? -16.364 -11.136 1.531   0.50 13.52 ? 186 HOH A O   1 
HETATM 1099 O  O   B HOH C 3 .   ? -15.329 -11.236 0.575   0.50 15.52 ? 186 HOH A O   1 
HETATM 1100 O  O   . HOH C 3 .   ? 10.209  5.448   -8.197  1.00 35.28 ? 187 HOH A O   1 
HETATM 1101 O  O   . HOH C 3 .   ? -2.546  -11.639 5.837   1.00 26.81 ? 188 HOH A O   1 
HETATM 1102 O  O   . HOH C 3 .   ? -10.673 8.334   8.232   1.00 31.20 ? 189 HOH A O   1 
HETATM 1103 O  O   . HOH C 3 .   ? -12.659 6.253   10.285  1.00 40.17 ? 190 HOH A O   1 
HETATM 1104 O  O   . HOH C 3 .   ? 12.990  12.148  -2.585  1.00 29.46 ? 191 HOH A O   1 
HETATM 1105 O  O   . HOH C 3 .   ? -0.014  16.674  4.319   1.00 42.44 ? 192 HOH A O   1 
HETATM 1106 O  O   . HOH C 3 .   ? -18.932 -11.463 2.551   1.00 38.48 ? 193 HOH A O   1 
HETATM 1107 O  O   . HOH C 3 .   ? 6.085   3.654   8.236   1.00 32.85 ? 194 HOH A O   1 
HETATM 1108 O  O   . HOH C 3 .   ? 7.302   -4.939  7.053   1.00 23.01 ? 195 HOH A O   1 
HETATM 1109 O  O   . HOH C 3 .   ? 17.547  7.729   1.131   1.00 31.12 ? 196 HOH A O   1 
HETATM 1110 O  O   . HOH C 3 .   ? 17.061  -7.534  3.787   1.00 22.69 ? 197 HOH A O   1 
HETATM 1111 O  O   . HOH C 3 .   ? 2.199   5.016   9.838   1.00 37.67 ? 198 HOH A O   1 
HETATM 1112 O  O   . HOH C 3 .   ? 8.949   11.755  -12.056 1.00 41.34 ? 199 HOH A O   1 
HETATM 1113 O  O   . HOH C 3 .   ? -21.416 -10.219 2.541   1.00 26.95 ? 200 HOH A O   1 
HETATM 1114 O  O   . HOH C 3 .   ? 18.263  0.639   -4.037  1.00 43.29 ? 201 HOH A O   1 
HETATM 1115 O  O   . HOH C 3 .   ? -10.494 -1.943  9.142   1.00 26.47 ? 202 HOH A O   1 
HETATM 1116 O  O   . HOH C 3 .   ? 5.551   16.216  -1.004  1.00 34.16 ? 203 HOH A O   1 
HETATM 1117 O  O   . HOH C 3 .   ? -21.818 -7.533  4.046   1.00 30.05 ? 204 HOH A O   1 
HETATM 1118 O  O   . HOH C 3 .   ? -1.894  -4.576  9.625   1.00 35.72 ? 205 HOH A O   1 
HETATM 1119 O  O   . HOH C 3 .   ? 5.840   12.530  -8.226  1.00 27.00 ? 206 HOH A O   1 
HETATM 1120 O  O   . HOH C 3 .   ? 16.688  -7.559  -11.073 1.00 40.33 ? 207 HOH A O   1 
HETATM 1121 O  O   . HOH C 3 .   ? -10.574 -11.612 6.809   1.00 32.16 ? 208 HOH A O   1 
HETATM 1122 O  O   . HOH C 3 .   ? 1.856   11.869  8.280   1.00 35.02 ? 209 HOH A O   1 
HETATM 1123 O  O   . HOH C 3 .   ? 16.001  -9.088  5.776   1.00 41.22 ? 210 HOH A O   1 
HETATM 1124 O  O   . HOH C 3 .   ? -14.220 8.515   5.226   1.00 28.88 ? 211 HOH A O   1 
HETATM 1125 O  O   . HOH C 3 .   ? 4.589   1.403   8.808   1.00 35.20 ? 212 HOH A O   1 
HETATM 1126 O  O   . HOH C 3 .   ? -0.297  14.364  8.146   1.00 33.51 ? 213 HOH A O   1 
HETATM 1127 O  O   . HOH C 3 .   ? -5.437  -16.794 1.670   1.00 27.96 ? 214 HOH A O   1 
HETATM 1128 O  O   . HOH C 3 .   ? -20.879 -8.993  -5.084  1.00 16.63 ? 215 HOH A O   1 
HETATM 1129 O  O   . HOH C 3 .   ? -20.846 -6.400  -4.404  1.00 10.35 ? 216 HOH A O   1 
HETATM 1130 O  O   . HOH C 3 .   ? -20.551 -5.148  4.248   1.00 26.97 ? 217 HOH A O   1 
HETATM 1131 O  O   . HOH C 3 .   ? 12.335  7.515   -4.163  1.00 29.39 ? 218 HOH A O   1 
HETATM 1132 O  O   . HOH C 3 .   ? -4.267  -10.670 7.584   1.00 42.52 ? 219 HOH A O   1 
HETATM 1133 O  O   . HOH C 3 .   ? 5.604   14.986  -6.963  1.00 34.61 ? 220 HOH A O   1 
HETATM 1134 O  O   . HOH C 3 .   ? -3.438  -7.600  10.838  1.00 51.16 ? 221 HOH A O   1 
HETATM 1135 O  O   . HOH C 3 .   ? 20.142  7.386   1.465   1.00 37.85 ? 222 HOH A O   1 
HETATM 1136 O  O   . HOH C 3 .   ? -4.278  -4.475  9.908   1.00 42.23 ? 223 HOH A O   1 
HETATM 1137 O  O   . HOH C 3 .   ? -15.974 -9.272  -9.518  0.33 26.87 ? 224 HOH A O   1 
HETATM 1138 O  O   . HOH C 3 .   ? -18.125 -10.840 -8.381  0.33 24.20 ? 225 HOH A O   1 
HETATM 1139 O  O   . HOH C 3 .   ? -23.195 -10.500 -4.588  1.00 21.36 ? 226 HOH A O   1 
HETATM 1140 O  O   . HOH C 3 .   ? -11.147 -5.170  -11.426 0.33 22.83 ? 227 HOH A O   1 
HETATM 1141 O  O   . HOH C 3 .   ? 3.008   12.700  -10.031 1.00 32.90 ? 228 HOH A O   1 
HETATM 1142 O  O   . HOH C 3 .   ? -21.263 -1.649  5.133   1.00 30.56 ? 229 HOH A O   1 
HETATM 1143 O  O   . HOH C 3 .   ? -8.451  -5.023  7.105   1.00 41.26 ? 230 HOH A O   1 
HETATM 1144 O  O   . HOH C 3 .   ? 7.000   -5.922  10.456  1.00 30.44 ? 231 HOH A O   1 
HETATM 1145 O  O   . HOH C 3 .   ? -1.728  -1.379  8.634   1.00 25.65 ? 232 HOH A O   1 
HETATM 1146 O  O   . HOH C 3 .   ? 19.161  -1.071  -0.039  1.00 24.85 ? 233 HOH A O   1 
HETATM 1147 O  O   . HOH C 3 .   ? -1.923  15.931  2.891   1.00 35.58 ? 234 HOH A O   1 
HETATM 1148 O  O   . HOH C 3 .   ? -18.292 -5.274  5.332   1.00 23.96 ? 235 HOH A O   1 
HETATM 1149 O  O   A HOH C 3 .   ? -3.108  10.506  10.254  0.50 21.94 ? 236 HOH A O   1 
HETATM 1150 O  O   B HOH C 3 .   ? -2.509  11.272  8.907   0.50 16.05 ? 236 HOH A O   1 
HETATM 1151 O  O   A HOH C 3 .   ? 5.437   5.124   -12.604 0.50 23.24 ? 237 HOH A O   1 
HETATM 1152 O  O   B HOH C 3 .   ? 6.020   3.323   -13.173 0.50 22.52 ? 237 HOH A O   1 
HETATM 1153 O  O   . HOH C 3 .   ? 11.591  7.147   -7.129  1.00 35.54 ? 238 HOH A O   1 
HETATM 1154 O  O   . HOH C 3 .   ? -25.427 -9.264  -3.684  1.00 22.15 ? 239 HOH A O   1 
HETATM 1155 O  O   . HOH C 3 .   ? -27.298 -9.511  -5.385  1.00 39.97 ? 240 HOH A O   1 
HETATM 1156 O  O   . HOH C 3 .   ? -3.137  -21.558 -4.480  1.00 33.84 ? 241 HOH A O   1 
HETATM 1157 O  O   . HOH C 3 .   ? 3.798   -15.433 1.724   1.00 40.08 ? 242 HOH A O   1 
HETATM 1158 O  O   . HOH C 3 .   ? -1.018  -20.773 -0.389  1.00 35.84 ? 243 HOH A O   1 
HETATM 1159 O  O   . HOH C 3 .   ? 9.246   4.230   -13.491 1.00 37.01 ? 244 HOH A O   1 
HETATM 1160 O  O   A HOH C 3 .   ? 18.369  12.284  0.146   0.50 28.85 ? 245 HOH A O   1 
HETATM 1161 O  O   B HOH C 3 .   ? 18.894  13.716  -0.277  0.50 18.57 ? 245 HOH A O   1 
# 
loop_
_pdbx_poly_seq_scheme.asym_id 
_pdbx_poly_seq_scheme.entity_id 
_pdbx_poly_seq_scheme.seq_id 
_pdbx_poly_seq_scheme.mon_id 
_pdbx_poly_seq_scheme.ndb_seq_num 
_pdbx_poly_seq_scheme.pdb_seq_num 
_pdbx_poly_seq_scheme.auth_seq_num 
_pdbx_poly_seq_scheme.pdb_mon_id 
_pdbx_poly_seq_scheme.auth_mon_id 
_pdbx_poly_seq_scheme.pdb_strand_id 
_pdbx_poly_seq_scheme.pdb_ins_code 
_pdbx_poly_seq_scheme.hetero 
A 1 1   GLY 1   0   ?   ?   ?   A . n 
A 1 2   MSE 2   1   ?   ?   ?   A . n 
A 1 3   ALA 3   2   ?   ?   ?   A . n 
A 1 4   GLN 4   3   ?   ?   ?   A . n 
A 1 5   ALA 5   4   ?   ?   ?   A . n 
A 1 6   GLN 6   5   ?   ?   ?   A . n 
A 1 7   THR 7   6   ?   ?   ?   A . n 
A 1 8   GLN 8   7   ?   ?   ?   A . n 
A 1 9   GLY 9   8   ?   ?   ?   A . n 
A 1 10  GLN 10  9   ?   ?   ?   A . n 
A 1 11  GLU 11  10  ?   ?   ?   A . n 
A 1 12  GLU 12  11  ?   ?   ?   A . n 
A 1 13  GLU 13  12  ?   ?   ?   A . n 
A 1 14  GLN 14  13  13  GLN GLN A . n 
A 1 15  MLY 15  14  14  MLY MLY A . n 
A 1 16  MLY 16  15  15  MLY MLY A . n 
A 1 17  MLY 17  16  16  MLY MLY A . n 
A 1 18  ILE 18  17  17  ILE ILE A . n 
A 1 19  LEU 19  18  18  LEU LEU A . n 
A 1 20  ILE 20  19  19  ILE ILE A . n 
A 1 21  VAL 21  20  20  VAL VAL A . n 
A 1 22  VAL 22  21  21  VAL VAL A . n 
A 1 23  THR 23  22  22  THR THR A . n 
A 1 24  HIS 24  23  23  HIS HIS A . n 
A 1 25  GLY 25  24  24  GLY GLY A . n 
A 1 26  PRO 26  25  25  PRO PRO A . n 
A 1 27  GLU 27  26  26  GLU GLU A . n 
A 1 28  ASP 28  27  27  ASP ASP A . n 
A 1 29  LEU 29  28  28  LEU LEU A . n 
A 1 30  ASP 30  29  29  ASP ASP A . n 
A 1 31  ARG 31  30  30  ARG ARG A . n 
A 1 32  THR 32  31  31  THR THR A . n 
A 1 33  TYR 33  32  32  TYR TYR A . n 
A 1 34  ALA 34  33  33  ALA ALA A . n 
A 1 35  PRO 35  34  34  PRO PRO A . n 
A 1 36  LEU 36  35  35  LEU LEU A . n 
A 1 37  PHE 37  36  36  PHE PHE A . n 
A 1 38  MSE 38  37  37  MSE MSE A . n 
A 1 39  ALA 39  38  38  ALA ALA A . n 
A 1 40  SER 40  39  39  SER SER A . n 
A 1 41  ILE 41  40  40  ILE ILE A . n 
A 1 42  SER 42  41  41  SER SER A . n 
A 1 43  ALA 43  42  42  ALA ALA A . n 
A 1 44  SER 44  43  43  SER SER A . n 
A 1 45  MSE 45  44  44  MSE MSE A . n 
A 1 46  GLU 46  45  45  GLU GLU A . n 
A 1 47  TYR 47  46  46  TYR TYR A . n 
A 1 48  GLU 48  47  47  GLU GLU A . n 
A 1 49  THR 49  48  48  THR THR A . n 
A 1 50  SER 50  49  49  SER SER A . n 
A 1 51  VAL 51  50  50  VAL VAL A . n 
A 1 52  PHE 52  51  51  PHE PHE A . n 
A 1 53  PHE 53  52  52  PHE PHE A . n 
A 1 54  MSE 54  53  53  MSE MSE A . n 
A 1 55  ILE 55  54  54  ILE ILE A . n 
A 1 56  MLY 56  55  55  MLY MLY A . n 
A 1 57  GLY 57  56  56  GLY GLY A . n 
A 1 58  PRO 58  57  57  PRO PRO A . n 
A 1 59  MLY 59  58  58  MLY MLY A . n 
A 1 60  LEU 60  59  59  LEU LEU A . n 
A 1 61  LEU 61  60  60  LEU LEU A . n 
A 1 62  ASP 62  61  61  ASP ASP A . n 
A 1 63  MLY 63  62  62  MLY MLY A . n 
A 1 64  MLY 64  63  63  MLY MLY A . n 
A 1 65  TRP 65  64  64  TRP TRP A . n 
A 1 66  GLN 66  65  65  GLN GLN A . n 
A 1 67  GLU 67  66  66  GLU GLU A . n 
A 1 68  GLU 68  67  67  GLU GLU A . n 
A 1 69  GLU 69  68  68  GLU GLU A . n 
A 1 70  ARG 70  69  69  ARG ARG A . n 
A 1 71  MLY 71  70  70  MLY MLY A . n 
A 1 72  MLY 72  71  71  MLY MLY A . n 
A 1 73  GLY 73  72  72  GLY GLY A . n 
A 1 74  GLY 74  73  73  GLY GLY A . n 
A 1 75  ASN 75  74  74  ASN ASN A . n 
A 1 76  PRO 76  75  75  PRO PRO A . n 
A 1 77  PHE 77  76  76  PHE PHE A . n 
A 1 78  ILE 78  77  77  ILE ILE A . n 
A 1 79  HIS 79  78  78  HIS HIS A . n 
A 1 80  PHE 80  79  79  PHE PHE A . n 
A 1 81  PHE 81  80  80  PHE PHE A . n 
A 1 82  ASP 82  81  81  ASP ASP A . n 
A 1 83  MSE 83  82  82  MSE MSE A . n 
A 1 84  ALA 84  83  83  ALA ALA A . n 
A 1 85  MLY 85  84  84  MLY MLY A . n 
A 1 86  GLU 86  85  85  GLU GLU A . n 
A 1 87  ASN 87  86  86  ASN ASN A . n 
A 1 88  GLY 88  87  87  GLY GLY A . n 
A 1 89  VAL 89  88  88  VAL VAL A . n 
A 1 90  MLY 90  89  89  MLY MLY A . n 
A 1 91  MSE 91  90  90  MSE MSE A . n 
A 1 92  TYR 92  91  91  TYR TYR A . n 
A 1 93  VAL 93  92  92  VAL VAL A . n 
A 1 94  CSX 94  93  93  CSX CSX A . n 
A 1 95  VAL 95  94  94  VAL VAL A . n 
A 1 96  GLN 96  95  95  GLN GLN A . n 
A 1 97  SER 97  96  96  SER SER A . n 
A 1 98  LEU 98  97  97  LEU LEU A . n 
A 1 99  MLY 99  98  98  MLY MLY A . n 
A 1 100 ASP 100 99  99  ASP ASP A . n 
A 1 101 MSE 101 100 100 MSE MSE A . n 
A 1 102 CYS 102 101 101 CYS CYS A . n 
A 1 103 HIS 103 102 102 HIS HIS A . n 
A 1 104 MSE 104 103 103 MSE MSE A . n 
A 1 105 MLY 105 104 104 MLY MLY A . n 
A 1 106 GLU 106 105 105 GLU GLU A . n 
A 1 107 ASP 107 106 106 ASP ASP A . n 
A 1 108 ASP 108 107 107 ASP ASP A . n 
A 1 109 VAL 109 108 108 VAL VAL A . n 
A 1 110 VAL 110 109 109 VAL VAL A . n 
A 1 111 GLU 111 110 110 GLU GLU A . n 
A 1 112 GLY 112 111 111 GLY GLY A . n 
A 1 113 ILE 113 112 112 ILE ILE A . n 
A 1 114 GLU 114 113 113 GLU GLU A . n 
A 1 115 LEU 115 114 114 LEU LEU A . n 
A 1 116 VAL 116 115 115 VAL VAL A . n 
A 1 117 GLY 117 116 116 GLY GLY A . n 
A 1 118 GLY 118 117 117 GLY GLY A . n 
A 1 119 SER 119 118 118 SER SER A . n 
A 1 120 THR 120 119 119 THR THR A . n 
A 1 121 LEU 121 120 120 LEU LEU A . n 
A 1 122 ILE 122 121 121 ILE ILE A . n 
A 1 123 ASP 123 122 122 ASP ASP A . n 
A 1 124 LEU 124 123 123 LEU LEU A . n 
A 1 125 THR 125 124 124 THR THR A . n 
A 1 126 LEU 126 125 125 LEU LEU A . n 
A 1 127 GLU 127 126 126 GLU GLU A . n 
A 1 128 ALA 128 127 127 ALA ALA A . n 
A 1 129 ASP 129 128 128 ASP ASP A . n 
A 1 130 ARG 130 129 129 ARG ARG A . n 
A 1 131 THR 131 130 130 THR THR A . n 
A 1 132 LEU 132 131 131 LEU LEU A . n 
A 1 133 PHE 133 132 132 PHE PHE A . n 
A 1 134 PHE 134 133 133 PHE PHE A . n 
# 
_pdbx_SG_project.project_name          'PSI, Protein Structure Initiative' 
_pdbx_SG_project.full_name_of_center   'Joint Center for Structural Genomics' 
_pdbx_SG_project.id                    1 
_pdbx_SG_project.initial_of_center     JCSG 
# 
loop_
_pdbx_nonpoly_scheme.asym_id 
_pdbx_nonpoly_scheme.entity_id 
_pdbx_nonpoly_scheme.mon_id 
_pdbx_nonpoly_scheme.ndb_seq_num 
_pdbx_nonpoly_scheme.pdb_seq_num 
_pdbx_nonpoly_scheme.auth_seq_num 
_pdbx_nonpoly_scheme.pdb_mon_id 
_pdbx_nonpoly_scheme.auth_mon_id 
_pdbx_nonpoly_scheme.pdb_strand_id 
_pdbx_nonpoly_scheme.pdb_ins_code 
B 2 CL  1   134 1   CL  CL  A . 
C 3 HOH 1   135 2   HOH HOH A . 
C 3 HOH 2   136 3   HOH HOH A . 
C 3 HOH 3   137 4   HOH HOH A . 
C 3 HOH 4   138 5   HOH HOH A . 
C 3 HOH 5   139 6   HOH HOH A . 
C 3 HOH 6   140 7   HOH HOH A . 
C 3 HOH 7   141 8   HOH HOH A . 
C 3 HOH 8   142 9   HOH HOH A . 
C 3 HOH 9   143 10  HOH HOH A . 
C 3 HOH 10  144 11  HOH HOH A . 
C 3 HOH 11  145 12  HOH HOH A . 
C 3 HOH 12  146 13  HOH HOH A . 
C 3 HOH 13  147 14  HOH HOH A . 
C 3 HOH 14  148 15  HOH HOH A . 
C 3 HOH 15  149 16  HOH HOH A . 
C 3 HOH 16  150 17  HOH HOH A . 
C 3 HOH 17  151 18  HOH HOH A . 
C 3 HOH 18  152 19  HOH HOH A . 
C 3 HOH 19  153 20  HOH HOH A . 
C 3 HOH 20  154 21  HOH HOH A . 
C 3 HOH 21  155 22  HOH HOH A . 
C 3 HOH 22  156 23  HOH HOH A . 
C 3 HOH 23  157 24  HOH HOH A . 
C 3 HOH 24  158 25  HOH HOH A . 
C 3 HOH 25  159 26  HOH HOH A . 
C 3 HOH 26  160 27  HOH HOH A . 
C 3 HOH 27  161 28  HOH HOH A . 
C 3 HOH 28  162 29  HOH HOH A . 
C 3 HOH 29  163 30  HOH HOH A . 
C 3 HOH 30  164 31  HOH HOH A . 
C 3 HOH 31  165 32  HOH HOH A . 
C 3 HOH 32  166 33  HOH HOH A . 
C 3 HOH 33  167 34  HOH HOH A . 
C 3 HOH 34  168 35  HOH HOH A . 
C 3 HOH 35  169 36  HOH HOH A . 
C 3 HOH 36  170 37  HOH HOH A . 
C 3 HOH 37  171 38  HOH HOH A . 
C 3 HOH 38  172 39  HOH HOH A . 
C 3 HOH 39  173 40  HOH HOH A . 
C 3 HOH 40  174 41  HOH HOH A . 
C 3 HOH 41  175 42  HOH HOH A . 
C 3 HOH 42  176 43  HOH HOH A . 
C 3 HOH 43  177 44  HOH HOH A . 
C 3 HOH 44  178 45  HOH HOH A . 
C 3 HOH 45  179 46  HOH HOH A . 
C 3 HOH 46  180 47  HOH HOH A . 
C 3 HOH 47  181 48  HOH HOH A . 
C 3 HOH 48  182 49  HOH HOH A . 
C 3 HOH 49  183 50  HOH HOH A . 
C 3 HOH 50  184 51  HOH HOH A . 
C 3 HOH 51  185 52  HOH HOH A . 
C 3 HOH 52  186 53  HOH HOH A . 
C 3 HOH 53  187 54  HOH HOH A . 
C 3 HOH 54  188 55  HOH HOH A . 
C 3 HOH 55  189 56  HOH HOH A . 
C 3 HOH 56  190 57  HOH HOH A . 
C 3 HOH 57  191 58  HOH HOH A . 
C 3 HOH 58  192 59  HOH HOH A . 
C 3 HOH 59  193 60  HOH HOH A . 
C 3 HOH 60  194 61  HOH HOH A . 
C 3 HOH 61  195 62  HOH HOH A . 
C 3 HOH 62  196 63  HOH HOH A . 
C 3 HOH 63  197 64  HOH HOH A . 
C 3 HOH 64  198 65  HOH HOH A . 
C 3 HOH 65  199 66  HOH HOH A . 
C 3 HOH 66  200 67  HOH HOH A . 
C 3 HOH 67  201 68  HOH HOH A . 
C 3 HOH 68  202 69  HOH HOH A . 
C 3 HOH 69  203 70  HOH HOH A . 
C 3 HOH 70  204 71  HOH HOH A . 
C 3 HOH 71  205 72  HOH HOH A . 
C 3 HOH 72  206 73  HOH HOH A . 
C 3 HOH 73  207 74  HOH HOH A . 
C 3 HOH 74  208 75  HOH HOH A . 
C 3 HOH 75  209 76  HOH HOH A . 
C 3 HOH 76  210 77  HOH HOH A . 
C 3 HOH 77  211 78  HOH HOH A . 
C 3 HOH 78  212 79  HOH HOH A . 
C 3 HOH 79  213 80  HOH HOH A . 
C 3 HOH 80  214 81  HOH HOH A . 
C 3 HOH 81  215 82  HOH HOH A . 
C 3 HOH 82  216 83  HOH HOH A . 
C 3 HOH 83  217 84  HOH HOH A . 
C 3 HOH 84  218 85  HOH HOH A . 
C 3 HOH 85  219 86  HOH HOH A . 
C 3 HOH 86  220 87  HOH HOH A . 
C 3 HOH 87  221 88  HOH HOH A . 
C 3 HOH 88  222 89  HOH HOH A . 
C 3 HOH 89  223 90  HOH HOH A . 
C 3 HOH 90  224 91  HOH HOH A . 
C 3 HOH 91  225 92  HOH HOH A . 
C 3 HOH 92  226 93  HOH HOH A . 
C 3 HOH 93  227 94  HOH HOH A . 
C 3 HOH 94  228 95  HOH HOH A . 
C 3 HOH 95  229 96  HOH HOH A . 
C 3 HOH 96  230 97  HOH HOH A . 
C 3 HOH 97  231 98  HOH HOH A . 
C 3 HOH 98  232 99  HOH HOH A . 
C 3 HOH 99  233 100 HOH HOH A . 
C 3 HOH 100 234 101 HOH HOH A . 
C 3 HOH 101 235 102 HOH HOH A . 
C 3 HOH 102 236 103 HOH HOH A . 
C 3 HOH 103 237 104 HOH HOH A . 
C 3 HOH 104 238 105 HOH HOH A . 
C 3 HOH 105 239 106 HOH HOH A . 
C 3 HOH 106 240 107 HOH HOH A . 
C 3 HOH 107 241 108 HOH HOH A . 
C 3 HOH 108 242 109 HOH HOH A . 
C 3 HOH 109 243 110 HOH HOH A . 
C 3 HOH 110 244 111 HOH HOH A . 
C 3 HOH 111 245 112 HOH HOH A . 
# 
loop_
_pdbx_struct_mod_residue.id 
_pdbx_struct_mod_residue.label_asym_id 
_pdbx_struct_mod_residue.label_comp_id 
_pdbx_struct_mod_residue.label_seq_id 
_pdbx_struct_mod_residue.auth_asym_id 
_pdbx_struct_mod_residue.auth_comp_id 
_pdbx_struct_mod_residue.auth_seq_id 
_pdbx_struct_mod_residue.PDB_ins_code 
_pdbx_struct_mod_residue.parent_comp_id 
_pdbx_struct_mod_residue.details 
1  A MLY 15  A MLY 14  ? LYS N-DIMETHYL-LYSINE 
2  A MLY 16  A MLY 15  ? LYS N-DIMETHYL-LYSINE 
3  A MLY 17  A MLY 16  ? LYS N-DIMETHYL-LYSINE 
4  A MSE 38  A MSE 37  ? MET SELENOMETHIONINE  
5  A MSE 45  A MSE 44  ? MET SELENOMETHIONINE  
6  A MSE 54  A MSE 53  ? MET SELENOMETHIONINE  
7  A MLY 56  A MLY 55  ? LYS N-DIMETHYL-LYSINE 
8  A MLY 59  A MLY 58  ? LYS N-DIMETHYL-LYSINE 
9  A MLY 63  A MLY 62  ? LYS N-DIMETHYL-LYSINE 
10 A MLY 64  A MLY 63  ? LYS N-DIMETHYL-LYSINE 
11 A MLY 71  A MLY 70  ? LYS N-DIMETHYL-LYSINE 
12 A MLY 72  A MLY 71  ? LYS N-DIMETHYL-LYSINE 
13 A MSE 83  A MSE 82  ? MET SELENOMETHIONINE  
14 A MLY 85  A MLY 84  ? LYS N-DIMETHYL-LYSINE 
15 A MLY 90  A MLY 89  ? LYS N-DIMETHYL-LYSINE 
16 A MSE 91  A MSE 90  ? MET SELENOMETHIONINE  
17 A CSX 94  A CSX 93  ? CYS 'S-OXY CYSTEINE'  
18 A MLY 99  A MLY 98  ? LYS N-DIMETHYL-LYSINE 
19 A MSE 101 A MSE 100 ? MET SELENOMETHIONINE  
20 A MSE 104 A MSE 103 ? MET SELENOMETHIONINE  
21 A MLY 105 A MLY 104 ? LYS N-DIMETHYL-LYSINE 
# 
_pdbx_struct_assembly.id                   1 
_pdbx_struct_assembly.details              author_and_software_defined_assembly 
_pdbx_struct_assembly.method_details       PISA 
_pdbx_struct_assembly.oligomeric_details   trimeric 
_pdbx_struct_assembly.oligomeric_count     3 
# 
_pdbx_struct_assembly_gen.assembly_id       1 
_pdbx_struct_assembly_gen.oper_expression   1,2,3 
_pdbx_struct_assembly_gen.asym_id_list      A,B,C 
# 
loop_
_pdbx_struct_assembly_prop.biol_id 
_pdbx_struct_assembly_prop.type 
_pdbx_struct_assembly_prop.value 
_pdbx_struct_assembly_prop.details 
1 'ABSA (A^2)' 5660  ? 
1 MORE         -112  ? 
1 'SSA (A^2)'  14930 ? 
# 
loop_
_pdbx_struct_oper_list.id 
_pdbx_struct_oper_list.type 
_pdbx_struct_oper_list.name 
_pdbx_struct_oper_list.symmetry_operation 
_pdbx_struct_oper_list.matrix[1][1] 
_pdbx_struct_oper_list.matrix[1][2] 
_pdbx_struct_oper_list.matrix[1][3] 
_pdbx_struct_oper_list.vector[1] 
_pdbx_struct_oper_list.matrix[2][1] 
_pdbx_struct_oper_list.matrix[2][2] 
_pdbx_struct_oper_list.matrix[2][3] 
_pdbx_struct_oper_list.vector[2] 
_pdbx_struct_oper_list.matrix[3][1] 
_pdbx_struct_oper_list.matrix[3][2] 
_pdbx_struct_oper_list.matrix[3][3] 
_pdbx_struct_oper_list.vector[3] 
1 'identity operation'         1_555 x,y,z     1.0000000000 0.0000000000 0.0000000000  0.0000000000   0.0000000000 1.0000000000 0.0000000000  0.0000000000  0.0000000000  0.0000000000  1.0000000000  0.0000000000   
2 'crystal symmetry operation' 2_555 -y,x-y,z  0.2627445575 0.9313745467 0.2520054588  -0.7781255723  0.4402848359 0.1166708905 -0.8902455653 -9.5513279260 -0.8585537611 0.3448613592  -0.3794154480 -23.5565586469 
3 'crystal symmetry operation' 3_555 -x+y,-x,z 0.2627445575 0.4402848359 -0.8585537611 -15.8148189181 0.9313745467 0.1166708905 0.3448613592  9.9628351198  0.2520054588  -0.8902455653 -0.3794154480 -17.2446576888 
# 
loop_
_pdbx_struct_special_symmetry.id 
_pdbx_struct_special_symmetry.PDB_model_num 
_pdbx_struct_special_symmetry.auth_asym_id 
_pdbx_struct_special_symmetry.auth_comp_id 
_pdbx_struct_special_symmetry.auth_seq_id 
_pdbx_struct_special_symmetry.PDB_ins_code 
_pdbx_struct_special_symmetry.label_asym_id 
_pdbx_struct_special_symmetry.label_comp_id 
_pdbx_struct_special_symmetry.label_seq_id 
1 1 A HOH 224 ? C HOH . 
2 1 A HOH 227 ? C HOH . 
# 
loop_
_pdbx_audit_revision_history.ordinal 
_pdbx_audit_revision_history.data_content_type 
_pdbx_audit_revision_history.major_revision 
_pdbx_audit_revision_history.minor_revision 
_pdbx_audit_revision_history.revision_date 
1 'Structure model' 1 0 2010-05-19 
2 'Structure model' 1 1 2011-07-13 
3 'Structure model' 1 2 2017-11-08 
4 'Structure model' 1 3 2019-07-17 
5 'Structure model' 1 4 2023-02-01 
# 
_pdbx_audit_revision_details.ordinal             1 
_pdbx_audit_revision_details.revision_ordinal    1 
_pdbx_audit_revision_details.data_content_type   'Structure model' 
_pdbx_audit_revision_details.provider            repository 
_pdbx_audit_revision_details.type                'Initial release' 
_pdbx_audit_revision_details.description         ? 
_pdbx_audit_revision_details.details             ? 
# 
loop_
_pdbx_audit_revision_group.ordinal 
_pdbx_audit_revision_group.revision_ordinal 
_pdbx_audit_revision_group.data_content_type 
_pdbx_audit_revision_group.group 
1 2 'Structure model' Advisory                    
2 2 'Structure model' 'Version format compliance' 
3 3 'Structure model' 'Refinement description'    
4 4 'Structure model' 'Data collection'           
5 4 'Structure model' 'Derived calculations'      
6 4 'Structure model' 'Refinement description'    
7 5 'Structure model' 'Database references'       
8 5 'Structure model' 'Derived calculations'      
# 
loop_
_pdbx_audit_revision_category.ordinal 
_pdbx_audit_revision_category.revision_ordinal 
_pdbx_audit_revision_category.data_content_type 
_pdbx_audit_revision_category.category 
1 3 'Structure model' software                     
2 4 'Structure model' pdbx_struct_special_symmetry 
3 4 'Structure model' software                     
4 4 'Structure model' struct_conn                  
5 5 'Structure model' database_2                   
6 5 'Structure model' struct_ref_seq_dif           
7 5 'Structure model' struct_site                  
# 
loop_
_pdbx_audit_revision_item.ordinal 
_pdbx_audit_revision_item.revision_ordinal 
_pdbx_audit_revision_item.data_content_type 
_pdbx_audit_revision_item.item 
1  3 'Structure model' '_software.classification'            
2  3 'Structure model' '_software.name'                      
3  4 'Structure model' '_software.classification'            
4  4 'Structure model' '_software.contact_author'            
5  4 'Structure model' '_software.contact_author_email'      
6  4 'Structure model' '_software.language'                  
7  4 'Structure model' '_software.location'                  
8  4 'Structure model' '_software.name'                      
9  4 'Structure model' '_software.type'                      
10 4 'Structure model' '_software.version'                   
11 4 'Structure model' '_struct_conn.pdbx_leaving_atom_flag' 
12 5 'Structure model' '_database_2.pdbx_DOI'                
13 5 'Structure model' '_database_2.pdbx_database_accession' 
14 5 'Structure model' '_struct_ref_seq_dif.details'         
15 5 'Structure model' '_struct_site.pdbx_auth_asym_id'      
16 5 'Structure model' '_struct_site.pdbx_auth_comp_id'      
17 5 'Structure model' '_struct_site.pdbx_auth_seq_id'       
# 
_pdbx_refine_tls.pdbx_refine_id   'X-RAY DIFFRACTION' 
_pdbx_refine_tls.id               1 
_pdbx_refine_tls.details          ? 
_pdbx_refine_tls.method           refined 
_pdbx_refine_tls.origin_x         0.4149 
_pdbx_refine_tls.origin_y         0.3098 
_pdbx_refine_tls.origin_z         -0.1169 
_pdbx_refine_tls.T[1][1]          0.0527 
_pdbx_refine_tls.T[2][2]          0.0554 
_pdbx_refine_tls.T[3][3]          0.0511 
_pdbx_refine_tls.T[1][2]          -0.0278 
_pdbx_refine_tls.T[1][3]          -0.0089 
_pdbx_refine_tls.T[2][3]          0.0073 
_pdbx_refine_tls.L[1][1]          1.1998 
_pdbx_refine_tls.L[2][2]          1.3330 
_pdbx_refine_tls.L[3][3]          0.7075 
_pdbx_refine_tls.L[1][2]          0.5846 
_pdbx_refine_tls.L[1][3]          0.3718 
_pdbx_refine_tls.L[2][3]          0.3703 
_pdbx_refine_tls.S[1][1]          0.0239 
_pdbx_refine_tls.S[2][2]          0.0203 
_pdbx_refine_tls.S[3][3]          -0.0443 
_pdbx_refine_tls.S[1][2]          -0.0924 
_pdbx_refine_tls.S[1][3]          0.0073 
_pdbx_refine_tls.S[2][3]          -0.0940 
_pdbx_refine_tls.S[2][1]          0.1327 
_pdbx_refine_tls.S[3][1]          0.0045 
_pdbx_refine_tls.S[3][2]          0.0396 
# 
_pdbx_refine_tls_group.pdbx_refine_id      'X-RAY DIFFRACTION' 
_pdbx_refine_tls_group.id                  1 
_pdbx_refine_tls_group.refine_tls_id       1 
_pdbx_refine_tls_group.beg_auth_asym_id    A 
_pdbx_refine_tls_group.beg_auth_seq_id     13 
_pdbx_refine_tls_group.end_auth_asym_id    A 
_pdbx_refine_tls_group.end_auth_seq_id     133 
_pdbx_refine_tls_group.selection_details   ? 
_pdbx_refine_tls_group.beg_label_asym_id   . 
_pdbx_refine_tls_group.beg_label_seq_id    . 
_pdbx_refine_tls_group.end_label_asym_id   . 
_pdbx_refine_tls_group.end_label_seq_id    . 
_pdbx_refine_tls_group.selection           ? 
# 
_phasing.method   MAD 
# 
loop_
_software.name 
_software.version 
_software.date 
_software.type 
_software.contact_author 
_software.contact_author_email 
_software.classification 
_software.location 
_software.language 
_software.citation_id 
_software.pdbx_ordinal 
REFMAC      5.5.0102 ?               program 'Garib N. Murshudov'         garib@ysbl.york.ac.uk                refinement        
http://www.ccp4.ac.uk/dist/html/refmac5.html                                Fortran_77 ? 1 
PHENIX      .        ?               package 'P.D. Adams'                 PDAdams@lbl.gov                      refinement        
http://www.phenix-online.org/                                               C++        ? 2 
SHELX       .        ?               package 'George M. Sheldrick'        gsheldr@shelx.uni-ac.gwdg.de         phasing           
http://shelx.uni-ac.gwdg.de/SHELX/                                          Fortran_77 ? 3 
MolProbity  3beta29  ?               package 'D.C. & J.S. Richardson lab' molprobity@kinemage.biochem.duke.edu 'model building'  
http://kinemage.biochem.duke.edu/molprobity/                                ?          ? 4 
XSCALE      .        ?               package 'Wolfgang Kabsch'            ?                                    'data scaling'    
http://www.mpimf-heidelberg.mpg.de/~kabsch/xds/html_doc/xscale_program.html ?          ? 5 
PDB_EXTRACT 3.006    'June 11, 2008' package PDB                          help@deposit.rcsb.org                'data extraction' 
http://sw-tools.pdb.org/apps/PDB_EXTRACT/                                   C++        ? 6 
XDS         .        ?               ?       ?                            ?                                    'data reduction'  ? 
?          ? 7 
SHELXD      .        ?               ?       ?                            ?                                    phasing           ? 
?          ? 8 
autoSHARP   .        ?               ?       ?                            ?                                    phasing           ? 
?          ? 9 
# 
_pdbx_entry_details.entry_id                 3MC3 
_pdbx_entry_details.compound_details         ? 
_pdbx_entry_details.source_details           ? 
_pdbx_entry_details.nonpolymer_details       ? 
_pdbx_entry_details.sequence_details         
;1. THIS CONSTRUCT WAS EXPRESSED WITH AN N-TERMINAL PURIFICATION TAG MGSDKIHHHHHHENLYFQG. THE TAG WAS REMOVED WITH TEV PROTEASE LEAVING ONLY A GLYCINE (0) FOLLOWED BY THE TARGET SEQUENCE. 2. THE PROTEIN WAS REDUCTIVELY METHYLATED PRIOR TO CRYSTALLIZATION.
;
_pdbx_entry_details.has_ligand_of_interest   ? 
# 
_pdbx_validate_close_contact.id               1 
_pdbx_validate_close_contact.PDB_model_num    1 
_pdbx_validate_close_contact.auth_atom_id_1   OG 
_pdbx_validate_close_contact.auth_asym_id_1   A 
_pdbx_validate_close_contact.auth_comp_id_1   SER 
_pdbx_validate_close_contact.auth_seq_id_1    96 
_pdbx_validate_close_contact.PDB_ins_code_1   ? 
_pdbx_validate_close_contact.label_alt_id_1   ? 
_pdbx_validate_close_contact.auth_atom_id_2   CE 
_pdbx_validate_close_contact.auth_asym_id_2   A 
_pdbx_validate_close_contact.auth_comp_id_2   MSE 
_pdbx_validate_close_contact.auth_seq_id_2    100 
_pdbx_validate_close_contact.PDB_ins_code_2   ? 
_pdbx_validate_close_contact.label_alt_id_2   B 
_pdbx_validate_close_contact.dist             1.79 
# 
_pdbx_validate_torsion.id              1 
_pdbx_validate_torsion.PDB_model_num   1 
_pdbx_validate_torsion.auth_comp_id    ILE 
_pdbx_validate_torsion.auth_asym_id    A 
_pdbx_validate_torsion.auth_seq_id     54 
_pdbx_validate_torsion.PDB_ins_code    ? 
_pdbx_validate_torsion.label_alt_id    ? 
_pdbx_validate_torsion.phi             57.17 
_pdbx_validate_torsion.psi             -109.98 
# 
loop_
_pdbx_unobs_or_zero_occ_atoms.id 
_pdbx_unobs_or_zero_occ_atoms.PDB_model_num 
_pdbx_unobs_or_zero_occ_atoms.polymer_flag 
_pdbx_unobs_or_zero_occ_atoms.occupancy_flag 
_pdbx_unobs_or_zero_occ_atoms.auth_asym_id 
_pdbx_unobs_or_zero_occ_atoms.auth_comp_id 
_pdbx_unobs_or_zero_occ_atoms.auth_seq_id 
_pdbx_unobs_or_zero_occ_atoms.PDB_ins_code 
_pdbx_unobs_or_zero_occ_atoms.auth_atom_id 
_pdbx_unobs_or_zero_occ_atoms.label_alt_id 
_pdbx_unobs_or_zero_occ_atoms.label_asym_id 
_pdbx_unobs_or_zero_occ_atoms.label_comp_id 
_pdbx_unobs_or_zero_occ_atoms.label_seq_id 
_pdbx_unobs_or_zero_occ_atoms.label_atom_id 
1  1 Y 1 A GLN 13  ? CG  ? A GLN 14  CG  
2  1 Y 1 A GLN 13  ? CD  ? A GLN 14  CD  
3  1 Y 1 A GLN 13  ? OE1 ? A GLN 14  OE1 
4  1 Y 1 A GLN 13  ? NE2 ? A GLN 14  NE2 
5  1 Y 1 A MLY 14  ? CD  ? A MLY 15  CD  
6  1 Y 1 A MLY 14  ? CE  ? A MLY 15  CE  
7  1 Y 1 A MLY 14  ? NZ  ? A MLY 15  NZ  
8  1 Y 1 A MLY 14  ? CH1 ? A MLY 15  CH1 
9  1 Y 1 A MLY 14  ? CH2 ? A MLY 15  CH2 
10 1 Y 1 A MLY 55  ? CH1 ? A MLY 56  CH1 
11 1 Y 1 A MLY 55  ? CH2 ? A MLY 56  CH2 
12 1 Y 1 A MLY 58  ? CE  ? A MLY 59  CE  
13 1 Y 1 A MLY 58  ? NZ  ? A MLY 59  NZ  
14 1 Y 1 A MLY 58  ? CH1 ? A MLY 59  CH1 
15 1 Y 1 A MLY 58  ? CH2 ? A MLY 59  CH2 
16 1 Y 1 A MLY 84  ? CH1 ? A MLY 85  CH1 
17 1 Y 1 A MLY 84  ? CH2 ? A MLY 85  CH2 
18 1 Y 1 A MLY 89  ? NZ  ? A MLY 90  NZ  
19 1 Y 1 A MLY 89  ? CH1 ? A MLY 90  CH1 
20 1 Y 1 A MLY 89  ? CH2 ? A MLY 90  CH2 
21 1 Y 1 A MLY 104 ? NZ  ? A MLY 105 NZ  
22 1 Y 1 A MLY 104 ? CH1 ? A MLY 105 CH1 
23 1 Y 1 A MLY 104 ? CH2 ? A MLY 105 CH2 
# 
loop_
_pdbx_unobs_or_zero_occ_residues.id 
_pdbx_unobs_or_zero_occ_residues.PDB_model_num 
_pdbx_unobs_or_zero_occ_residues.polymer_flag 
_pdbx_unobs_or_zero_occ_residues.occupancy_flag 
_pdbx_unobs_or_zero_occ_residues.auth_asym_id 
_pdbx_unobs_or_zero_occ_residues.auth_comp_id 
_pdbx_unobs_or_zero_occ_residues.auth_seq_id 
_pdbx_unobs_or_zero_occ_residues.PDB_ins_code 
_pdbx_unobs_or_zero_occ_residues.label_asym_id 
_pdbx_unobs_or_zero_occ_residues.label_comp_id 
_pdbx_unobs_or_zero_occ_residues.label_seq_id 
1  1 Y 1 A GLY 0  ? A GLY 1  
2  1 Y 1 A MSE 1  ? A MSE 2  
3  1 Y 1 A ALA 2  ? A ALA 3  
4  1 Y 1 A GLN 3  ? A GLN 4  
5  1 Y 1 A ALA 4  ? A ALA 5  
6  1 Y 1 A GLN 5  ? A GLN 6  
7  1 Y 1 A THR 6  ? A THR 7  
8  1 Y 1 A GLN 7  ? A GLN 8  
9  1 Y 1 A GLY 8  ? A GLY 9  
10 1 Y 1 A GLN 9  ? A GLN 10 
11 1 Y 1 A GLU 10 ? A GLU 11 
12 1 Y 1 A GLU 11 ? A GLU 12 
13 1 Y 1 A GLU 12 ? A GLU 13 
# 
loop_
_pdbx_entity_nonpoly.entity_id 
_pdbx_entity_nonpoly.name 
_pdbx_entity_nonpoly.comp_id 
2 'CHLORIDE ION' CL  
3 water          HOH 
# 
loop_
_pdbx_reflns_twin.domain_id 
_pdbx_reflns_twin.crystal_id 
_pdbx_reflns_twin.diffrn_id 
_pdbx_reflns_twin.fraction 
_pdbx_reflns_twin.operator 
_pdbx_reflns_twin.type 
_pdbx_reflns_twin.mean_F_square_over_mean_F2 
_pdbx_reflns_twin.mean_I2_over_mean_I_square 
1 1 1 0.772 'H,  K,  L' ? ? ? 
2 1 1 0.228 'K,  H, -L' ? ? ? 
# 
